data_7TYX
#
_entry.id   7TYX
#
_cell.length_a   1.00
_cell.length_b   1.00
_cell.length_c   1.00
_cell.angle_alpha   90.00
_cell.angle_beta   90.00
_cell.angle_gamma   90.00
#
_symmetry.space_group_name_H-M   'P 1'
#
loop_
_entity.id
_entity.type
_entity.pdbx_description
1 polymer 'Receptor activity-modifying protein 2'
2 polymer 'amylin peptide'
3 polymer 'Calcitonin receptor'
4 polymer 'Guanine nucleotide-binding protein G(s) subunit alpha isoforms short'
5 polymer 'Guanine nucleotide-binding protein G(I)/G(S)/G(T) subunit beta-1'
6 polymer 'Guanine nucleotide-binding protein G(I)/G(S)/G(O) subunit gamma-2'
7 polymer 'nanobody 35'
8 non-polymer 'PALMITIC ACID'
9 non-polymer 2-acetamido-2-deoxy-beta-D-glucopyranose
10 non-polymer 'CHOLESTEROL HEMISUCCINATE'
#
loop_
_entity_poly.entity_id
_entity_poly.type
_entity_poly.pdbx_seq_one_letter_code
_entity_poly.pdbx_strand_id
1 'polypeptide(L)'
;MKTIIALSYIFCLVFADYKDDDDKPLPTTGTPGSEGGTVKNYETAVQFCWNHYKDQMDPIEKDWCDWAMISRPYSTLRDC
LEHFAELFDLGFPNPLAERIIFETHQIHFANCSLVQPTFSDPPEDVLLAMIIAPICLIPFLITLVVWRSKDSEAQA
;
E
2 'polypeptide(L)' KCNTATCATQRLANFLVRSSNNLGPVLPPTNVGSNTY(NH2) P
3 'polypeptide(L)'
;MKTIIALSYIFCLVFADYKDDDDLEVLFQGPAAFSNQTYPTIEPKPFLYVVGRKKMMDAQYKCYDRMQQLPAYQGEGPYC
NRTWDGWLCWDDTPAGVLSYQFCPDYFPDFDPSEKVTKYCDEKGVWFKHPENNRTWSNYTMCNAFTPEKLKNAYVLYYLA
IVGHSLSIFTLVISLGIFVFFRSLGCQRVTLHKNMFLTYILNSMIIIIHLVEVVPNGELVRRDPVSCKILHFFHQYMMAC
NYFWMLCEGIYLHTLIVVAVFTEKQRLRWYYLLGWGFPLVPTTIHAITRAVYFNDNCWLSVETHLLYIIHGPVMAALVVN
FFFLLNIVRVLVTKMRETHEAESHMYLKAVKATMILVPLLGIQFVVFPWRPSNKMLGKIYDYVMHSLIHFQGFFVATIYC
FCNNEVQTTVKRQWAQFKIQWNQRWGRRPSNRSARAAAAAAEAGDIPIYICHQELRNEPANNQGEESAEIIPLNIIEQES
SAPAGLEVLFQGPHHHHHHHH
;
R
4 'polypeptide(L)'
;MGCLGNSKTEDQRNEEKAQREANKKIEKQLQKDKQVYRATHRLLLLGAGESGKNTIVKQMRILHVNGFNGEGGEEDPQAA
RSNSDGEKATKVQDIKNNLKEAIETIVAAMSNLVPPVELANPENQFRVDYILSVMNVPDFDFPPEFYEHAKALWEDEGVR
ACYERSNEYQLIDCAQYFLDKIDVIKQADYVPSDQDLLRCRVLTSGIFETKFQVDKVNFHMFDVGAQRDERRKWIQCFND
VTAIIFVVASSSYNMVIREDNQTNRLQAALKLFDSIWNNKWLRDTSVILFLNKQDLLAEKVLAGKSKIEDYFPEFARYTT
PEDATPEPGEDPRVTRAKYFIRDEFLRISTASGDGRHYCYPHFTCAVDTENIRRVFNDCRDIIQRMHLRQYELL
;
A
5 'polypeptide(L)'
;MHHHHHHGSSGSELDQLRQEAEQLKNQIRDARKACADATLSQITNNIDPVGRIQMRTRRTLRGHLAKIYAMHWGTDSRLL
VSASQDGKLIIWDSYTTNKVHAIPLRSSWVMTCAYAPSGNYVACGGLDNICSIYNLKTREGNVRVSRELAGHTGYLSCCR
FLDDNQIVTSSGDTTCALWDIETGQQTTTFTGHTGDVMSLSLAPDTRLFVSGACDASAKLWDVREGMCRQTFTGHESDIN
AICFFPNGNAFATGSDDATCRLFDLRADQELMTYSHDNIICGITSVSFSKSGRLLLAGYDDFNCNVWDALKADRAGVLAG
HDNRVSCLGVTDDGMAVATGSWDSFLKIWN
;
B
6 'polypeptide(L)' MASNNTASIAQARKLVEQLKMEANIDRIKVSKAAADLMAYCEAHAKEDPLLTPVPASENPFREKKFFCAIL G
7 'polypeptide(L)'
;QVQLQESGGGLVQPGGSLRLSCAASGFTFSNYKMNWVRQAPGKGLEWVSDISQSGASISYTGSVKGRFTISRDNAKNTLY
LQMNSLKPEDTAVYYCARCPAPFTRDCFDVTSTTYAYRGQGTQVTVSSHHHHHHEPEA
;
N
#
loop_
_chem_comp.id
_chem_comp.type
_chem_comp.name
_chem_comp.formula
NAG D-saccharide, beta linking 2-acetamido-2-deoxy-beta-D-glucopyranose 'C8 H15 N O6'
NH2 non-polymer 'AMINO GROUP' 'H2 N'
PLM non-polymer 'PALMITIC ACID' 'C16 H32 O2'
Y01 non-polymer 'CHOLESTEROL HEMISUCCINATE' 'C31 H50 O4'
#
# COMPACT_ATOMS: atom_id res chain seq x y z
N ASN A 41 -5.32 -62.03 67.55
CA ASN A 41 -4.51 -60.83 67.65
C ASN A 41 -4.07 -60.34 66.27
N TYR A 42 -3.51 -59.14 66.22
CA TYR A 42 -3.02 -58.62 64.95
C TYR A 42 -1.75 -59.34 64.50
N GLU A 43 -1.03 -59.96 65.45
CA GLU A 43 0.13 -60.75 65.08
C GLU A 43 -0.27 -61.96 64.24
N THR A 44 -1.43 -62.54 64.53
CA THR A 44 -1.92 -63.65 63.71
C THR A 44 -2.35 -63.18 62.32
N ALA A 45 -2.66 -61.89 62.18
CA ALA A 45 -3.04 -61.37 60.87
C ALA A 45 -1.81 -61.12 60.00
N VAL A 46 -0.75 -60.56 60.58
CA VAL A 46 0.45 -60.29 59.80
C VAL A 46 1.25 -61.56 59.55
N GLN A 47 1.20 -62.52 60.48
CA GLN A 47 1.93 -63.77 60.28
C GLN A 47 1.29 -64.61 59.19
N PHE A 48 -0.02 -64.45 58.96
CA PHE A 48 -0.69 -65.22 57.92
C PHE A 48 -0.26 -64.76 56.53
N CYS A 49 -0.49 -63.48 56.22
CA CYS A 49 -0.22 -62.99 54.88
C CYS A 49 1.27 -62.82 54.61
N TRP A 50 2.11 -62.75 55.64
CA TRP A 50 3.55 -62.83 55.41
C TRP A 50 3.94 -64.18 54.84
N ASN A 51 3.32 -65.25 55.34
CA ASN A 51 3.55 -66.58 54.76
C ASN A 51 3.01 -66.66 53.34
N HIS A 52 1.89 -65.99 53.07
CA HIS A 52 1.36 -65.94 51.71
C HIS A 52 2.30 -65.18 50.80
N TYR A 53 2.92 -64.11 51.29
CA TYR A 53 3.91 -63.40 50.49
C TYR A 53 5.20 -64.20 50.35
N LYS A 54 5.55 -64.98 51.36
CA LYS A 54 6.73 -65.84 51.25
C LYS A 54 6.53 -66.92 50.21
N ASP A 55 5.41 -67.65 50.31
CA ASP A 55 5.14 -68.74 49.37
C ASP A 55 5.04 -68.23 47.94
N GLN A 56 4.60 -66.98 47.75
CA GLN A 56 4.49 -66.44 46.40
C GLN A 56 5.86 -66.06 45.84
N MET A 57 6.77 -65.61 46.71
CA MET A 57 8.08 -65.13 46.28
C MET A 57 9.21 -66.08 46.65
N ASP A 58 8.91 -67.26 47.21
CA ASP A 58 9.97 -68.21 47.53
C ASP A 58 10.50 -68.93 46.29
N PRO A 59 9.67 -69.49 45.40
CA PRO A 59 10.25 -70.22 44.26
C PRO A 59 11.00 -69.33 43.29
N ILE A 60 10.46 -68.16 42.96
CA ILE A 60 11.08 -67.28 41.96
C ILE A 60 12.09 -66.43 42.72
N GLU A 61 13.28 -66.98 42.92
CA GLU A 61 14.34 -66.30 43.65
C GLU A 61 15.19 -65.43 42.73
N LYS A 62 15.43 -65.87 41.50
CA LYS A 62 16.18 -65.06 40.55
C LYS A 62 15.44 -63.77 40.19
N ASP A 63 14.11 -63.81 40.24
CA ASP A 63 13.29 -62.65 39.94
C ASP A 63 13.08 -61.73 41.14
N TRP A 64 13.81 -61.94 42.23
CA TRP A 64 13.60 -61.13 43.43
C TRP A 64 13.89 -59.65 43.16
N CYS A 65 14.87 -59.37 42.31
CA CYS A 65 15.31 -58.00 42.10
C CYS A 65 14.64 -57.32 40.91
N ASP A 66 14.22 -58.08 39.90
CA ASP A 66 13.49 -57.50 38.79
C ASP A 66 12.10 -57.08 39.27
N TRP A 67 11.86 -55.78 39.34
CA TRP A 67 10.61 -55.28 39.91
C TRP A 67 9.41 -55.63 39.05
N ALA A 68 9.60 -55.77 37.73
CA ALA A 68 8.50 -56.16 36.86
C ALA A 68 7.98 -57.55 37.20
N MET A 69 8.81 -58.38 37.83
CA MET A 69 8.40 -59.75 38.14
C MET A 69 7.73 -59.85 39.50
N ILE A 70 8.29 -59.18 40.51
CA ILE A 70 7.80 -59.33 41.88
C ILE A 70 6.89 -58.17 42.30
N SER A 71 6.39 -57.39 41.34
CA SER A 71 5.48 -56.30 41.69
C SER A 71 4.14 -56.84 42.16
N ARG A 72 3.71 -57.98 41.63
CA ARG A 72 2.42 -58.56 41.97
C ARG A 72 2.40 -59.12 43.38
N PRO A 73 3.44 -59.84 43.84
CA PRO A 73 3.44 -60.27 45.25
C PRO A 73 3.67 -59.11 46.22
N TYR A 74 4.38 -58.07 45.80
CA TYR A 74 4.63 -56.94 46.69
C TYR A 74 3.35 -56.16 46.96
N SER A 75 2.56 -55.91 45.92
CA SER A 75 1.27 -55.26 46.13
C SER A 75 0.31 -56.16 46.87
N THR A 76 0.55 -57.48 46.85
CA THR A 76 -0.30 -58.40 47.59
C THR A 76 -0.03 -58.32 49.09
N LEU A 77 1.21 -58.07 49.48
CA LEU A 77 1.53 -57.94 50.90
C LEU A 77 0.96 -56.65 51.47
N ARG A 78 0.99 -55.57 50.70
CA ARG A 78 0.45 -54.30 51.17
C ARG A 78 -1.05 -54.39 51.41
N ASP A 79 -1.77 -55.07 50.51
CA ASP A 79 -3.21 -55.21 50.66
C ASP A 79 -3.58 -55.88 51.98
N CYS A 80 -2.93 -57.01 52.29
CA CYS A 80 -3.22 -57.72 53.52
C CYS A 80 -3.01 -56.85 54.74
N LEU A 81 -1.98 -56.02 54.72
CA LEU A 81 -1.63 -55.23 55.90
C LEU A 81 -2.68 -54.16 56.19
N GLU A 82 -3.04 -53.36 55.19
CA GLU A 82 -4.00 -52.30 55.40
C GLU A 82 -5.42 -52.83 55.56
N HIS A 83 -5.71 -54.00 54.99
CA HIS A 83 -7.05 -54.57 55.13
C HIS A 83 -7.27 -55.13 56.52
N PHE A 84 -6.29 -55.89 57.04
CA PHE A 84 -6.44 -56.48 58.36
C PHE A 84 -6.30 -55.44 59.45
N ALA A 85 -5.54 -54.37 59.20
CA ALA A 85 -5.45 -53.28 60.18
C ALA A 85 -6.76 -52.51 60.25
N GLU A 86 -7.35 -52.21 59.09
CA GLU A 86 -8.64 -51.54 59.08
C GLU A 86 -9.74 -52.45 59.63
N LEU A 87 -9.60 -53.76 59.46
CA LEU A 87 -10.58 -54.69 60.02
C LEU A 87 -10.57 -54.64 61.54
N PHE A 88 -9.39 -54.65 62.14
CA PHE A 88 -9.26 -54.52 63.59
C PHE A 88 -9.27 -53.06 64.04
N ASP A 89 -9.41 -52.11 63.12
CA ASP A 89 -9.45 -50.68 63.41
C ASP A 89 -8.13 -50.17 63.99
N LEU A 90 -7.02 -50.85 63.71
CA LEU A 90 -5.73 -50.40 64.21
C LEU A 90 -5.22 -49.19 63.44
N GLY A 91 -5.42 -49.17 62.13
CA GLY A 91 -4.97 -48.09 61.30
C GLY A 91 -3.71 -48.44 60.52
N PHE A 92 -3.49 -47.69 59.44
CA PHE A 92 -2.37 -47.94 58.54
C PHE A 92 -1.76 -46.62 58.11
N PRO A 93 -0.41 -46.51 58.11
CA PRO A 93 0.52 -47.56 58.52
C PRO A 93 0.71 -47.66 60.03
N ASN A 94 0.86 -48.89 60.52
CA ASN A 94 1.04 -49.17 61.94
C ASN A 94 2.43 -49.73 62.18
N PRO A 95 2.93 -49.69 63.42
CA PRO A 95 4.28 -50.22 63.67
C PRO A 95 4.43 -51.68 63.35
N LEU A 96 3.38 -52.49 63.56
CA LEU A 96 3.46 -53.90 63.22
C LEU A 96 3.52 -54.13 61.71
N ALA A 97 2.88 -53.25 60.94
CA ALA A 97 2.91 -53.40 59.49
C ALA A 97 4.27 -52.99 58.93
N GLU A 98 4.82 -51.87 59.41
CA GLU A 98 6.11 -51.42 58.94
C GLU A 98 7.26 -52.32 59.41
N ARG A 99 7.00 -53.19 60.40
CA ARG A 99 8.05 -54.08 60.87
C ARG A 99 8.33 -55.19 59.87
N ILE A 100 7.29 -55.76 59.27
CA ILE A 100 7.50 -56.88 58.35
C ILE A 100 7.80 -56.38 56.94
N ILE A 101 7.37 -55.16 56.58
CA ILE A 101 7.77 -54.60 55.29
C ILE A 101 9.28 -54.39 55.27
N PHE A 102 9.87 -54.06 56.41
CA PHE A 102 11.32 -53.99 56.51
C PHE A 102 11.98 -55.37 56.54
N GLU A 103 11.21 -56.42 56.82
CA GLU A 103 11.75 -57.77 56.75
C GLU A 103 11.87 -58.23 55.30
N THR A 104 10.95 -57.80 54.44
CA THR A 104 11.06 -58.12 53.01
C THR A 104 12.24 -57.38 52.39
N HIS A 105 12.42 -56.10 52.74
CA HIS A 105 13.52 -55.33 52.18
C HIS A 105 14.86 -55.72 52.79
N GLN A 106 14.86 -56.46 53.90
CA GLN A 106 16.12 -56.88 54.51
C GLN A 106 16.57 -58.24 54.00
N ILE A 107 15.62 -59.12 53.70
CA ILE A 107 15.93 -60.49 53.27
C ILE A 107 15.81 -60.65 51.77
N HIS A 108 14.65 -60.29 51.20
CA HIS A 108 14.39 -60.59 49.79
C HIS A 108 15.23 -59.73 48.86
N PHE A 109 15.49 -58.48 49.23
CA PHE A 109 16.19 -57.53 48.38
C PHE A 109 17.62 -57.40 48.86
N ALA A 110 18.58 -57.87 48.06
CA ALA A 110 19.99 -57.91 48.42
C ALA A 110 20.81 -57.19 47.35
N ASN A 111 21.34 -56.02 47.71
CA ASN A 111 22.33 -55.30 46.89
C ASN A 111 21.81 -54.98 45.49
N CYS A 112 20.51 -54.75 45.35
CA CYS A 112 19.89 -54.50 44.07
C CYS A 112 19.36 -53.07 44.01
N SER A 113 19.59 -52.40 42.89
CA SER A 113 19.16 -51.02 42.70
C SER A 113 18.74 -50.83 41.26
N LEU A 114 17.94 -49.79 41.02
CA LEU A 114 17.51 -49.41 39.68
C LEU A 114 18.35 -48.25 39.18
N VAL A 115 18.82 -48.35 37.94
CA VAL A 115 19.68 -47.31 37.38
C VAL A 115 18.95 -45.98 37.31
N GLN A 116 17.77 -45.98 36.69
CA GLN A 116 16.96 -44.77 36.57
C GLN A 116 15.55 -45.16 36.17
N PRO A 117 14.54 -44.44 36.64
CA PRO A 117 13.17 -44.72 36.20
C PRO A 117 12.90 -44.17 34.81
N THR A 118 12.03 -44.85 34.09
CA THR A 118 11.65 -44.40 32.76
C THR A 118 10.90 -43.08 32.84
N PHE A 119 10.78 -42.42 31.68
CA PHE A 119 10.20 -41.08 31.59
C PHE A 119 10.99 -40.09 32.46
N SER A 120 12.29 -40.00 32.16
CA SER A 120 13.19 -39.12 32.89
C SER A 120 13.96 -38.26 31.89
N ASP A 121 14.19 -37.00 32.27
CA ASP A 121 14.94 -36.09 31.44
C ASP A 121 16.42 -36.48 31.40
N PRO A 122 17.14 -36.11 30.35
CA PRO A 122 18.57 -36.43 30.28
C PRO A 122 19.35 -35.67 31.34
N PRO A 123 20.61 -36.02 31.56
CA PRO A 123 21.45 -35.18 32.43
C PRO A 123 21.46 -33.75 31.94
N GLU A 124 21.30 -32.81 32.87
CA GLU A 124 21.07 -31.42 32.49
C GLU A 124 22.28 -30.80 31.80
N ASP A 125 23.42 -31.48 31.78
CA ASP A 125 24.56 -30.96 31.02
C ASP A 125 24.34 -31.12 29.52
N VAL A 126 23.77 -32.24 29.09
CA VAL A 126 23.43 -32.41 27.68
C VAL A 126 22.05 -31.87 27.37
N LEU A 127 21.22 -31.63 28.38
CA LEU A 127 19.89 -31.07 28.13
C LEU A 127 19.98 -29.66 27.59
N LEU A 128 20.84 -28.83 28.18
CA LEU A 128 21.02 -27.48 27.68
C LEU A 128 21.74 -27.45 26.34
N ALA A 129 22.63 -28.42 26.10
CA ALA A 129 23.32 -28.48 24.81
C ALA A 129 22.34 -28.72 23.68
N MET A 130 21.26 -29.44 23.96
CA MET A 130 20.23 -29.69 22.94
C MET A 130 19.25 -28.53 22.81
N ILE A 131 19.22 -27.62 23.78
CA ILE A 131 18.35 -26.45 23.72
C ILE A 131 19.07 -25.26 23.11
N ILE A 132 20.33 -25.04 23.50
CA ILE A 132 21.06 -23.88 23.02
C ILE A 132 21.50 -24.06 21.57
N ALA A 133 21.76 -25.30 21.14
CA ALA A 133 22.25 -25.53 19.79
C ALA A 133 21.29 -25.02 18.71
N PRO A 134 19.98 -25.28 18.76
CA PRO A 134 19.11 -24.66 17.75
C PRO A 134 18.98 -23.15 17.91
N ILE A 135 19.19 -22.62 19.11
CA ILE A 135 19.10 -21.17 19.30
C ILE A 135 20.29 -20.48 18.66
N CYS A 136 21.47 -21.10 18.68
CA CYS A 136 22.65 -20.48 18.07
C CYS A 136 22.52 -20.39 16.57
N LEU A 137 21.71 -21.27 15.96
CA LEU A 137 21.54 -21.24 14.52
C LEU A 137 20.61 -20.10 14.09
N ILE A 138 19.86 -19.53 15.04
CA ILE A 138 18.93 -18.45 14.70
C ILE A 138 19.64 -17.19 14.24
N PRO A 139 20.63 -16.65 14.98
CA PRO A 139 21.28 -15.41 14.49
C PRO A 139 21.95 -15.58 13.14
N PHE A 140 22.56 -16.73 12.88
CA PHE A 140 23.23 -16.94 11.60
C PHE A 140 22.22 -16.97 10.46
N LEU A 141 21.03 -17.51 10.70
CA LEU A 141 20.00 -17.51 9.67
C LEU A 141 19.39 -16.12 9.49
N ILE A 142 19.41 -15.29 10.54
CA ILE A 142 18.86 -13.95 10.42
C ILE A 142 19.76 -13.09 9.52
N THR A 143 21.08 -13.19 9.68
CA THR A 143 21.99 -12.42 8.84
C THR A 143 21.87 -12.83 7.38
N LEU A 144 21.53 -14.09 7.12
CA LEU A 144 21.33 -14.54 5.75
C LEU A 144 20.16 -13.81 5.11
N VAL A 145 19.14 -13.48 5.90
CA VAL A 145 17.95 -12.84 5.35
C VAL A 145 18.16 -11.34 5.20
N VAL A 146 18.93 -10.71 6.08
CA VAL A 146 19.10 -9.26 6.03
C VAL A 146 20.17 -8.87 5.02
N TRP A 147 21.27 -9.61 4.96
CA TRP A 147 22.41 -9.21 4.15
C TRP A 147 22.51 -9.94 2.82
N ARG A 148 22.07 -11.19 2.74
CA ARG A 148 22.26 -11.99 1.54
C ARG A 148 20.96 -12.27 0.80
N SER A 149 19.97 -11.39 0.93
CA SER A 149 18.72 -11.52 0.20
C SER A 149 18.65 -10.61 -1.03
N LYS A 150 19.72 -9.89 -1.33
CA LYS A 150 19.71 -8.96 -2.45
C LYS A 150 19.66 -9.73 -3.77
N ASP A 151 18.71 -9.38 -4.62
CA ASP A 151 18.57 -10.05 -5.90
C ASP A 151 19.76 -9.73 -6.80
N SER A 152 20.29 -10.77 -7.44
CA SER A 152 21.45 -10.65 -8.33
C SER A 152 22.63 -9.97 -7.64
N LYS B 1 8.09 -28.76 34.13
CA LYS B 1 6.91 -27.94 33.84
C LYS B 1 7.27 -26.78 32.92
N CYS B 2 6.52 -26.62 31.84
CA CYS B 2 6.70 -25.52 30.91
C CYS B 2 5.67 -24.45 31.25
N ASN B 3 6.16 -23.31 31.75
CA ASN B 3 5.30 -22.23 32.23
C ASN B 3 5.29 -21.03 31.30
N THR B 4 5.90 -21.13 30.12
CA THR B 4 5.90 -20.02 29.18
C THR B 4 4.51 -19.78 28.63
N ALA B 5 4.36 -18.69 27.88
CA ALA B 5 3.09 -18.40 27.24
C ALA B 5 2.85 -19.28 26.03
N THR B 6 3.92 -19.73 25.37
CA THR B 6 3.77 -20.61 24.21
C THR B 6 3.35 -22.02 24.59
N CYS B 7 3.51 -22.39 25.86
CA CYS B 7 3.07 -23.68 26.37
C CYS B 7 1.66 -23.62 26.96
N ALA B 8 0.92 -22.55 26.71
CA ALA B 8 -0.39 -22.39 27.33
C ALA B 8 -1.39 -23.40 26.78
N THR B 9 -1.38 -23.63 25.47
CA THR B 9 -2.34 -24.56 24.88
C THR B 9 -1.99 -26.00 25.22
N GLN B 10 -0.70 -26.32 25.34
CA GLN B 10 -0.31 -27.66 25.76
C GLN B 10 -0.60 -27.90 27.24
N ARG B 11 -0.44 -26.87 28.08
CA ARG B 11 -0.79 -27.00 29.49
C ARG B 11 -2.28 -27.27 29.66
N LEU B 12 -3.11 -26.64 28.83
CA LEU B 12 -4.55 -26.87 28.90
C LEU B 12 -4.92 -28.26 28.40
N ALA B 13 -4.29 -28.70 27.30
CA ALA B 13 -4.57 -30.01 26.76
C ALA B 13 -4.12 -31.10 27.73
N ASN B 14 -2.98 -30.89 28.40
CA ASN B 14 -2.51 -31.86 29.38
C ASN B 14 -3.44 -31.93 30.58
N PHE B 15 -3.96 -30.78 31.01
CA PHE B 15 -4.82 -30.76 32.19
C PHE B 15 -6.12 -31.50 31.95
N LEU B 16 -6.70 -31.35 30.76
CA LEU B 16 -8.00 -31.95 30.49
C LEU B 16 -7.89 -33.46 30.33
N VAL B 17 -6.85 -33.95 29.67
CA VAL B 17 -6.65 -35.38 29.54
C VAL B 17 -6.34 -36.00 30.90
N ARG B 18 -5.58 -35.29 31.73
N ARG B 18 -5.58 -35.28 31.74
CA ARG B 18 -5.19 -35.85 33.02
CA ARG B 18 -5.17 -35.83 33.02
C ARG B 18 -6.34 -35.81 34.02
C ARG B 18 -6.32 -35.81 34.02
N SER B 19 -7.00 -34.67 34.16
CA SER B 19 -8.01 -34.49 35.19
C SER B 19 -9.41 -34.90 34.73
N SER B 20 -9.87 -34.38 33.61
CA SER B 20 -11.22 -34.68 33.15
C SER B 20 -11.35 -36.14 32.74
N ASN B 21 -12.50 -36.72 33.06
CA ASN B 21 -12.85 -38.07 32.62
C ASN B 21 -13.45 -38.02 31.21
N ASN B 22 -12.62 -37.57 30.27
CA ASN B 22 -13.03 -37.33 28.88
C ASN B 22 -14.08 -36.23 28.79
N LEU B 23 -13.92 -35.19 29.61
CA LEU B 23 -14.81 -34.01 29.60
C LEU B 23 -16.26 -34.40 29.82
N GLY B 24 -16.52 -35.42 30.63
CA GLY B 24 -17.86 -35.88 30.87
C GLY B 24 -18.39 -35.53 32.24
N PRO B 25 -18.65 -36.57 33.05
CA PRO B 25 -19.22 -36.34 34.39
C PRO B 25 -18.19 -35.95 35.43
N VAL B 26 -18.59 -35.89 36.69
CA VAL B 26 -17.72 -35.52 37.80
C VAL B 26 -17.66 -36.67 38.78
N LEU B 27 -16.49 -37.28 38.94
CA LEU B 27 -16.28 -38.30 39.94
C LEU B 27 -16.09 -37.65 41.31
N PRO B 28 -16.41 -38.37 42.39
CA PRO B 28 -16.23 -37.80 43.72
C PRO B 28 -14.76 -37.51 44.01
N PRO B 29 -14.46 -36.41 44.68
CA PRO B 29 -13.06 -36.05 44.93
C PRO B 29 -12.41 -37.01 45.92
N THR B 30 -11.08 -37.10 45.83
CA THR B 30 -10.34 -37.99 46.70
C THR B 30 -10.53 -37.61 48.16
N ASN B 31 -10.58 -38.62 49.02
CA ASN B 31 -10.83 -38.40 50.44
C ASN B 31 -9.55 -37.91 51.12
N VAL B 32 -9.58 -36.69 51.64
CA VAL B 32 -8.40 -36.11 52.35
C VAL B 32 -8.82 -35.78 53.78
N GLY B 33 -9.68 -36.61 54.37
CA GLY B 33 -10.21 -36.36 55.72
C GLY B 33 -9.29 -36.88 56.81
N SER B 34 -9.76 -36.85 58.07
CA SER B 34 -8.93 -37.30 59.21
C SER B 34 -8.55 -38.78 59.04
N ASN B 35 -9.48 -39.59 58.54
CA ASN B 35 -9.22 -41.04 58.33
C ASN B 35 -8.09 -41.21 57.32
N THR B 36 -8.06 -40.37 56.28
CA THR B 36 -7.05 -40.52 55.19
C THR B 36 -5.63 -40.32 55.72
N TYR B 37 -4.66 -41.05 55.16
CA TYR B 37 -3.22 -40.93 55.54
C TYR B 37 -2.91 -39.48 55.89
N NH2 B 38 -2.50 -39.27 57.12
N PHE C 47 -8.68 -49.05 35.62
CA PHE C 47 -8.16 -48.10 34.65
C PHE C 47 -7.15 -47.16 35.28
N LEU C 48 -7.53 -45.89 35.43
CA LEU C 48 -6.64 -44.92 36.04
C LEU C 48 -6.40 -45.21 37.51
N TYR C 49 -7.30 -45.97 38.15
CA TYR C 49 -7.12 -46.33 39.54
C TYR C 49 -5.94 -47.29 39.71
N VAL C 50 -5.87 -48.31 38.87
CA VAL C 50 -4.80 -49.30 38.99
C VAL C 50 -3.46 -48.68 38.61
N VAL C 51 -3.44 -47.81 37.61
CA VAL C 51 -2.22 -47.11 37.26
C VAL C 51 -1.77 -46.20 38.41
N GLY C 52 -2.74 -45.60 39.12
CA GLY C 52 -2.40 -44.82 40.29
C GLY C 52 -1.87 -45.69 41.42
N ARG C 53 -2.49 -46.85 41.62
CA ARG C 53 -2.01 -47.76 42.67
C ARG C 53 -0.66 -48.37 42.30
N LYS C 54 -0.41 -48.61 41.01
CA LYS C 54 0.88 -49.16 40.62
C LYS C 54 2.01 -48.16 40.86
N LYS C 55 1.75 -46.89 40.57
CA LYS C 55 2.72 -45.85 40.93
C LYS C 55 2.79 -45.66 42.43
N MET C 56 1.70 -45.96 43.14
CA MET C 56 1.71 -45.86 44.60
C MET C 56 2.57 -46.96 45.21
N MET C 57 2.48 -48.18 44.67
CA MET C 57 3.29 -49.27 45.18
C MET C 57 4.73 -49.20 44.67
N ASP C 58 4.93 -48.60 43.50
CA ASP C 58 6.30 -48.37 43.02
C ASP C 58 7.03 -47.38 43.92
N ALA C 59 6.32 -46.35 44.38
CA ALA C 59 6.93 -45.37 45.28
C ALA C 59 7.23 -45.98 46.64
N GLN C 60 6.45 -46.97 47.07
CA GLN C 60 6.72 -47.62 48.35
C GLN C 60 8.02 -48.42 48.30
N TYR C 61 8.28 -49.08 47.16
CA TYR C 61 9.55 -49.80 47.02
C TYR C 61 10.73 -48.86 47.07
N LYS C 62 10.63 -47.71 46.39
CA LYS C 62 11.71 -46.74 46.38
C LYS C 62 11.85 -46.05 47.73
N CYS C 63 10.78 -46.02 48.53
CA CYS C 63 10.86 -45.37 49.84
C CYS C 63 11.57 -46.26 50.85
N TYR C 64 11.19 -47.53 50.93
CA TYR C 64 11.86 -48.44 51.85
C TYR C 64 13.29 -48.73 51.42
N ASP C 65 13.61 -48.59 50.13
CA ASP C 65 15.00 -48.66 49.70
C ASP C 65 15.80 -47.49 50.25
N ARG C 66 15.25 -46.27 50.15
CA ARG C 66 15.92 -45.11 50.72
C ARG C 66 15.90 -45.13 52.24
N MET C 67 14.86 -45.72 52.83
CA MET C 67 14.81 -45.83 54.29
C MET C 67 15.78 -46.88 54.81
N GLN C 68 16.06 -47.91 54.03
CA GLN C 68 17.09 -48.87 54.40
C GLN C 68 18.46 -48.21 54.41
N GLN C 69 18.70 -47.30 53.47
CA GLN C 69 19.89 -46.48 53.47
C GLN C 69 19.63 -45.21 54.27
N LEU C 70 20.56 -44.26 54.20
CA LEU C 70 20.44 -42.97 54.88
C LEU C 70 20.05 -43.12 56.35
N PRO C 71 20.86 -43.81 57.15
CA PRO C 71 20.50 -44.04 58.56
C PRO C 71 20.97 -42.97 59.54
N ALA C 72 21.35 -41.79 59.06
CA ALA C 72 21.94 -40.77 59.92
C ALA C 72 20.87 -39.96 60.62
N TYR C 73 20.88 -40.01 61.96
CA TYR C 73 20.07 -39.14 62.81
C TYR C 73 21.01 -38.59 63.87
N GLN C 74 21.70 -37.50 63.56
CA GLN C 74 22.80 -36.98 64.37
C GLN C 74 22.40 -35.63 64.96
N GLY C 75 22.19 -35.59 66.27
CA GLY C 75 21.96 -34.33 66.95
C GLY C 75 20.64 -33.70 66.56
N GLU C 76 20.67 -32.38 66.38
CA GLU C 76 19.48 -31.59 66.04
C GLU C 76 18.38 -31.73 67.10
N GLY C 77 18.77 -31.98 68.34
CA GLY C 77 17.83 -32.27 69.40
C GLY C 77 17.06 -33.53 69.11
N PRO C 78 15.92 -33.71 69.77
CA PRO C 78 15.04 -34.82 69.40
C PRO C 78 14.50 -34.63 67.99
N TYR C 79 14.13 -35.75 67.37
CA TYR C 79 13.76 -35.75 65.97
C TYR C 79 12.52 -36.63 65.76
N CYS C 80 11.66 -36.18 64.83
CA CYS C 80 10.53 -37.00 64.40
C CYS C 80 11.07 -38.04 63.43
N ASN C 81 11.01 -39.31 63.83
CA ASN C 81 11.72 -40.37 63.12
C ASN C 81 11.19 -40.53 61.71
N ARG C 82 12.04 -41.06 60.83
CA ARG C 82 11.68 -41.31 59.45
C ARG C 82 10.53 -42.31 59.37
N THR C 83 9.63 -42.10 58.41
CA THR C 83 8.47 -42.95 58.25
C THR C 83 8.02 -42.92 56.80
N TRP C 84 7.16 -43.87 56.45
CA TRP C 84 6.57 -43.97 55.11
C TRP C 84 5.09 -43.64 55.24
N ASP C 85 4.71 -42.44 54.84
CA ASP C 85 3.31 -42.11 54.71
C ASP C 85 2.70 -42.87 53.54
N GLY C 86 1.43 -43.23 53.67
CA GLY C 86 0.77 -44.07 52.70
C GLY C 86 0.91 -43.66 51.25
N TRP C 87 1.28 -42.40 51.01
CA TRP C 87 1.36 -41.90 49.64
C TRP C 87 2.72 -41.27 49.34
N LEU C 88 3.45 -40.85 50.38
CA LEU C 88 4.72 -40.17 50.18
C LEU C 88 5.73 -40.64 51.21
N CYS C 89 7.01 -40.44 50.89
CA CYS C 89 8.12 -40.83 51.74
C CYS C 89 8.73 -39.60 52.37
N TRP C 90 8.81 -39.58 53.70
CA TRP C 90 9.33 -38.44 54.44
C TRP C 90 10.67 -38.80 55.05
N ASP C 91 11.63 -37.87 54.96
CA ASP C 91 12.94 -38.10 55.52
C ASP C 91 12.97 -37.67 56.99
N ASP C 92 14.15 -37.80 57.60
CA ASP C 92 14.32 -37.43 58.99
C ASP C 92 14.24 -35.91 59.14
N THR C 93 13.42 -35.45 60.07
CA THR C 93 13.15 -34.05 60.30
C THR C 93 13.25 -33.74 61.78
N PRO C 94 13.48 -32.47 62.15
CA PRO C 94 13.55 -32.10 63.56
C PRO C 94 12.17 -31.83 64.16
N ALA C 95 12.16 -31.77 65.48
CA ALA C 95 10.90 -31.49 66.20
C ALA C 95 10.52 -30.03 66.05
N GLY C 96 9.37 -29.79 65.44
CA GLY C 96 8.83 -28.45 65.27
C GLY C 96 8.80 -27.95 63.84
N VAL C 97 9.47 -28.64 62.91
CA VAL C 97 9.56 -28.21 61.52
C VAL C 97 8.44 -28.87 60.72
N LEU C 98 7.64 -28.04 60.03
CA LEU C 98 6.54 -28.54 59.21
C LEU C 98 7.11 -28.90 57.84
N SER C 99 7.25 -30.20 57.59
CA SER C 99 7.81 -30.67 56.33
C SER C 99 6.93 -30.26 55.16
N TYR C 100 7.51 -30.23 53.98
CA TYR C 100 6.80 -29.81 52.77
C TYR C 100 7.28 -30.62 51.59
N GLN C 101 6.34 -31.14 50.81
CA GLN C 101 6.62 -31.93 49.62
C GLN C 101 5.53 -31.69 48.59
N PHE C 102 5.84 -31.97 47.33
CA PHE C 102 4.86 -31.80 46.26
C PHE C 102 3.82 -32.92 46.33
N CYS C 103 2.64 -32.62 45.77
CA CYS C 103 1.56 -33.60 45.78
C CYS C 103 1.85 -34.73 44.80
N PRO C 104 1.58 -35.97 45.17
CA PRO C 104 1.78 -37.08 44.23
C PRO C 104 0.72 -37.05 43.14
N ASP C 105 1.10 -37.54 41.96
CA ASP C 105 0.23 -37.57 40.80
C ASP C 105 -0.57 -38.86 40.68
N TYR C 106 -0.85 -39.53 41.78
CA TYR C 106 -1.55 -40.81 41.71
C TYR C 106 -2.99 -40.64 41.25
N PHE C 107 -3.66 -39.61 41.75
CA PHE C 107 -5.08 -39.41 41.50
C PHE C 107 -5.30 -38.22 40.56
N PRO C 108 -6.40 -38.22 39.80
CA PRO C 108 -6.66 -37.07 38.92
C PRO C 108 -6.98 -35.79 39.67
N ASP C 109 -7.56 -35.89 40.86
CA ASP C 109 -7.87 -34.70 41.64
C ASP C 109 -6.61 -33.97 42.09
N PHE C 110 -5.56 -34.73 42.41
CA PHE C 110 -4.36 -34.13 42.97
C PHE C 110 -3.64 -33.27 41.93
N ASP C 111 -3.11 -32.14 42.39
CA ASP C 111 -2.40 -31.21 41.53
C ASP C 111 -0.92 -31.21 41.90
N PRO C 112 -0.02 -31.55 40.98
CA PRO C 112 1.41 -31.54 41.33
C PRO C 112 1.93 -30.18 41.74
N SER C 113 1.28 -29.10 41.29
CA SER C 113 1.72 -27.75 41.64
C SER C 113 1.63 -27.50 43.14
N GLU C 114 0.62 -28.07 43.79
CA GLU C 114 0.41 -27.84 45.22
C GLU C 114 1.40 -28.67 46.04
N LYS C 115 1.38 -28.44 47.36
CA LYS C 115 2.32 -29.06 48.27
C LYS C 115 1.60 -29.74 49.42
N VAL C 116 2.29 -30.71 50.02
CA VAL C 116 1.80 -31.46 51.17
C VAL C 116 2.63 -31.07 52.38
N THR C 117 1.98 -30.89 53.53
CA THR C 117 2.64 -30.44 54.75
C THR C 117 2.46 -31.50 55.83
N LYS C 118 3.58 -31.93 56.43
CA LYS C 118 3.56 -32.83 57.58
C LYS C 118 4.32 -32.16 58.72
N TYR C 119 3.80 -32.30 59.94
CA TYR C 119 4.24 -31.53 61.09
C TYR C 119 4.79 -32.43 62.18
N CYS C 120 5.79 -31.92 62.91
CA CYS C 120 6.36 -32.60 64.06
C CYS C 120 6.14 -31.78 65.33
N ASP C 121 6.32 -32.44 66.47
CA ASP C 121 6.08 -31.83 67.77
C ASP C 121 7.02 -30.68 68.06
N VAL C 125 8.14 -36.61 67.38
CA VAL C 125 6.79 -37.12 67.16
C VAL C 125 6.12 -36.32 66.05
N TRP C 126 5.37 -37.01 65.20
CA TRP C 126 4.66 -36.35 64.12
C TRP C 126 3.30 -35.83 64.60
N PHE C 127 2.67 -35.02 63.77
CA PHE C 127 1.39 -34.42 64.11
C PHE C 127 0.29 -35.48 64.13
N LYS C 128 -0.67 -35.27 65.02
CA LYS C 128 -1.81 -36.17 65.17
C LYS C 128 -3.10 -35.39 64.93
N HIS C 129 -3.93 -35.89 64.03
CA HIS C 129 -5.23 -35.26 63.79
C HIS C 129 -6.13 -35.48 65.01
N PRO C 130 -6.80 -34.43 65.50
CA PRO C 130 -7.51 -34.57 66.78
C PRO C 130 -8.72 -35.49 66.71
N GLU C 131 -9.33 -35.67 65.53
CA GLU C 131 -10.56 -36.45 65.45
C GLU C 131 -10.33 -37.90 65.86
N ASN C 132 -9.32 -38.55 65.27
CA ASN C 132 -9.04 -39.95 65.52
C ASN C 132 -7.64 -40.19 66.06
N ASN C 133 -6.97 -39.15 66.58
CA ASN C 133 -5.61 -39.17 67.13
C ASN C 133 -4.69 -40.14 66.41
N ARG C 134 -4.62 -40.04 65.09
CA ARG C 134 -3.69 -40.81 64.28
C ARG C 134 -2.75 -39.86 63.56
N THR C 135 -1.53 -40.34 63.31
CA THR C 135 -0.56 -39.56 62.56
C THR C 135 -1.15 -39.16 61.21
N TRP C 136 -1.01 -37.89 60.86
CA TRP C 136 -1.72 -37.32 59.73
C TRP C 136 -0.79 -36.50 58.87
N SER C 137 -1.13 -36.40 57.58
CA SER C 137 -0.45 -35.55 56.63
C SER C 137 -1.50 -34.70 55.92
N ASN C 138 -1.19 -33.43 55.71
CA ASN C 138 -2.16 -32.48 55.19
C ASN C 138 -2.15 -32.51 53.66
N TYR C 139 -2.97 -33.39 53.09
CA TYR C 139 -3.18 -33.47 51.66
C TYR C 139 -4.34 -32.60 51.19
N THR C 140 -4.79 -31.67 52.02
CA THR C 140 -5.96 -30.87 51.67
C THR C 140 -5.68 -29.89 50.54
N MET C 141 -4.44 -29.39 50.46
CA MET C 141 -4.13 -28.40 49.43
C MET C 141 -4.06 -29.02 48.04
N CYS C 142 -3.95 -30.35 47.93
CA CYS C 142 -3.75 -30.98 46.63
C CYS C 142 -5.01 -30.90 45.78
N ASN C 143 -6.16 -31.26 46.35
CA ASN C 143 -7.40 -31.38 45.59
C ASN C 143 -8.45 -30.34 45.97
N ALA C 144 -8.06 -29.28 46.68
CA ALA C 144 -9.03 -28.27 47.09
C ALA C 144 -9.31 -27.27 45.96
N PHE C 145 -8.29 -26.92 45.19
CA PHE C 145 -8.44 -25.98 44.09
C PHE C 145 -8.71 -26.66 42.75
N THR C 146 -8.82 -27.99 42.73
CA THR C 146 -9.04 -28.68 41.46
C THR C 146 -10.46 -28.51 40.94
N PRO C 147 -11.53 -28.72 41.73
CA PRO C 147 -12.88 -28.62 41.15
C PRO C 147 -13.20 -27.26 40.58
N GLU C 148 -12.59 -26.19 41.08
CA GLU C 148 -12.81 -24.86 40.53
C GLU C 148 -11.86 -24.54 39.39
N LYS C 149 -10.67 -25.14 39.38
CA LYS C 149 -9.77 -24.98 38.25
C LYS C 149 -10.24 -25.81 37.06
N LEU C 150 -10.93 -26.92 37.31
CA LEU C 150 -11.50 -27.70 36.23
C LEU C 150 -12.67 -26.98 35.57
N LYS C 151 -13.46 -26.27 36.37
CA LYS C 151 -14.57 -25.50 35.81
C LYS C 151 -14.06 -24.34 34.97
N ASN C 152 -12.96 -23.71 35.39
CA ASN C 152 -12.34 -22.66 34.59
C ASN C 152 -11.66 -23.22 33.35
N ALA C 153 -11.34 -24.52 33.34
CA ALA C 153 -10.64 -25.11 32.20
C ALA C 153 -11.60 -25.44 31.07
N TYR C 154 -12.88 -25.63 31.37
CA TYR C 154 -13.84 -25.93 30.32
C TYR C 154 -14.10 -24.71 29.45
N VAL C 155 -14.15 -23.52 30.06
CA VAL C 155 -14.39 -22.31 29.29
C VAL C 155 -13.14 -21.92 28.51
N LEU C 156 -11.95 -22.26 29.03
CA LEU C 156 -10.73 -22.07 28.26
C LEU C 156 -10.64 -23.06 27.12
N TYR C 157 -11.22 -24.25 27.29
CA TYR C 157 -11.24 -25.24 26.22
C TYR C 157 -12.19 -24.80 25.11
N TYR C 158 -13.36 -24.29 25.45
CA TYR C 158 -14.32 -23.85 24.44
C TYR C 158 -14.00 -22.46 23.92
N LEU C 159 -13.16 -21.69 24.62
CA LEU C 159 -12.65 -20.45 24.08
C LEU C 159 -11.61 -20.68 22.99
N ALA C 160 -11.01 -21.86 22.95
CA ALA C 160 -10.01 -22.18 21.95
C ALA C 160 -10.65 -22.65 20.65
N ILE C 161 -11.58 -23.60 20.74
CA ILE C 161 -12.20 -24.12 19.52
C ILE C 161 -13.12 -23.08 18.90
N VAL C 162 -13.57 -22.09 19.68
CA VAL C 162 -14.32 -20.98 19.10
C VAL C 162 -13.36 -19.91 18.57
N GLY C 163 -12.27 -19.66 19.28
CA GLY C 163 -11.31 -18.68 18.82
C GLY C 163 -10.57 -19.14 17.58
N HIS C 164 -10.18 -20.41 17.53
CA HIS C 164 -9.46 -20.93 16.37
C HIS C 164 -10.38 -21.19 15.19
N SER C 165 -11.69 -21.31 15.41
CA SER C 165 -12.60 -21.49 14.29
C SER C 165 -12.84 -20.18 13.55
N LEU C 166 -12.93 -19.08 14.29
CA LEU C 166 -13.06 -17.78 13.64
C LEU C 166 -11.75 -17.37 12.97
N SER C 167 -10.62 -17.91 13.42
CA SER C 167 -9.35 -17.61 12.75
C SER C 167 -9.29 -18.29 11.39
N ILE C 168 -9.61 -19.58 11.33
CA ILE C 168 -9.60 -20.30 10.06
C ILE C 168 -10.60 -19.68 9.09
N PHE C 169 -11.75 -19.23 9.62
CA PHE C 169 -12.79 -18.67 8.75
C PHE C 169 -12.37 -17.33 8.17
N THR C 170 -11.86 -16.44 9.02
CA THR C 170 -11.52 -15.10 8.54
C THR C 170 -10.22 -15.09 7.74
N LEU C 171 -9.36 -16.09 7.94
CA LEU C 171 -8.10 -16.12 7.22
C LEU C 171 -8.22 -16.83 5.88
N VAL C 172 -9.13 -17.79 5.75
CA VAL C 172 -9.38 -18.38 4.44
C VAL C 172 -10.06 -17.39 3.52
N ILE C 173 -10.75 -16.38 4.08
CA ILE C 173 -11.27 -15.30 3.27
C ILE C 173 -10.18 -14.29 2.94
N SER C 174 -9.35 -13.95 3.94
CA SER C 174 -8.25 -13.02 3.71
C SER C 174 -7.23 -13.58 2.75
N LEU C 175 -6.98 -14.90 2.81
CA LEU C 175 -6.04 -15.51 1.87
C LEU C 175 -6.61 -15.55 0.46
N GLY C 176 -7.92 -15.76 0.33
CA GLY C 176 -8.51 -15.78 -1.00
C GLY C 176 -8.52 -14.42 -1.67
N ILE C 177 -8.62 -13.36 -0.88
CA ILE C 177 -8.61 -12.01 -1.44
C ILE C 177 -7.23 -11.69 -2.02
N PHE C 178 -6.17 -12.17 -1.38
CA PHE C 178 -4.83 -11.86 -1.85
C PHE C 178 -4.46 -12.64 -3.10
N VAL C 179 -4.95 -13.87 -3.22
CA VAL C 179 -4.62 -14.67 -4.40
C VAL C 179 -5.52 -14.32 -5.57
N PHE C 180 -6.74 -13.83 -5.32
CA PHE C 180 -7.64 -13.49 -6.41
C PHE C 180 -7.31 -12.12 -7.00
N PHE C 181 -7.21 -11.11 -6.16
CA PHE C 181 -6.93 -9.75 -6.61
C PHE C 181 -5.44 -9.61 -6.86
N ARG C 182 -5.06 -9.58 -8.14
CA ARG C 182 -3.64 -9.41 -8.48
C ARG C 182 -3.17 -7.99 -8.22
N SER C 183 -4.10 -7.03 -8.15
CA SER C 183 -3.73 -5.64 -7.93
C SER C 183 -3.02 -5.46 -6.59
N LEU C 184 -3.45 -6.20 -5.57
CA LEU C 184 -2.84 -6.10 -4.26
C LEU C 184 -1.46 -6.75 -4.18
N GLY C 185 -1.04 -7.44 -5.24
CA GLY C 185 0.20 -8.19 -5.23
C GLY C 185 1.45 -7.37 -4.99
N CYS C 186 2.21 -7.72 -3.96
CA CYS C 186 3.49 -7.10 -3.66
C CYS C 186 4.27 -8.04 -2.76
N GLN C 187 5.54 -7.69 -2.53
CA GLN C 187 6.38 -8.52 -1.69
C GLN C 187 5.86 -8.56 -0.25
N ARG C 188 5.16 -7.51 0.17
CA ARG C 188 4.55 -7.53 1.50
C ARG C 188 3.39 -8.52 1.56
N VAL C 189 2.60 -8.60 0.49
CA VAL C 189 1.47 -9.51 0.47
C VAL C 189 1.94 -10.95 0.29
N THR C 190 3.03 -11.17 -0.44
CA THR C 190 3.58 -12.51 -0.59
C THR C 190 4.04 -13.08 0.74
N LEU C 191 4.53 -12.22 1.64
CA LEU C 191 4.88 -12.69 2.98
C LEU C 191 3.66 -12.81 3.87
N HIS C 192 2.63 -12.00 3.62
CA HIS C 192 1.38 -12.16 4.34
C HIS C 192 0.72 -13.48 4.02
N LYS C 193 0.83 -13.92 2.75
CA LYS C 193 0.17 -15.15 2.35
C LYS C 193 0.77 -16.37 3.03
N ASN C 194 2.10 -16.41 3.15
CA ASN C 194 2.73 -17.50 3.89
C ASN C 194 2.48 -17.37 5.38
N MET C 195 2.35 -16.14 5.88
CA MET C 195 2.01 -15.94 7.27
C MET C 195 0.57 -16.32 7.56
N PHE C 196 -0.34 -16.02 6.62
CA PHE C 196 -1.73 -16.43 6.78
C PHE C 196 -1.87 -17.94 6.69
N LEU C 197 -0.99 -18.61 5.94
CA LEU C 197 -1.10 -20.05 5.80
C LEU C 197 -0.65 -20.76 7.07
N THR C 198 0.32 -20.21 7.78
CA THR C 198 0.75 -20.81 9.05
C THR C 198 -0.38 -20.75 10.08
N TYR C 199 -1.09 -19.63 10.14
CA TYR C 199 -2.20 -19.51 11.08
C TYR C 199 -3.30 -20.51 10.76
N ILE C 200 -3.57 -20.73 9.47
CA ILE C 200 -4.61 -21.67 9.08
C ILE C 200 -4.20 -23.10 9.41
N LEU C 201 -2.96 -23.47 9.06
CA LEU C 201 -2.49 -24.82 9.30
C LEU C 201 -2.26 -25.09 10.79
N ASN C 202 -1.85 -24.07 11.55
CA ASN C 202 -1.67 -24.26 12.98
C ASN C 202 -3.00 -24.38 13.70
N SER C 203 -3.96 -23.50 13.36
CA SER C 203 -5.27 -23.57 13.99
C SER C 203 -6.03 -24.81 13.56
N MET C 204 -5.69 -25.38 12.41
CA MET C 204 -6.36 -26.59 11.95
C MET C 204 -5.94 -27.80 12.76
N ILE C 205 -4.63 -27.93 13.04
CA ILE C 205 -4.14 -29.08 13.79
C ILE C 205 -4.56 -29.00 15.24
N ILE C 206 -4.62 -27.79 15.79
CA ILE C 206 -5.01 -27.61 17.20
C ILE C 206 -6.44 -28.08 17.42
N ILE C 207 -7.31 -27.82 16.45
CA ILE C 207 -8.70 -28.27 16.58
C ILE C 207 -8.77 -29.79 16.47
N ILE C 208 -8.04 -30.37 15.51
CA ILE C 208 -7.99 -31.83 15.40
C ILE C 208 -7.41 -32.44 16.67
N HIS C 209 -6.54 -31.70 17.37
CA HIS C 209 -5.95 -32.21 18.60
C HIS C 209 -6.92 -32.06 19.76
N LEU C 210 -7.70 -30.99 19.79
CA LEU C 210 -8.58 -30.73 20.92
C LEU C 210 -9.92 -31.45 20.81
N VAL C 211 -10.32 -31.84 19.60
CA VAL C 211 -11.62 -32.48 19.43
C VAL C 211 -11.50 -34.00 19.35
N GLU C 212 -10.38 -34.53 18.85
CA GLU C 212 -10.22 -35.96 18.69
C GLU C 212 -9.28 -36.58 19.72
N VAL C 213 -8.22 -35.88 20.10
CA VAL C 213 -7.22 -36.47 20.99
C VAL C 213 -7.53 -36.22 22.45
N VAL C 214 -7.89 -35.00 22.82
CA VAL C 214 -8.07 -34.63 24.22
C VAL C 214 -9.28 -35.33 24.85
N PRO C 215 -10.49 -35.26 24.26
CA PRO C 215 -11.63 -35.92 24.90
C PRO C 215 -11.68 -37.43 24.72
N ASN C 216 -10.64 -38.03 24.14
CA ASN C 216 -10.55 -39.47 23.96
C ASN C 216 -9.48 -40.00 24.91
N GLY C 217 -9.91 -40.72 25.94
CA GLY C 217 -8.98 -41.28 26.90
C GLY C 217 -8.56 -42.69 26.53
N GLU C 218 -9.40 -43.38 25.74
CA GLU C 218 -9.04 -44.70 25.27
C GLU C 218 -7.89 -44.64 24.27
N LEU C 219 -7.82 -43.56 23.49
CA LEU C 219 -6.72 -43.41 22.54
C LEU C 219 -5.40 -43.11 23.23
N VAL C 220 -5.45 -42.32 24.31
CA VAL C 220 -4.21 -41.93 24.98
C VAL C 220 -3.63 -43.09 25.77
N ARG C 221 -4.49 -43.90 26.40
CA ARG C 221 -3.98 -45.04 27.14
C ARG C 221 -3.47 -46.14 26.21
N ARG C 222 -4.01 -46.21 24.99
CA ARG C 222 -3.53 -47.18 24.01
C ARG C 222 -2.18 -46.77 23.45
N ASP C 223 -1.92 -45.47 23.36
CA ASP C 223 -0.67 -44.88 22.86
C ASP C 223 -0.34 -45.37 21.47
N PRO C 224 -1.10 -44.98 20.45
CA PRO C 224 -0.76 -45.36 19.08
C PRO C 224 0.30 -44.44 18.51
N VAL C 225 0.85 -44.85 17.37
CA VAL C 225 1.87 -44.03 16.72
C VAL C 225 1.25 -42.81 16.05
N SER C 226 -0.06 -42.83 15.81
CA SER C 226 -0.71 -41.68 15.20
C SER C 226 -0.72 -40.48 16.14
N CYS C 227 -0.70 -40.73 17.45
CA CYS C 227 -0.60 -39.65 18.42
C CYS C 227 0.72 -38.91 18.26
N LYS C 228 1.81 -39.64 18.07
CA LYS C 228 3.14 -39.04 18.10
C LYS C 228 3.46 -38.31 16.80
N ILE C 229 2.92 -38.77 15.67
CA ILE C 229 3.17 -38.07 14.41
C ILE C 229 2.23 -36.88 14.26
N LEU C 230 1.06 -36.93 14.91
CA LEU C 230 0.20 -35.75 14.95
C LEU C 230 0.77 -34.69 15.87
N HIS C 231 1.36 -35.13 16.99
CA HIS C 231 2.05 -34.19 17.87
C HIS C 231 3.28 -33.61 17.21
N PHE C 232 3.90 -34.36 16.29
CA PHE C 232 5.06 -33.84 15.57
C PHE C 232 4.66 -32.70 14.65
N PHE C 233 3.61 -32.90 13.85
CA PHE C 233 3.16 -31.86 12.95
C PHE C 233 2.59 -30.67 13.71
N HIS C 234 2.07 -30.90 14.91
CA HIS C 234 1.60 -29.80 15.74
C HIS C 234 2.76 -28.96 16.24
N GLN C 235 3.81 -29.61 16.74
CA GLN C 235 4.99 -28.87 17.19
C GLN C 235 5.71 -28.21 16.02
N TYR C 236 5.61 -28.79 14.82
CA TYR C 236 6.26 -28.19 13.66
C TYR C 236 5.49 -26.98 13.16
N MET C 237 4.16 -27.10 13.04
CA MET C 237 3.37 -25.98 12.54
C MET C 237 3.25 -24.86 13.57
N MET C 238 3.33 -25.20 14.86
CA MET C 238 3.38 -24.16 15.88
C MET C 238 4.68 -23.38 15.80
N ALA C 239 5.78 -24.05 15.48
CA ALA C 239 7.06 -23.37 15.34
C ALA C 239 7.11 -22.57 14.04
N CYS C 240 6.54 -23.11 12.96
CA CYS C 240 6.47 -22.36 11.71
C CYS C 240 5.60 -21.11 11.87
N ASN C 241 4.59 -21.17 12.74
CA ASN C 241 3.75 -20.01 12.96
C ASN C 241 4.51 -18.91 13.69
N TYR C 242 5.25 -19.27 14.73
CA TYR C 242 5.99 -18.27 15.50
C TYR C 242 7.21 -17.75 14.72
N PHE C 243 7.77 -18.56 13.82
CA PHE C 243 8.93 -18.15 13.07
C PHE C 243 8.58 -17.36 11.82
N TRP C 244 7.32 -17.34 11.42
CA TRP C 244 6.87 -16.43 10.38
C TRP C 244 6.46 -15.08 10.94
N MET C 245 6.16 -15.00 12.23
CA MET C 245 6.06 -13.71 12.89
C MET C 245 7.41 -13.01 12.92
N LEU C 246 8.50 -13.78 12.94
CA LEU C 246 9.84 -13.21 12.85
C LEU C 246 10.16 -12.80 11.42
N CYS C 247 9.76 -13.61 10.44
CA CYS C 247 9.98 -13.24 9.04
C CYS C 247 9.22 -11.98 8.68
N GLU C 248 8.04 -11.79 9.27
CA GLU C 248 7.29 -10.56 9.02
C GLU C 248 7.93 -9.37 9.74
N GLY C 249 8.53 -9.62 10.90
CA GLY C 249 9.22 -8.56 11.60
C GLY C 249 10.56 -8.20 11.00
N ILE C 250 11.22 -9.17 10.36
CA ILE C 250 12.49 -8.89 9.69
C ILE C 250 12.25 -8.05 8.44
N TYR C 251 11.24 -8.40 7.65
CA TYR C 251 10.94 -7.63 6.44
C TYR C 251 10.46 -6.23 6.77
N LEU C 252 9.62 -6.09 7.80
CA LEU C 252 9.15 -4.78 8.20
C LEU C 252 10.28 -3.93 8.76
N HIS C 253 11.27 -4.56 9.41
CA HIS C 253 12.37 -3.81 10.00
C HIS C 253 13.31 -3.28 8.93
N THR C 254 13.62 -4.09 7.92
CA THR C 254 14.55 -3.65 6.88
C THR C 254 13.92 -2.59 5.98
N LEU C 255 12.61 -2.67 5.75
CA LEU C 255 11.96 -1.67 4.90
C LEU C 255 12.01 -0.28 5.51
N ILE C 256 11.91 -0.19 6.83
CA ILE C 256 11.75 1.09 7.51
C ILE C 256 13.05 1.56 8.12
N VAL C 257 13.83 0.63 8.67
CA VAL C 257 15.00 0.97 9.47
C VAL C 257 16.29 0.68 8.73
N VAL C 258 16.53 -0.58 8.36
CA VAL C 258 17.86 -0.99 7.90
C VAL C 258 18.13 -0.46 6.50
N ALA C 259 17.35 -0.90 5.51
CA ALA C 259 17.60 -0.59 4.11
C ALA C 259 16.30 -0.04 3.50
N VAL C 260 16.13 1.28 3.58
CA VAL C 260 14.96 1.90 2.99
C VAL C 260 14.94 1.70 1.48
N PHE C 261 16.09 1.90 0.84
CA PHE C 261 16.20 1.73 -0.61
C PHE C 261 16.40 0.25 -0.94
N THR C 262 15.37 -0.53 -0.65
CA THR C 262 15.33 -1.95 -0.94
C THR C 262 14.42 -2.14 -2.15
N GLU C 263 15.02 -2.49 -3.29
CA GLU C 263 14.24 -2.63 -4.52
C GLU C 263 13.22 -3.76 -4.36
N LYS C 264 13.71 -4.99 -4.24
CA LYS C 264 12.99 -6.21 -3.93
C LYS C 264 14.02 -7.28 -3.63
N GLN C 265 13.64 -8.21 -2.75
CA GLN C 265 14.57 -9.22 -2.25
C GLN C 265 14.15 -10.61 -2.70
N ARG C 266 15.14 -11.49 -2.85
CA ARG C 266 14.87 -12.90 -3.06
C ARG C 266 14.31 -13.48 -1.77
N LEU C 267 13.09 -14.01 -1.83
CA LEU C 267 12.44 -14.56 -0.65
C LEU C 267 12.88 -15.99 -0.34
N ARG C 268 13.96 -16.47 -0.97
CA ARG C 268 14.40 -17.84 -0.72
C ARG C 268 14.91 -18.02 0.70
N TRP C 269 15.44 -16.97 1.32
CA TRP C 269 15.92 -17.07 2.69
C TRP C 269 14.81 -16.84 3.70
N TYR C 270 13.75 -16.12 3.31
CA TYR C 270 12.57 -16.02 4.17
C TYR C 270 11.87 -17.36 4.27
N TYR C 271 11.81 -18.10 3.16
CA TYR C 271 11.14 -19.40 3.17
C TYR C 271 11.90 -20.40 4.02
N LEU C 272 13.24 -20.37 3.97
CA LEU C 272 14.03 -21.31 4.74
C LEU C 272 13.93 -21.03 6.23
N LEU C 273 13.80 -19.76 6.63
CA LEU C 273 13.68 -19.44 8.05
C LEU C 273 12.28 -19.73 8.56
N GLY C 274 11.25 -19.43 7.77
CA GLY C 274 9.88 -19.62 8.20
C GLY C 274 9.43 -21.06 8.15
N TRP C 275 9.74 -21.75 7.04
CA TRP C 275 9.32 -23.14 6.85
C TRP C 275 10.43 -24.12 7.14
N GLY C 276 11.65 -23.86 6.65
CA GLY C 276 12.70 -24.86 6.70
C GLY C 276 13.31 -25.03 8.08
N PHE C 277 13.60 -23.93 8.75
CA PHE C 277 14.29 -24.03 10.04
C PHE C 277 13.48 -24.73 11.12
N PRO C 278 12.16 -24.52 11.28
CA PRO C 278 11.44 -25.23 12.35
C PRO C 278 11.54 -26.74 12.29
N LEU C 279 12.14 -27.28 11.22
CA LEU C 279 12.37 -28.72 11.15
C LEU C 279 13.50 -29.15 12.08
N VAL C 280 14.44 -28.27 12.38
CA VAL C 280 15.60 -28.61 13.20
C VAL C 280 15.19 -28.78 14.66
N PRO C 281 14.53 -27.81 15.30
CA PRO C 281 14.14 -28.02 16.71
C PRO C 281 13.11 -29.12 16.88
N THR C 282 12.24 -29.34 15.90
CA THR C 282 11.21 -30.37 16.03
C THR C 282 11.77 -31.76 15.79
N THR C 283 12.81 -31.89 14.97
CA THR C 283 13.44 -33.20 14.78
C THR C 283 14.33 -33.54 15.96
N ILE C 284 15.03 -32.55 16.52
CA ILE C 284 15.84 -32.80 17.71
C ILE C 284 14.95 -33.17 18.89
N HIS C 285 13.83 -32.46 19.05
CA HIS C 285 12.92 -32.76 20.15
C HIS C 285 12.31 -34.14 20.01
N ALA C 286 11.96 -34.53 18.78
CA ALA C 286 11.28 -35.81 18.57
C ALA C 286 12.20 -36.98 18.87
N ILE C 287 13.49 -36.86 18.54
CA ILE C 287 14.41 -37.97 18.76
C ILE C 287 14.69 -38.14 20.25
N THR C 288 14.89 -37.05 20.97
CA THR C 288 15.14 -37.15 22.41
C THR C 288 13.88 -37.54 23.16
N ARG C 289 12.72 -37.09 22.69
CA ARG C 289 11.46 -37.51 23.30
C ARG C 289 11.22 -39.00 23.08
N ALA C 290 11.85 -39.59 22.07
CA ALA C 290 11.65 -41.01 21.80
C ALA C 290 12.51 -41.89 22.70
N VAL C 291 13.70 -41.42 23.07
CA VAL C 291 14.60 -42.26 23.84
C VAL C 291 14.57 -41.95 25.34
N TYR C 292 14.18 -40.74 25.72
CA TYR C 292 14.22 -40.34 27.13
C TYR C 292 12.85 -40.27 27.79
N PHE C 293 11.91 -39.52 27.20
CA PHE C 293 10.59 -39.30 27.81
C PHE C 293 9.54 -39.68 26.78
N ASN C 294 9.23 -40.97 26.70
CA ASN C 294 8.28 -41.49 25.72
C ASN C 294 6.88 -41.57 26.30
N ASP C 295 6.37 -40.41 26.71
CA ASP C 295 5.05 -40.33 27.33
C ASP C 295 3.98 -40.78 26.35
N ASN C 296 2.84 -41.18 26.89
CA ASN C 296 1.73 -41.64 26.07
C ASN C 296 1.14 -40.47 25.28
N CYS C 297 1.18 -40.58 23.96
CA CYS C 297 0.71 -39.55 23.03
C CYS C 297 1.51 -38.26 23.12
N TRP C 298 2.61 -38.25 23.87
CA TRP C 298 3.49 -37.10 24.00
C TRP C 298 2.73 -35.86 24.49
N LEU C 299 1.88 -36.07 25.50
CA LEU C 299 1.04 -35.00 26.03
C LEU C 299 1.61 -34.33 27.27
N SER C 300 2.66 -34.88 27.86
CA SER C 300 3.19 -34.33 29.10
C SER C 300 3.89 -33.00 28.87
N VAL C 301 3.79 -32.12 29.87
CA VAL C 301 4.49 -30.85 29.87
C VAL C 301 5.46 -30.76 31.04
N GLU C 302 5.58 -31.82 31.85
CA GLU C 302 6.48 -31.79 32.98
C GLU C 302 7.94 -31.91 32.55
N THR C 303 8.19 -32.55 31.42
CA THR C 303 9.55 -32.71 30.94
C THR C 303 10.13 -31.37 30.50
N HIS C 304 11.44 -31.23 30.66
CA HIS C 304 12.14 -30.04 30.20
C HIS C 304 12.62 -30.18 28.76
N LEU C 305 12.30 -31.28 28.10
CA LEU C 305 12.59 -31.43 26.68
C LEU C 305 11.73 -30.53 25.82
N LEU C 306 10.66 -29.96 26.37
CA LEU C 306 9.81 -29.06 25.60
C LEU C 306 10.55 -27.78 25.23
N TYR C 307 11.51 -27.36 26.04
CA TYR C 307 12.25 -26.15 25.76
C TYR C 307 13.20 -26.28 24.59
N ILE C 308 13.32 -27.47 24.00
CA ILE C 308 14.06 -27.60 22.74
C ILE C 308 13.29 -26.92 21.61
N ILE C 309 11.97 -26.86 21.73
CA ILE C 309 11.13 -26.18 20.75
C ILE C 309 10.76 -24.78 21.22
N HIS C 310 10.39 -24.63 22.49
CA HIS C 310 9.97 -23.35 23.03
C HIS C 310 11.14 -22.46 23.44
N GLY C 311 12.36 -22.97 23.41
CA GLY C 311 13.53 -22.15 23.60
C GLY C 311 13.79 -21.26 22.40
N PRO C 312 14.00 -21.87 21.24
CA PRO C 312 14.15 -21.07 20.01
C PRO C 312 12.90 -20.27 19.65
N VAL C 313 11.73 -20.72 20.08
CA VAL C 313 10.51 -19.98 19.78
C VAL C 313 10.48 -18.67 20.56
N MET C 314 10.78 -18.73 21.86
CA MET C 314 10.83 -17.51 22.65
C MET C 314 11.96 -16.60 22.21
N ALA C 315 13.08 -17.17 21.77
CA ALA C 315 14.19 -16.35 21.28
C ALA C 315 13.80 -15.60 20.03
N ALA C 316 12.96 -16.20 19.17
CA ALA C 316 12.52 -15.52 17.96
C ALA C 316 11.55 -14.40 18.27
N LEU C 317 10.71 -14.59 19.30
CA LEU C 317 9.73 -13.56 19.65
C LEU C 317 10.36 -12.41 20.42
N VAL C 318 11.47 -12.65 21.12
CA VAL C 318 12.17 -11.56 21.79
C VAL C 318 12.81 -10.64 20.76
N VAL C 319 13.34 -11.21 19.67
CA VAL C 319 13.91 -10.39 18.61
C VAL C 319 12.80 -9.57 17.94
N ASN C 320 11.59 -10.11 17.86
CA ASN C 320 10.47 -9.34 17.32
C ASN C 320 10.11 -8.18 18.23
N PHE C 321 10.33 -8.31 19.54
CA PHE C 321 10.04 -7.22 20.46
C PHE C 321 11.04 -6.08 20.29
N PHE C 322 12.29 -6.39 19.95
CA PHE C 322 13.27 -5.35 19.72
C PHE C 322 13.16 -4.73 18.33
N PHE C 323 12.56 -5.44 17.38
CA PHE C 323 12.22 -4.82 16.10
C PHE C 323 11.08 -3.83 16.27
N LEU C 324 10.14 -4.13 17.16
CA LEU C 324 9.02 -3.23 17.41
C LEU C 324 9.49 -1.92 18.02
N LEU C 325 10.53 -1.97 18.86
CA LEU C 325 11.00 -0.77 19.52
C LEU C 325 11.62 0.21 18.53
N ASN C 326 12.30 -0.31 17.50
CA ASN C 326 12.89 0.56 16.50
C ASN C 326 11.84 1.11 15.54
N ILE C 327 10.79 0.35 15.26
CA ILE C 327 9.76 0.82 14.36
C ILE C 327 8.97 1.96 15.00
N VAL C 328 8.59 1.80 16.26
CA VAL C 328 7.88 2.88 16.95
C VAL C 328 8.82 4.03 17.29
N ARG C 329 10.14 3.79 17.29
CA ARG C 329 11.08 4.90 17.47
C ARG C 329 11.16 5.75 16.22
N VAL C 330 11.22 5.11 15.05
CA VAL C 330 11.23 5.85 13.80
C VAL C 330 9.89 6.54 13.57
N LEU C 331 8.80 5.92 14.01
CA LEU C 331 7.48 6.49 13.79
C LEU C 331 7.28 7.78 14.56
N VAL C 332 7.67 7.80 15.84
CA VAL C 332 7.52 9.01 16.63
C VAL C 332 8.54 10.07 16.24
N THR C 333 9.66 9.66 15.64
CA THR C 333 10.61 10.62 15.12
C THR C 333 10.10 11.27 13.84
N LYS C 334 9.36 10.52 13.02
CA LYS C 334 8.77 11.09 11.82
C LYS C 334 7.71 12.12 12.16
N MET C 335 7.05 11.96 13.32
CA MET C 335 6.01 12.90 13.71
C MET C 335 6.58 14.13 14.40
N ARG C 336 7.68 13.98 15.13
CA ARG C 336 8.30 15.15 15.75
C ARG C 336 8.90 16.09 14.71
N GLU C 337 9.26 15.56 13.54
CA GLU C 337 9.75 16.41 12.46
C GLU C 337 8.61 17.17 11.79
N THR C 338 7.40 16.63 11.86
CA THR C 338 6.22 17.30 11.32
C THR C 338 5.64 18.32 12.30
N HIS C 339 6.09 18.29 13.56
CA HIS C 339 5.64 19.22 14.61
C HIS C 339 4.16 19.02 14.94
N GLU C 340 3.76 17.76 15.13
CA GLU C 340 2.40 17.46 15.54
C GLU C 340 2.22 17.77 17.02
N ALA C 341 0.96 17.75 17.46
CA ALA C 341 0.63 18.08 18.83
C ALA C 341 1.03 16.95 19.78
N GLU C 342 1.04 17.28 21.08
CA GLU C 342 1.39 16.28 22.08
C GLU C 342 0.38 15.15 22.11
N SER C 343 -0.91 15.47 21.94
CA SER C 343 -1.95 14.46 21.99
C SER C 343 -1.87 13.54 20.77
N HIS C 344 -1.89 14.12 19.57
CA HIS C 344 -1.90 13.31 18.36
C HIS C 344 -0.65 12.45 18.23
N MET C 345 0.48 12.92 18.75
CA MET C 345 1.71 12.14 18.66
C MET C 345 1.63 10.88 19.51
N TYR C 346 1.10 11.00 20.74
CA TYR C 346 0.94 9.83 21.60
C TYR C 346 -0.29 9.02 21.23
N LEU C 347 -1.26 9.60 20.55
CA LEU C 347 -2.43 8.85 20.12
C LEU C 347 -2.07 7.88 19.00
N LYS C 348 -1.26 8.32 18.04
CA LYS C 348 -0.91 7.47 16.91
C LYS C 348 0.18 6.46 17.28
N ALA C 349 1.00 6.78 18.29
CA ALA C 349 1.99 5.81 18.77
C ALA C 349 1.31 4.62 19.43
N VAL C 350 0.18 4.86 20.09
CA VAL C 350 -0.59 3.77 20.69
C VAL C 350 -1.31 2.99 19.60
N LYS C 351 -1.86 3.68 18.61
CA LYS C 351 -2.57 3.01 17.52
C LYS C 351 -1.62 2.13 16.71
N ALA C 352 -0.43 2.64 16.41
CA ALA C 352 0.51 1.88 15.60
C ALA C 352 1.08 0.70 16.36
N THR C 353 1.22 0.84 17.68
CA THR C 353 1.76 -0.26 18.48
C THR C 353 0.74 -1.40 18.60
N MET C 354 -0.53 -1.06 18.78
CA MET C 354 -1.55 -2.09 18.98
C MET C 354 -1.87 -2.85 17.70
N ILE C 355 -1.55 -2.29 16.53
CA ILE C 355 -1.76 -3.04 15.29
C ILE C 355 -0.54 -3.90 14.93
N LEU C 356 0.60 -3.69 15.59
CA LEU C 356 1.76 -4.53 15.38
C LEU C 356 1.89 -5.63 16.42
N VAL C 357 1.12 -5.57 17.51
CA VAL C 357 1.18 -6.63 18.51
C VAL C 357 0.67 -7.96 17.97
N PRO C 358 -0.50 -8.04 17.31
CA PRO C 358 -0.92 -9.34 16.77
C PRO C 358 -0.02 -9.85 15.67
N LEU C 359 0.60 -8.97 14.88
CA LEU C 359 1.41 -9.42 13.77
C LEU C 359 2.73 -10.02 14.24
N LEU C 360 3.36 -9.40 15.23
CA LEU C 360 4.67 -9.81 15.69
C LEU C 360 4.62 -10.72 16.91
N GLY C 361 3.44 -10.93 17.49
CA GLY C 361 3.32 -11.79 18.65
C GLY C 361 3.99 -11.23 19.88
N ILE C 362 3.70 -9.97 20.19
CA ILE C 362 4.31 -9.33 21.35
C ILE C 362 3.66 -9.77 22.65
N GLN C 363 2.45 -10.35 22.59
CA GLN C 363 1.77 -10.78 23.81
C GLN C 363 2.52 -11.91 24.50
N PHE C 364 3.31 -12.68 23.75
CA PHE C 364 4.09 -13.76 24.35
C PHE C 364 5.30 -13.22 25.08
N VAL C 365 5.76 -12.02 24.74
CA VAL C 365 6.95 -11.46 25.36
C VAL C 365 6.59 -10.61 26.58
N VAL C 366 5.47 -9.89 26.53
CA VAL C 366 5.11 -9.04 27.65
C VAL C 366 4.49 -9.85 28.78
N PHE C 367 3.84 -10.98 28.46
CA PHE C 367 3.26 -11.88 29.45
C PHE C 367 3.84 -13.28 29.24
N PRO C 368 5.12 -13.48 29.57
CA PRO C 368 5.76 -14.77 29.31
C PRO C 368 5.71 -15.76 30.46
N TRP C 369 5.15 -15.38 31.61
CA TRP C 369 5.15 -16.22 32.79
C TRP C 369 3.79 -16.16 33.44
N ARG C 370 3.32 -17.31 33.91
CA ARG C 370 2.00 -17.37 34.56
C ARG C 370 2.14 -17.05 36.04
N PRO C 371 1.31 -16.17 36.59
CA PRO C 371 1.39 -15.86 38.02
C PRO C 371 1.03 -17.07 38.87
N SER C 372 1.68 -17.17 40.03
CA SER C 372 1.39 -18.26 40.96
C SER C 372 0.16 -17.99 41.80
N ASN C 373 -0.26 -16.74 41.94
CA ASN C 373 -1.47 -16.43 42.68
C ASN C 373 -2.68 -17.05 42.01
N LYS C 374 -3.69 -17.40 42.81
CA LYS C 374 -4.88 -18.04 42.29
C LYS C 374 -5.76 -17.03 41.55
N MET C 375 -5.99 -15.86 42.15
CA MET C 375 -6.82 -14.85 41.49
C MET C 375 -6.10 -14.23 40.29
N LEU C 376 -4.79 -14.00 40.42
CA LEU C 376 -4.03 -13.43 39.31
C LEU C 376 -3.86 -14.45 38.20
N GLY C 377 -3.54 -15.70 38.56
CA GLY C 377 -3.39 -16.74 37.55
C GLY C 377 -4.68 -17.03 36.81
N LYS C 378 -5.83 -16.79 37.45
CA LYS C 378 -7.10 -16.97 36.78
C LYS C 378 -7.30 -15.94 35.69
N ILE C 379 -7.02 -14.67 36.00
CA ILE C 379 -7.18 -13.61 35.01
C ILE C 379 -6.16 -13.76 33.89
N TYR C 380 -4.93 -14.17 34.23
CA TYR C 380 -3.92 -14.40 33.20
C TYR C 380 -4.35 -15.47 32.23
N ASP C 381 -4.96 -16.55 32.73
CA ASP C 381 -5.42 -17.62 31.84
C ASP C 381 -6.50 -17.11 30.90
N TYR C 382 -7.37 -16.22 31.37
CA TYR C 382 -8.43 -15.71 30.51
C TYR C 382 -7.88 -14.70 29.51
N VAL C 383 -6.86 -13.95 29.89
CA VAL C 383 -6.32 -12.92 29.01
C VAL C 383 -5.42 -13.53 27.95
N MET C 384 -4.50 -14.40 28.37
CA MET C 384 -3.52 -14.94 27.42
C MET C 384 -4.15 -15.96 26.48
N HIS C 385 -5.09 -16.76 26.97
CA HIS C 385 -5.78 -17.69 26.07
C HIS C 385 -6.62 -16.95 25.04
N SER C 386 -7.18 -15.79 25.42
CA SER C 386 -7.96 -15.01 24.47
C SER C 386 -7.06 -14.40 23.39
N LEU C 387 -5.84 -14.02 23.75
CA LEU C 387 -4.94 -13.42 22.77
C LEU C 387 -4.35 -14.48 21.85
N ILE C 388 -4.10 -15.68 22.38
CA ILE C 388 -3.46 -16.73 21.58
C ILE C 388 -4.43 -17.27 20.53
N HIS C 389 -5.65 -17.61 20.96
CA HIS C 389 -6.60 -18.27 20.07
C HIS C 389 -7.24 -17.31 19.08
N PHE C 390 -7.27 -16.01 19.38
CA PHE C 390 -7.83 -15.02 18.48
C PHE C 390 -6.77 -14.22 17.74
N GLN C 391 -5.50 -14.66 17.81
CA GLN C 391 -4.45 -13.91 17.14
C GLN C 391 -4.57 -14.00 15.63
N GLY C 392 -4.98 -15.15 15.10
CA GLY C 392 -5.21 -15.25 13.67
C GLY C 392 -6.40 -14.42 13.22
N PHE C 393 -7.41 -14.30 14.09
CA PHE C 393 -8.56 -13.46 13.77
C PHE C 393 -8.19 -11.98 13.79
N PHE C 394 -7.33 -11.57 14.73
CA PHE C 394 -6.93 -10.18 14.80
C PHE C 394 -6.06 -9.79 13.60
N VAL C 395 -5.15 -10.67 13.20
CA VAL C 395 -4.25 -10.35 12.09
C VAL C 395 -5.03 -10.23 10.79
N ALA C 396 -6.03 -11.09 10.58
CA ALA C 396 -6.81 -11.03 9.35
C ALA C 396 -7.66 -9.77 9.30
N THR C 397 -8.16 -9.31 10.45
CA THR C 397 -8.98 -8.11 10.46
C THR C 397 -8.14 -6.86 10.23
N ILE C 398 -6.97 -6.78 10.86
CA ILE C 398 -6.17 -5.56 10.78
C ILE C 398 -5.52 -5.40 9.42
N TYR C 399 -4.94 -6.48 8.88
CA TYR C 399 -4.10 -6.38 7.70
C TYR C 399 -4.82 -6.77 6.42
N CYS C 400 -6.04 -7.29 6.49
CA CYS C 400 -6.81 -7.55 5.28
C CYS C 400 -8.13 -6.79 5.24
N PHE C 401 -8.94 -6.87 6.29
CA PHE C 401 -10.29 -6.30 6.23
C PHE C 401 -10.29 -4.80 6.47
N CYS C 402 -9.43 -4.32 7.38
CA CYS C 402 -9.35 -2.90 7.67
C CYS C 402 -8.29 -2.19 6.83
N ASN C 403 -7.55 -2.91 5.99
CA ASN C 403 -6.57 -2.28 5.13
C ASN C 403 -7.26 -1.42 4.08
N ASN C 404 -6.85 -0.16 3.96
CA ASN C 404 -7.54 0.76 3.07
C ASN C 404 -7.32 0.41 1.60
N GLU C 405 -6.15 -0.11 1.24
CA GLU C 405 -5.94 -0.52 -0.14
C GLU C 405 -6.77 -1.74 -0.50
N VAL C 406 -7.14 -2.56 0.49
CA VAL C 406 -8.03 -3.69 0.23
C VAL C 406 -9.48 -3.22 0.17
N GLN C 407 -9.88 -2.33 1.08
CA GLN C 407 -11.24 -1.82 1.07
C GLN C 407 -11.53 -1.03 -0.20
N THR C 408 -10.56 -0.25 -0.67
CA THR C 408 -10.74 0.51 -1.90
C THR C 408 -10.80 -0.41 -3.12
N THR C 409 -10.00 -1.48 -3.11
CA THR C 409 -9.98 -2.38 -4.26
C THR C 409 -11.22 -3.27 -4.29
N VAL C 410 -11.66 -3.76 -3.14
CA VAL C 410 -12.81 -4.66 -3.10
C VAL C 410 -14.09 -3.90 -3.47
N LYS C 411 -14.25 -2.68 -2.97
CA LYS C 411 -15.43 -1.90 -3.30
C LYS C 411 -15.46 -1.52 -4.78
N ARG C 412 -14.29 -1.30 -5.37
CA ARG C 412 -14.24 -0.95 -6.79
C ARG C 412 -14.58 -2.14 -7.68
N GLN C 413 -14.23 -3.35 -7.25
CA GLN C 413 -14.51 -4.56 -8.01
C GLN C 413 -15.80 -5.24 -7.57
N TRP C 414 -16.65 -4.56 -6.82
CA TRP C 414 -17.93 -5.12 -6.42
C TRP C 414 -19.04 -4.09 -6.57
N ASP D 11 0.89 -26.42 -40.41
CA ASP D 11 0.31 -26.59 -39.08
C ASP D 11 0.25 -25.25 -38.33
N GLN D 12 -0.96 -24.78 -38.04
CA GLN D 12 -1.13 -23.54 -37.31
C GLN D 12 -0.67 -23.63 -35.86
N ARG D 13 -0.51 -24.84 -35.32
CA ARG D 13 0.02 -24.98 -33.97
C ARG D 13 1.49 -24.56 -33.91
N ASN D 14 2.21 -24.68 -35.03
CA ASN D 14 3.59 -24.23 -35.07
C ASN D 14 3.70 -22.72 -34.90
N GLU D 15 2.79 -21.98 -35.52
CA GLU D 15 2.81 -20.52 -35.40
C GLU D 15 2.48 -20.07 -33.98
N GLU D 16 1.64 -20.82 -33.27
CA GLU D 16 1.33 -20.46 -31.89
C GLU D 16 2.43 -20.88 -30.93
N LYS D 17 3.14 -21.97 -31.22
CA LYS D 17 4.30 -22.32 -30.41
C LYS D 17 5.43 -21.33 -30.63
N ALA D 18 5.58 -20.82 -31.86
CA ALA D 18 6.55 -19.77 -32.12
C ALA D 18 6.15 -18.46 -31.46
N GLN D 19 4.84 -18.27 -31.22
CA GLN D 19 4.38 -17.09 -30.51
C GLN D 19 4.68 -17.20 -29.02
N ARG D 20 4.51 -18.39 -28.45
CA ARG D 20 4.77 -18.56 -27.03
C ARG D 20 6.26 -18.47 -26.71
N GLU D 21 7.11 -18.93 -27.63
CA GLU D 21 8.55 -18.82 -27.39
C GLU D 21 9.05 -17.41 -27.60
N ALA D 22 8.41 -16.64 -28.49
CA ALA D 22 8.78 -15.24 -28.66
C ALA D 22 8.30 -14.40 -27.48
N ASN D 23 7.09 -14.69 -26.99
CA ASN D 23 6.61 -14.02 -25.78
C ASN D 23 7.43 -14.41 -24.56
N LYS D 24 7.97 -15.64 -24.55
CA LYS D 24 8.78 -16.07 -23.42
C LYS D 24 10.10 -15.30 -23.36
N LYS D 25 10.71 -15.05 -24.52
CA LYS D 25 11.95 -14.27 -24.55
C LYS D 25 11.72 -12.82 -24.17
N ILE D 26 10.53 -12.29 -24.46
CA ILE D 26 10.26 -10.88 -24.17
C ILE D 26 10.06 -10.67 -22.67
N GLU D 27 9.25 -11.51 -22.04
CA GLU D 27 9.02 -11.37 -20.61
C GLU D 27 10.23 -11.74 -19.78
N LYS D 28 11.19 -12.49 -20.34
CA LYS D 28 12.47 -12.65 -19.68
C LYS D 28 13.23 -11.34 -19.62
N GLN D 29 13.17 -10.55 -20.70
CA GLN D 29 13.80 -9.25 -20.72
C GLN D 29 13.01 -8.21 -19.94
N LEU D 30 11.68 -8.34 -19.91
CA LEU D 30 10.85 -7.36 -19.22
C LEU D 30 11.01 -7.42 -17.71
N GLN D 31 11.43 -8.55 -17.15
CA GLN D 31 11.71 -8.61 -15.73
C GLN D 31 13.14 -8.20 -15.41
N LYS D 32 14.05 -8.25 -16.38
CA LYS D 32 15.36 -7.65 -16.20
C LYS D 32 15.26 -6.13 -16.18
N ASP D 33 14.36 -5.57 -17.00
CA ASP D 33 14.13 -4.14 -17.00
C ASP D 33 13.28 -3.70 -15.82
N LYS D 34 12.47 -4.61 -15.26
CA LYS D 34 11.70 -4.28 -14.07
C LYS D 34 12.62 -4.09 -12.87
N GLN D 35 13.67 -4.90 -12.77
CA GLN D 35 14.63 -4.74 -11.68
C GLN D 35 15.37 -3.41 -11.80
N VAL D 36 15.65 -2.98 -13.03
CA VAL D 36 16.38 -1.73 -13.23
C VAL D 36 15.45 -0.54 -13.00
N TYR D 37 14.19 -0.67 -13.38
CA TYR D 37 13.25 0.44 -13.23
C TYR D 37 12.94 0.71 -11.77
N ARG D 38 12.72 -0.34 -10.98
CA ARG D 38 12.40 -0.15 -9.56
C ARG D 38 13.61 0.33 -8.77
N ALA D 39 14.82 0.02 -9.23
CA ALA D 39 16.01 0.43 -8.50
C ALA D 39 16.31 1.91 -8.69
N THR D 40 15.94 2.47 -9.84
CA THR D 40 16.20 3.87 -10.12
C THR D 40 15.10 4.75 -9.53
N HIS D 41 15.50 5.93 -9.07
CA HIS D 41 14.58 6.91 -8.49
C HIS D 41 14.56 8.15 -9.36
N ARG D 42 13.40 8.45 -9.94
CA ARG D 42 13.26 9.55 -10.87
C ARG D 42 12.92 10.84 -10.13
N LEU D 43 13.52 11.93 -10.58
CA LEU D 43 13.33 13.25 -9.96
C LEU D 43 13.07 14.28 -11.05
N LEU D 44 12.15 15.20 -10.77
CA LEU D 44 11.87 16.32 -11.66
C LEU D 44 12.51 17.58 -11.07
N LEU D 45 13.48 18.14 -11.80
CA LEU D 45 14.12 19.38 -11.41
C LEU D 45 13.37 20.54 -12.05
N LEU D 46 12.57 21.24 -11.25
CA LEU D 46 11.72 22.32 -11.73
C LEU D 46 12.19 23.63 -11.12
N GLY D 47 12.22 24.67 -11.93
CA GLY D 47 12.62 25.98 -11.45
C GLY D 47 12.57 26.98 -12.58
N ALA D 48 12.38 28.23 -12.19
CA ALA D 48 12.34 29.32 -13.16
C ALA D 48 13.75 29.74 -13.55
N GLY D 49 13.82 30.59 -14.58
CA GLY D 49 15.09 31.17 -14.94
C GLY D 49 15.60 32.13 -13.88
N GLU D 50 16.90 32.42 -13.96
CA GLU D 50 17.57 33.31 -13.01
C GLU D 50 17.44 32.82 -11.58
N SER D 51 17.39 31.50 -11.39
CA SER D 51 17.25 30.90 -10.08
C SER D 51 18.43 30.02 -9.67
N GLY D 52 19.41 29.84 -10.53
CA GLY D 52 20.52 28.95 -10.22
C GLY D 52 20.23 27.50 -10.48
N LYS D 53 19.17 27.19 -11.25
CA LYS D 53 18.81 25.81 -11.51
C LYS D 53 19.83 25.12 -12.40
N ASN D 54 20.27 25.81 -13.45
CA ASN D 54 21.23 25.20 -14.38
C ASN D 54 22.60 25.02 -13.74
N THR D 55 22.95 25.85 -12.76
CA THR D 55 24.23 25.69 -12.09
C THR D 55 24.28 24.41 -11.26
N ILE D 56 23.13 23.92 -10.82
CA ILE D 56 23.10 22.72 -9.99
C ILE D 56 23.34 21.47 -10.83
N VAL D 57 22.91 21.47 -12.09
CA VAL D 57 23.15 20.29 -12.92
C VAL D 57 24.60 20.22 -13.39
N LYS D 58 25.26 21.36 -13.57
CA LYS D 58 26.70 21.33 -13.83
C LYS D 58 27.46 20.90 -12.58
N GLN D 59 26.88 21.11 -11.40
CA GLN D 59 27.38 20.55 -10.16
C GLN D 59 27.03 19.07 -10.01
N MET D 60 26.08 18.58 -10.80
CA MET D 60 25.64 17.18 -10.77
C MET D 60 25.11 16.81 -9.39
N THR D 204 16.72 22.33 -30.09
CA THR D 204 17.55 21.58 -29.13
C THR D 204 16.74 20.45 -28.51
N SER D 205 17.31 19.83 -27.47
CA SER D 205 16.64 18.74 -26.78
C SER D 205 15.44 19.26 -26.01
N GLY D 206 14.39 18.45 -25.97
CA GLY D 206 13.19 18.81 -25.23
C GLY D 206 13.18 18.42 -23.78
N ILE D 207 14.17 17.64 -23.34
CA ILE D 207 14.32 17.29 -21.93
C ILE D 207 15.75 16.79 -21.73
N PHE D 208 16.34 17.16 -20.61
CA PHE D 208 17.71 16.79 -20.28
C PHE D 208 17.70 15.81 -19.12
N GLU D 209 18.41 14.70 -19.28
CA GLU D 209 18.50 13.65 -18.27
C GLU D 209 19.87 13.70 -17.61
N THR D 210 19.89 13.55 -16.29
CA THR D 210 21.11 13.55 -15.51
C THR D 210 21.10 12.31 -14.62
N LYS D 211 22.04 11.41 -14.83
CA LYS D 211 22.16 10.18 -14.06
C LYS D 211 23.27 10.35 -13.03
N PHE D 212 22.94 10.16 -11.75
CA PHE D 212 23.94 10.16 -10.70
C PHE D 212 23.59 9.06 -9.70
N GLN D 213 24.55 8.74 -8.84
CA GLN D 213 24.43 7.62 -7.92
C GLN D 213 25.00 8.03 -6.57
N VAL D 214 24.17 7.97 -5.53
CA VAL D 214 24.57 8.31 -4.17
C VAL D 214 24.38 7.07 -3.31
N ASP D 215 25.48 6.59 -2.71
CA ASP D 215 25.44 5.42 -1.83
C ASP D 215 24.85 4.21 -2.54
N LYS D 216 25.32 3.96 -3.76
CA LYS D 216 24.93 2.83 -4.61
C LYS D 216 23.45 2.85 -4.99
N VAL D 217 22.75 3.96 -4.75
CA VAL D 217 21.37 4.13 -5.18
C VAL D 217 21.37 5.04 -6.39
N ASN D 218 20.75 4.59 -7.47
CA ASN D 218 20.77 5.32 -8.74
C ASN D 218 19.61 6.30 -8.80
N PHE D 219 19.92 7.55 -9.12
CA PHE D 219 18.91 8.60 -9.29
C PHE D 219 18.95 9.09 -10.72
N HIS D 220 17.77 9.38 -11.27
CA HIS D 220 17.62 9.88 -12.64
C HIS D 220 16.86 11.20 -12.57
N MET D 221 17.58 12.31 -12.71
CA MET D 221 17.00 13.64 -12.62
C MET D 221 16.75 14.18 -14.02
N PHE D 222 15.57 14.77 -14.21
CA PHE D 222 15.13 15.27 -15.51
C PHE D 222 14.89 16.77 -15.43
N ASP D 223 15.54 17.52 -16.31
CA ASP D 223 15.40 18.96 -16.39
C ASP D 223 14.66 19.31 -17.67
N VAL D 224 13.55 20.02 -17.54
CA VAL D 224 12.73 20.38 -18.70
C VAL D 224 13.38 21.55 -19.42
N GLY D 225 13.72 21.34 -20.70
CA GLY D 225 14.25 22.40 -21.52
C GLY D 225 13.53 22.41 -22.86
N ALA D 226 13.58 23.58 -23.51
CA ALA D 226 12.92 23.78 -24.79
C ALA D 226 11.43 23.46 -24.70
N GLN D 227 10.79 23.99 -23.65
CA GLN D 227 9.35 23.89 -23.48
C GLN D 227 8.81 25.28 -23.15
N ARG D 228 7.55 25.51 -23.55
CA ARG D 228 6.93 26.80 -23.28
C ARG D 228 6.59 26.94 -21.80
N ASP D 229 6.31 28.17 -21.39
CA ASP D 229 6.02 28.46 -19.99
C ASP D 229 4.63 28.00 -19.57
N GLU D 230 3.88 27.35 -20.44
CA GLU D 230 2.59 26.75 -20.08
C GLU D 230 2.85 25.32 -19.64
N ARG D 231 2.85 25.08 -18.33
CA ARG D 231 3.26 23.80 -17.77
C ARG D 231 2.10 22.89 -17.40
N ARG D 232 0.85 23.36 -17.49
CA ARG D 232 -0.26 22.61 -16.93
C ARG D 232 -0.49 21.26 -17.62
N LYS D 233 0.11 21.04 -18.77
CA LYS D 233 -0.10 19.77 -19.47
C LYS D 233 1.07 18.80 -19.28
N TRP D 234 2.30 19.24 -19.54
CA TRP D 234 3.44 18.33 -19.42
C TRP D 234 3.91 18.16 -17.98
N ILE D 235 3.31 18.86 -17.02
CA ILE D 235 3.67 18.63 -15.62
C ILE D 235 3.00 17.38 -15.08
N GLN D 236 1.95 16.88 -15.74
CA GLN D 236 1.28 15.68 -15.27
C GLN D 236 2.09 14.42 -15.53
N CYS D 237 3.08 14.48 -16.43
CA CYS D 237 3.94 13.33 -16.69
C CYS D 237 4.82 12.98 -15.50
N PHE D 238 4.95 13.87 -14.52
CA PHE D 238 5.84 13.67 -13.39
C PHE D 238 5.07 13.46 -12.09
N ASN D 239 3.92 12.78 -12.16
CA ASN D 239 3.16 12.47 -10.97
C ASN D 239 3.71 11.27 -10.22
N ASP D 240 4.50 10.43 -10.87
CA ASP D 240 5.06 9.22 -10.28
C ASP D 240 6.52 9.37 -9.89
N VAL D 241 7.08 10.57 -10.01
CA VAL D 241 8.46 10.77 -9.57
C VAL D 241 8.53 10.70 -8.05
N THR D 242 9.74 10.46 -7.54
CA THR D 242 9.93 10.40 -6.10
C THR D 242 9.72 11.77 -5.46
N ALA D 243 10.29 12.82 -6.07
CA ALA D 243 10.13 14.16 -5.55
C ALA D 243 10.33 15.16 -6.69
N ILE D 244 9.78 16.35 -6.51
CA ILE D 244 9.99 17.46 -7.42
C ILE D 244 10.93 18.44 -6.73
N ILE D 245 12.07 18.71 -7.37
CA ILE D 245 13.07 19.62 -6.82
C ILE D 245 12.74 21.01 -7.33
N PHE D 246 12.10 21.81 -6.49
CA PHE D 246 11.65 23.15 -6.83
C PHE D 246 12.68 24.15 -6.35
N VAL D 247 13.38 24.79 -7.29
CA VAL D 247 14.45 25.73 -6.99
C VAL D 247 13.89 27.14 -7.08
N VAL D 248 14.09 27.92 -6.00
CA VAL D 248 13.61 29.30 -5.92
C VAL D 248 14.80 30.20 -5.66
N ALA D 249 14.77 31.40 -6.25
CA ALA D 249 15.78 32.41 -5.99
C ALA D 249 15.28 33.30 -4.85
N SER D 250 15.97 33.24 -3.71
CA SER D 250 15.54 34.02 -2.55
C SER D 250 15.84 35.50 -2.72
N SER D 251 16.86 35.84 -3.51
CA SER D 251 17.24 37.24 -3.68
C SER D 251 16.26 38.01 -4.57
N SER D 252 15.44 37.30 -5.35
CA SER D 252 14.56 37.95 -6.32
C SER D 252 13.21 38.26 -5.66
N TYR D 253 13.19 39.34 -4.88
CA TYR D 253 11.96 39.87 -4.32
C TYR D 253 11.72 41.33 -4.69
N ASN D 254 12.65 41.99 -5.34
CA ASN D 254 12.46 43.37 -5.78
C ASN D 254 12.11 43.42 -7.26
N THR D 263 8.06 42.96 -11.66
CA THR D 263 8.66 41.62 -11.61
C THR D 263 8.18 40.85 -10.39
N ASN D 264 8.89 41.02 -9.26
CA ASN D 264 8.59 40.32 -8.02
C ASN D 264 8.59 38.80 -8.26
N ARG D 265 9.78 38.30 -8.59
CA ARG D 265 9.93 36.89 -8.93
C ARG D 265 9.62 35.95 -7.77
N LEU D 266 9.72 36.43 -6.53
CA LEU D 266 9.41 35.57 -5.39
C LEU D 266 7.93 35.28 -5.30
N GLN D 267 7.09 36.28 -5.58
CA GLN D 267 5.65 36.06 -5.62
C GLN D 267 5.27 35.17 -6.80
N ALA D 268 5.99 35.28 -7.91
CA ALA D 268 5.76 34.39 -9.05
C ALA D 268 6.09 32.95 -8.71
N ALA D 269 7.08 32.73 -7.83
CA ALA D 269 7.43 31.38 -7.42
C ALA D 269 6.52 30.87 -6.32
N LEU D 270 5.94 31.77 -5.52
CA LEU D 270 4.97 31.34 -4.51
C LEU D 270 3.68 30.87 -5.15
N LYS D 271 3.30 31.46 -6.28
CA LYS D 271 2.09 31.04 -6.97
C LYS D 271 2.32 29.77 -7.77
N LEU D 272 3.53 29.57 -8.31
CA LEU D 272 3.85 28.33 -9.00
C LEU D 272 3.91 27.16 -8.03
N PHE D 273 4.52 27.37 -6.86
CA PHE D 273 4.54 26.34 -5.83
C PHE D 273 3.13 26.04 -5.33
N ASP D 274 2.26 27.06 -5.29
CA ASP D 274 0.88 26.85 -4.86
C ASP D 274 0.12 26.01 -5.88
N SER D 275 0.38 26.21 -7.17
CA SER D 275 -0.29 25.43 -8.19
C SER D 275 0.20 23.98 -8.19
N ILE D 276 1.50 23.78 -7.98
CA ILE D 276 2.05 22.43 -7.92
C ILE D 276 1.53 21.69 -6.69
N TRP D 277 1.44 22.40 -5.57
CA TRP D 277 1.04 21.75 -4.31
C TRP D 277 -0.41 21.30 -4.37
N ASN D 278 -1.27 22.07 -5.00
CA ASN D 278 -2.71 21.81 -5.02
C ASN D 278 -3.17 21.17 -6.32
N ASN D 279 -2.26 20.76 -7.19
CA ASN D 279 -2.64 20.03 -8.39
C ASN D 279 -3.08 18.62 -8.01
N LYS D 280 -4.17 18.17 -8.62
CA LYS D 280 -4.76 16.89 -8.23
C LYS D 280 -3.85 15.71 -8.56
N TRP D 281 -3.02 15.84 -9.58
CA TRP D 281 -2.12 14.75 -9.95
C TRP D 281 -0.80 14.80 -9.20
N LEU D 282 -0.46 15.94 -8.62
CA LEU D 282 0.75 16.10 -7.83
C LEU D 282 0.47 16.16 -6.33
N ARG D 283 -0.67 15.64 -5.89
CA ARG D 283 -1.05 15.67 -4.48
C ARG D 283 -0.37 14.57 -3.66
N ASP D 284 0.15 13.54 -4.30
CA ASP D 284 0.93 12.52 -3.61
C ASP D 284 2.43 12.66 -3.88
N THR D 285 2.84 13.67 -4.63
CA THR D 285 4.23 13.90 -4.96
C THR D 285 4.81 14.93 -4.00
N SER D 286 5.82 14.53 -3.24
CA SER D 286 6.49 15.46 -2.35
C SER D 286 7.38 16.41 -3.15
N VAL D 287 7.67 17.55 -2.55
CA VAL D 287 8.46 18.60 -3.20
C VAL D 287 9.66 18.91 -2.33
N ILE D 288 10.85 18.88 -2.92
CA ILE D 288 12.07 19.31 -2.26
C ILE D 288 12.30 20.77 -2.64
N LEU D 289 12.18 21.66 -1.67
CA LEU D 289 12.23 23.10 -1.91
C LEU D 289 13.64 23.60 -1.67
N PHE D 290 14.28 24.09 -2.72
CA PHE D 290 15.63 24.66 -2.63
C PHE D 290 15.48 26.18 -2.69
N LEU D 291 15.58 26.83 -1.53
CA LEU D 291 15.58 28.29 -1.45
C LEU D 291 16.98 28.76 -1.83
N ASN D 292 17.23 28.80 -3.13
CA ASN D 292 18.56 29.02 -3.66
C ASN D 292 18.96 30.50 -3.52
N LYS D 293 20.20 30.79 -3.89
CA LYS D 293 20.75 32.15 -3.89
C LYS D 293 20.69 32.78 -2.51
N GLN D 294 21.06 32.00 -1.49
CA GLN D 294 21.14 32.54 -0.13
C GLN D 294 22.31 33.50 0.01
N ASP D 295 23.39 33.28 -0.74
CA ASP D 295 24.53 34.18 -0.67
C ASP D 295 24.20 35.54 -1.25
N LEU D 296 23.37 35.57 -2.29
CA LEU D 296 22.95 36.84 -2.88
C LEU D 296 21.88 37.52 -2.05
N LEU D 297 21.03 36.74 -1.38
CA LEU D 297 20.03 37.32 -0.48
C LEU D 297 20.71 38.02 0.69
N ALA D 298 21.81 37.47 1.19
CA ALA D 298 22.49 38.06 2.33
C ALA D 298 23.03 39.44 2.00
N GLU D 299 23.66 39.59 0.84
CA GLU D 299 24.19 40.89 0.44
C GLU D 299 23.07 41.89 0.21
N LYS D 300 21.93 41.43 -0.30
CA LYS D 300 20.82 42.34 -0.55
C LYS D 300 20.17 42.80 0.75
N VAL D 301 20.02 41.89 1.72
CA VAL D 301 19.43 42.25 2.99
C VAL D 301 20.38 43.10 3.82
N LEU D 302 21.68 42.84 3.72
CA LEU D 302 22.65 43.60 4.50
C LEU D 302 22.62 45.09 4.14
N ALA D 303 22.26 45.42 2.91
CA ALA D 303 22.11 46.80 2.51
C ALA D 303 20.70 47.30 2.80
N GLY D 304 20.59 48.58 3.11
CA GLY D 304 19.31 49.20 3.38
C GLY D 304 18.57 49.68 2.16
N LYS D 305 18.98 49.26 0.96
CA LYS D 305 18.31 49.72 -0.26
C LYS D 305 17.08 48.88 -0.57
N SER D 306 17.17 47.57 -0.43
CA SER D 306 16.07 46.66 -0.75
C SER D 306 15.33 46.29 0.53
N LYS D 307 14.07 46.70 0.62
CA LYS D 307 13.23 46.46 1.79
C LYS D 307 12.16 45.46 1.42
N ILE D 308 12.22 44.27 2.03
CA ILE D 308 11.20 43.25 1.80
C ILE D 308 9.84 43.67 2.33
N GLU D 309 9.79 44.71 3.16
CA GLU D 309 8.52 45.24 3.64
C GLU D 309 7.69 45.85 2.53
N ASP D 310 8.31 46.24 1.42
CA ASP D 310 7.56 46.86 0.33
C ASP D 310 6.76 45.84 -0.45
N TYR D 311 7.38 44.72 -0.82
CA TYR D 311 6.71 43.69 -1.58
C TYR D 311 5.97 42.68 -0.70
N PHE D 312 6.26 42.67 0.60
CA PHE D 312 5.56 41.81 1.56
C PHE D 312 5.33 42.63 2.83
N PRO D 313 4.18 43.29 2.95
CA PRO D 313 3.95 44.15 4.12
C PRO D 313 3.72 43.39 5.41
N GLU D 314 3.47 42.08 5.36
CA GLU D 314 3.37 41.28 6.58
C GLU D 314 4.73 40.98 7.19
N PHE D 315 5.81 41.32 6.49
CA PHE D 315 7.15 41.22 7.04
C PHE D 315 7.41 42.24 8.14
N ALA D 316 6.55 43.25 8.26
CA ALA D 316 6.76 44.29 9.28
C ALA D 316 6.48 43.78 10.69
N ARG D 317 5.68 42.72 10.81
CA ARG D 317 5.33 42.16 12.11
C ARG D 317 5.82 40.73 12.27
N TYR D 318 6.64 40.23 11.34
CA TYR D 318 7.17 38.88 11.43
C TYR D 318 8.29 38.82 12.45
N THR D 319 8.31 37.74 13.22
CA THR D 319 9.37 37.48 14.18
C THR D 319 9.96 36.11 13.92
N THR D 320 11.28 36.01 14.03
CA THR D 320 11.96 34.75 13.79
C THR D 320 11.47 33.70 14.77
N PRO D 321 11.11 32.50 14.31
CA PRO D 321 10.65 31.46 15.24
C PRO D 321 11.77 31.01 16.16
N GLU D 322 11.39 30.49 17.33
CA GLU D 322 12.38 30.03 18.28
C GLU D 322 13.12 28.80 17.77
N ASP D 323 12.46 27.94 16.99
CA ASP D 323 13.11 26.75 16.46
C ASP D 323 14.05 27.06 15.30
N ALA D 324 14.12 28.31 14.86
CA ALA D 324 15.01 28.67 13.76
C ALA D 324 16.47 28.54 14.20
N THR D 325 17.25 27.80 13.41
CA THR D 325 18.66 27.57 13.69
C THR D 325 19.50 28.50 12.83
N PRO D 326 20.01 29.61 13.34
CA PRO D 326 20.84 30.49 12.51
C PRO D 326 22.19 29.88 12.22
N GLU D 327 22.70 30.16 11.03
CA GLU D 327 24.04 29.74 10.68
C GLU D 327 25.05 30.42 11.59
N PRO D 328 26.22 29.81 11.81
CA PRO D 328 27.21 30.43 12.70
C PRO D 328 27.70 31.77 12.16
N GLY D 329 27.52 32.81 12.98
CA GLY D 329 28.01 34.13 12.64
C GLY D 329 27.29 34.79 11.48
N GLU D 330 25.97 34.92 11.57
CA GLU D 330 25.19 35.59 10.55
C GLU D 330 24.25 36.61 11.19
N ASP D 331 23.87 37.61 10.40
CA ASP D 331 23.01 38.67 10.90
C ASP D 331 21.60 38.13 11.18
N PRO D 332 20.99 38.52 12.31
CA PRO D 332 19.58 38.15 12.52
C PRO D 332 18.64 38.74 11.49
N ARG D 333 18.99 39.90 10.91
CA ARG D 333 18.17 40.46 9.84
C ARG D 333 18.19 39.59 8.60
N VAL D 334 19.27 38.84 8.39
CA VAL D 334 19.29 37.86 7.31
C VAL D 334 18.60 36.58 7.73
N THR D 335 18.69 36.24 9.02
CA THR D 335 17.97 35.07 9.53
C THR D 335 16.47 35.28 9.47
N ARG D 336 16.01 36.46 9.90
CA ARG D 336 14.58 36.76 9.86
C ARG D 336 14.08 36.84 8.42
N ALA D 337 14.92 37.35 7.51
CA ALA D 337 14.50 37.48 6.13
C ALA D 337 14.37 36.12 5.45
N LYS D 338 15.40 35.27 5.56
CA LYS D 338 15.38 34.00 4.84
C LYS D 338 14.39 33.01 5.46
N TYR D 339 14.10 33.15 6.76
CA TYR D 339 13.11 32.29 7.38
C TYR D 339 11.70 32.79 7.11
N PHE D 340 11.53 34.09 6.89
CA PHE D 340 10.24 34.61 6.48
C PHE D 340 9.83 34.08 5.11
N ILE D 341 10.79 34.04 4.17
CA ILE D 341 10.52 33.52 2.84
C ILE D 341 10.14 32.03 2.92
N ARG D 342 10.79 31.29 3.82
CA ARG D 342 10.47 29.88 3.96
C ARG D 342 9.06 29.67 4.53
N ASP D 343 8.65 30.52 5.48
CA ASP D 343 7.32 30.39 6.04
C ASP D 343 6.23 30.74 5.03
N GLU D 344 6.55 31.60 4.05
CA GLU D 344 5.60 31.86 2.98
C GLU D 344 5.31 30.62 2.17
N PHE D 345 6.34 29.77 1.98
CA PHE D 345 6.14 28.51 1.28
C PHE D 345 5.55 27.45 2.19
N LEU D 346 5.91 27.46 3.47
CA LEU D 346 5.37 26.50 4.42
C LEU D 346 3.93 26.79 4.80
N ARG D 347 3.46 28.03 4.62
CA ARG D 347 2.05 28.32 4.82
C ARG D 347 1.19 27.68 3.74
N ILE D 348 1.70 27.65 2.51
CA ILE D 348 1.00 26.97 1.43
C ILE D 348 1.09 25.45 1.62
N SER D 349 2.24 24.96 2.08
CA SER D 349 2.45 23.53 2.18
C SER D 349 1.61 22.90 3.28
N THR D 350 1.41 23.62 4.38
CA THR D 350 0.63 23.11 5.49
C THR D 350 -0.85 23.45 5.41
N ALA D 351 -1.25 24.33 4.49
CA ALA D 351 -2.67 24.65 4.34
C ALA D 351 -3.46 23.46 3.83
N SER D 352 -2.87 22.69 2.91
CA SER D 352 -3.51 21.50 2.36
C SER D 352 -2.56 20.32 2.48
N GLY D 353 -3.10 19.13 2.30
CA GLY D 353 -2.33 17.91 2.45
C GLY D 353 -2.70 17.13 3.69
N ASP D 354 -3.11 15.87 3.50
CA ASP D 354 -3.52 15.01 4.61
C ASP D 354 -2.45 13.99 4.96
N GLY D 355 -1.19 14.38 4.91
CA GLY D 355 -0.10 13.44 5.09
C GLY D 355 0.25 12.65 3.85
N ARG D 356 -0.33 12.99 2.70
CA ARG D 356 -0.06 12.28 1.46
C ARG D 356 1.27 12.70 0.86
N HIS D 357 1.59 14.00 0.92
CA HIS D 357 2.86 14.51 0.43
C HIS D 357 3.36 15.58 1.39
N TYR D 358 4.66 15.81 1.37
CA TYR D 358 5.30 16.75 2.28
C TYR D 358 6.24 17.66 1.49
N CYS D 359 6.65 18.74 2.13
CA CYS D 359 7.58 19.71 1.56
C CYS D 359 8.83 19.76 2.43
N TYR D 360 9.99 19.70 1.79
CA TYR D 360 11.27 19.69 2.50
C TYR D 360 12.06 20.93 2.11
N PRO D 361 11.99 22.00 2.90
CA PRO D 361 12.70 23.23 2.54
C PRO D 361 14.16 23.20 2.95
N HIS D 362 15.02 23.71 2.07
CA HIS D 362 16.45 23.80 2.32
C HIS D 362 16.97 25.14 1.86
N PHE D 363 17.85 25.74 2.66
CA PHE D 363 18.55 26.95 2.27
C PHE D 363 19.77 26.56 1.44
N THR D 364 19.78 26.97 0.17
CA THR D 364 20.66 26.40 -0.82
C THR D 364 21.49 27.50 -1.48
N CYS D 365 22.73 27.15 -1.81
CA CYS D 365 23.55 27.91 -2.74
C CYS D 365 23.81 27.04 -3.96
N ALA D 366 24.00 27.70 -5.11
CA ALA D 366 24.15 26.95 -6.36
C ALA D 366 25.43 26.14 -6.39
N VAL D 367 26.47 26.59 -5.68
CA VAL D 367 27.77 25.95 -5.72
C VAL D 367 27.93 24.97 -4.57
N ASP D 368 26.84 24.75 -3.82
CA ASP D 368 26.91 23.88 -2.65
C ASP D 368 27.06 22.43 -3.07
N THR D 369 28.04 21.74 -2.47
CA THR D 369 28.26 20.33 -2.74
C THR D 369 27.24 19.45 -2.03
N GLU D 370 26.67 19.92 -0.92
CA GLU D 370 25.74 19.15 -0.10
C GLU D 370 24.36 19.00 -0.75
N ASN D 371 24.19 19.43 -2.00
CA ASN D 371 22.87 19.42 -2.61
C ASN D 371 22.41 18.03 -3.00
N ILE D 372 23.32 17.16 -3.43
CA ILE D 372 22.94 15.80 -3.76
C ILE D 372 22.64 15.00 -2.50
N ARG D 373 23.32 15.31 -1.41
CA ARG D 373 23.05 14.62 -0.15
C ARG D 373 21.73 15.07 0.46
N ARG D 374 21.34 16.33 0.22
CA ARG D 374 20.04 16.79 0.68
C ARG D 374 18.91 16.07 -0.04
N VAL D 375 19.06 15.86 -1.36
CA VAL D 375 18.04 15.15 -2.11
C VAL D 375 18.02 13.68 -1.72
N PHE D 376 19.20 13.10 -1.46
CA PHE D 376 19.26 11.70 -1.04
C PHE D 376 18.57 11.51 0.30
N ASN D 377 18.86 12.38 1.27
CA ASN D 377 18.26 12.24 2.59
C ASN D 377 16.76 12.54 2.57
N ASP D 378 16.32 13.45 1.70
CA ASP D 378 14.90 13.74 1.61
C ASP D 378 14.16 12.64 0.88
N CYS D 379 14.76 12.07 -0.16
CA CYS D 379 14.14 10.95 -0.85
C CYS D 379 14.09 9.71 0.04
N ARG D 380 15.06 9.55 0.93
CA ARG D 380 15.00 8.45 1.89
C ARG D 380 13.85 8.62 2.87
N ASP D 381 13.49 9.87 3.18
CA ASP D 381 12.33 10.11 4.03
C ASP D 381 11.03 9.84 3.27
N ILE D 382 10.97 10.24 2.00
CA ILE D 382 9.76 10.04 1.21
C ILE D 382 9.47 8.55 1.05
N ILE D 383 10.50 7.75 0.78
CA ILE D 383 10.31 6.31 0.63
C ILE D 383 9.96 5.68 1.97
N GLN D 384 10.53 6.21 3.05
CA GLN D 384 10.24 5.67 4.38
C GLN D 384 8.79 5.93 4.78
N ARG D 385 8.29 7.14 4.50
CA ARG D 385 6.88 7.42 4.77
C ARG D 385 5.96 6.65 3.84
N MET D 386 6.45 6.30 2.65
CA MET D 386 5.67 5.49 1.74
C MET D 386 5.51 4.06 2.27
N HIS D 387 6.56 3.54 2.91
CA HIS D 387 6.47 2.21 3.51
C HIS D 387 5.59 2.22 4.74
N LEU D 388 5.67 3.28 5.56
CA LEU D 388 4.83 3.37 6.75
C LEU D 388 3.36 3.49 6.39
N ARG D 389 3.04 4.12 5.26
CA ARG D 389 1.65 4.27 4.87
C ARG D 389 1.07 2.96 4.34
N GLN D 390 1.90 2.12 3.72
CA GLN D 390 1.42 0.84 3.21
C GLN D 390 1.00 -0.08 4.36
N TYR D 391 1.70 0.00 5.49
CA TYR D 391 1.35 -0.77 6.67
C TYR D 391 0.34 -0.06 7.56
N GLU D 392 -0.21 1.07 7.10
CA GLU D 392 -1.17 1.88 7.86
C GLU D 392 -0.60 2.31 9.21
N LEU D 393 0.73 2.39 9.34
CA LEU D 393 1.33 2.84 10.58
C LEU D 393 1.30 4.36 10.68
N LEU D 394 1.40 5.06 9.56
CA LEU D 394 1.40 6.52 9.56
C LEU D 394 0.73 7.06 8.32
N SER E 12 -4.88 54.56 -33.84
CA SER E 12 -4.33 53.28 -33.41
C SER E 12 -4.68 52.18 -34.41
N GLU E 13 -3.65 51.65 -35.08
CA GLU E 13 -3.87 50.60 -36.06
C GLU E 13 -4.08 49.25 -35.40
N LEU E 14 -3.56 49.06 -34.18
CA LEU E 14 -3.73 47.80 -33.50
C LEU E 14 -5.17 47.60 -33.04
N ASP E 15 -5.75 48.63 -32.39
CA ASP E 15 -7.14 48.52 -31.96
C ASP E 15 -8.09 48.44 -33.15
N GLN E 16 -7.79 49.15 -34.23
CA GLN E 16 -8.63 49.04 -35.43
C GLN E 16 -8.65 47.62 -35.96
N LEU E 17 -7.50 46.92 -35.88
CA LEU E 17 -7.48 45.51 -36.25
C LEU E 17 -8.20 44.66 -35.21
N ARG E 18 -8.27 45.13 -33.96
CA ARG E 18 -8.96 44.37 -32.92
C ARG E 18 -10.48 44.50 -33.04
N GLN E 19 -10.96 45.69 -33.40
CA GLN E 19 -12.40 45.88 -33.57
C GLN E 19 -12.90 45.24 -34.86
N GLU E 20 -12.08 45.25 -35.91
CA GLU E 20 -12.48 44.60 -37.15
C GLU E 20 -12.53 43.09 -36.99
N ALA E 21 -11.71 42.54 -36.09
CA ALA E 21 -11.81 41.12 -35.76
C ALA E 21 -13.06 40.83 -34.93
N GLU E 22 -13.51 41.81 -34.14
CA GLU E 22 -14.73 41.62 -33.36
C GLU E 22 -15.96 41.58 -34.25
N GLN E 23 -16.00 42.43 -35.29
CA GLN E 23 -17.12 42.39 -36.23
C GLN E 23 -17.10 41.13 -37.07
N LEU E 24 -15.90 40.66 -37.44
CA LEU E 24 -15.80 39.40 -38.16
C LEU E 24 -16.24 38.23 -37.30
N LYS E 25 -15.99 38.29 -35.98
CA LYS E 25 -16.47 37.25 -35.09
C LYS E 25 -17.98 37.32 -34.93
N ASN E 26 -18.55 38.54 -34.93
CA ASN E 26 -20.00 38.67 -34.84
C ASN E 26 -20.66 38.23 -36.14
N GLN E 27 -20.01 38.47 -37.28
CA GLN E 27 -20.55 38.00 -38.55
C GLN E 27 -20.58 36.48 -38.61
N ILE E 28 -19.53 35.83 -38.11
CA ILE E 28 -19.50 34.37 -38.11
C ILE E 28 -20.50 33.82 -37.09
N ARG E 29 -20.62 34.47 -35.94
CA ARG E 29 -21.52 33.99 -34.90
C ARG E 29 -22.97 34.08 -35.34
N ASP E 30 -23.33 35.13 -36.08
CA ASP E 30 -24.69 35.25 -36.59
C ASP E 30 -24.93 34.35 -37.80
N ALA E 31 -23.90 34.12 -38.62
CA ALA E 31 -24.05 33.20 -39.73
C ALA E 31 -24.20 31.76 -39.23
N ARG E 32 -23.61 31.43 -38.08
CA ARG E 32 -23.81 30.12 -37.50
C ARG E 32 -25.20 29.98 -36.89
N LYS E 33 -25.72 31.07 -36.31
CA LYS E 33 -27.04 31.03 -35.71
C LYS E 33 -28.14 30.97 -36.76
N ALA E 34 -27.89 31.52 -37.94
CA ALA E 34 -28.87 31.43 -39.02
C ALA E 34 -29.05 30.00 -39.49
N CYS E 35 -28.01 29.17 -39.39
CA CYS E 35 -28.12 27.76 -39.77
C CYS E 35 -28.66 26.88 -38.66
N ALA E 36 -28.68 27.38 -37.42
CA ALA E 36 -29.17 26.61 -36.28
C ALA E 36 -30.70 26.69 -36.23
N ASP E 37 -31.33 25.94 -37.13
CA ASP E 37 -32.78 25.94 -37.21
C ASP E 37 -33.40 24.99 -36.18
N ALA E 38 -32.78 23.84 -35.95
CA ALA E 38 -33.28 22.87 -35.00
C ALA E 38 -32.09 22.20 -34.31
N THR E 39 -32.35 21.72 -33.09
CA THR E 39 -31.31 21.06 -32.30
C THR E 39 -31.21 19.59 -32.68
N LEU E 40 -30.04 19.00 -32.42
CA LEU E 40 -29.85 17.58 -32.65
C LEU E 40 -30.77 16.75 -31.76
N SER E 41 -31.10 17.27 -30.57
CA SER E 41 -32.02 16.57 -29.69
C SER E 41 -33.44 16.58 -30.24
N GLN E 42 -33.79 17.57 -31.07
CA GLN E 42 -35.12 17.60 -31.67
C GLN E 42 -35.22 16.67 -32.86
N ILE E 43 -34.10 16.40 -33.55
CA ILE E 43 -34.13 15.51 -34.70
C ILE E 43 -34.12 14.05 -34.26
N THR E 44 -33.27 13.71 -33.28
CA THR E 44 -33.13 12.35 -32.79
C THR E 44 -34.05 12.06 -31.61
N ASN E 45 -35.19 12.75 -31.52
CA ASN E 45 -36.06 12.61 -30.36
C ASN E 45 -36.72 11.24 -30.33
N ASN E 46 -37.23 10.78 -31.47
CA ASN E 46 -38.08 9.60 -31.52
C ASN E 46 -37.33 8.33 -31.89
N ILE E 47 -36.00 8.37 -31.94
CA ILE E 47 -35.23 7.16 -32.22
C ILE E 47 -35.16 6.29 -30.96
N ASP E 48 -34.94 5.01 -31.17
CA ASP E 48 -34.89 4.07 -30.05
C ASP E 48 -33.59 4.26 -29.28
N PRO E 49 -33.64 4.29 -27.95
CA PRO E 49 -32.40 4.30 -27.17
C PRO E 49 -31.67 2.98 -27.31
N VAL E 50 -30.35 3.04 -27.12
CA VAL E 50 -29.53 1.85 -27.31
C VAL E 50 -29.73 0.87 -26.16
N GLY E 51 -30.09 1.36 -24.98
CA GLY E 51 -30.18 0.50 -23.81
C GLY E 51 -28.89 0.46 -23.04
N ARG E 52 -28.91 -0.31 -21.95
CA ARG E 52 -27.72 -0.45 -21.12
C ARG E 52 -26.65 -1.24 -21.87
N ILE E 53 -25.45 -0.68 -21.92
CA ILE E 53 -24.32 -1.30 -22.61
C ILE E 53 -23.48 -2.00 -21.54
N GLN E 54 -23.61 -3.32 -21.47
CA GLN E 54 -22.85 -4.13 -20.52
C GLN E 54 -21.69 -4.77 -21.27
N MET E 55 -20.48 -4.30 -21.00
CA MET E 55 -19.28 -4.81 -21.64
C MET E 55 -18.34 -5.38 -20.58
N ARG E 56 -17.76 -6.53 -20.88
CA ARG E 56 -16.90 -7.26 -19.97
C ARG E 56 -15.45 -7.16 -20.41
N THR E 57 -14.55 -7.19 -19.44
CA THR E 57 -13.12 -7.23 -19.72
C THR E 57 -12.75 -8.62 -20.22
N ARG E 58 -12.33 -8.71 -21.48
CA ARG E 58 -11.95 -9.99 -22.05
C ARG E 58 -10.48 -10.30 -21.84
N ARG E 59 -9.61 -9.31 -22.00
CA ARG E 59 -8.17 -9.48 -21.85
C ARG E 59 -7.62 -8.42 -20.91
N THR E 60 -6.49 -8.74 -20.29
CA THR E 60 -5.74 -7.80 -19.47
C THR E 60 -4.27 -7.95 -19.78
N LEU E 61 -3.66 -6.91 -20.32
CA LEU E 61 -2.26 -6.92 -20.73
C LEU E 61 -1.41 -6.38 -19.59
N ARG E 62 -0.56 -7.24 -19.02
CA ARG E 62 0.16 -6.94 -17.79
C ARG E 62 1.66 -6.88 -18.00
N GLY E 63 2.11 -6.17 -19.03
CA GLY E 63 3.52 -6.09 -19.32
C GLY E 63 4.21 -4.82 -18.84
N HIS E 64 3.51 -3.69 -18.91
CA HIS E 64 4.13 -2.41 -18.64
C HIS E 64 4.42 -2.23 -17.16
N LEU E 65 5.43 -1.41 -16.87
CA LEU E 65 5.86 -1.13 -15.50
C LEU E 65 5.37 0.21 -14.98
N ALA E 66 5.14 1.17 -15.86
CA ALA E 66 4.70 2.50 -15.48
C ALA E 66 3.35 2.79 -16.12
N LYS E 67 2.89 4.04 -15.98
CA LYS E 67 1.59 4.42 -16.50
C LYS E 67 1.59 4.40 -18.02
N ILE E 68 0.54 3.81 -18.60
CA ILE E 68 0.38 3.78 -20.04
C ILE E 68 -0.16 5.13 -20.50
N TYR E 69 0.59 5.80 -21.37
CA TYR E 69 0.20 7.12 -21.84
C TYR E 69 -0.56 7.09 -23.15
N ALA E 70 -0.29 6.12 -24.01
CA ALA E 70 -0.98 6.03 -25.30
C ALA E 70 -1.02 4.59 -25.76
N MET E 71 -1.92 4.32 -26.69
CA MET E 71 -1.98 3.04 -27.38
C MET E 71 -2.58 3.27 -28.75
N HIS E 72 -2.33 2.34 -29.67
CA HIS E 72 -2.89 2.43 -31.01
C HIS E 72 -3.07 1.04 -31.58
N TRP E 73 -4.24 0.78 -32.14
CA TRP E 73 -4.54 -0.49 -32.78
C TRP E 73 -3.87 -0.58 -34.15
N GLY E 74 -3.59 -1.81 -34.56
CA GLY E 74 -3.23 -2.04 -35.95
C GLY E 74 -4.45 -2.17 -36.83
N THR E 75 -4.24 -1.98 -38.13
CA THR E 75 -5.37 -2.06 -39.06
C THR E 75 -5.90 -3.48 -39.21
N ASP E 76 -5.13 -4.49 -38.80
CA ASP E 76 -5.61 -5.87 -38.81
C ASP E 76 -6.50 -6.17 -37.62
N SER E 77 -6.70 -5.22 -36.71
CA SER E 77 -7.57 -5.33 -35.54
C SER E 77 -7.16 -6.43 -34.59
N ARG E 78 -5.93 -6.92 -34.69
CA ARG E 78 -5.41 -7.95 -33.80
C ARG E 78 -4.18 -7.49 -33.03
N LEU E 79 -3.29 -6.75 -33.65
CA LEU E 79 -2.08 -6.26 -33.01
C LEU E 79 -2.27 -4.80 -32.60
N LEU E 80 -1.75 -4.45 -31.43
CA LEU E 80 -1.80 -3.08 -30.95
C LEU E 80 -0.48 -2.72 -30.29
N VAL E 81 -0.10 -1.46 -30.43
CA VAL E 81 1.11 -0.92 -29.81
C VAL E 81 0.69 -0.15 -28.57
N SER E 82 1.55 -0.16 -27.55
CA SER E 82 1.29 0.53 -26.31
C SER E 82 2.54 1.26 -25.87
N ALA E 83 2.38 2.53 -25.49
CA ALA E 83 3.47 3.36 -25.01
C ALA E 83 3.30 3.57 -23.52
N SER E 84 4.38 3.37 -22.77
CA SER E 84 4.38 3.56 -21.33
C SER E 84 5.60 4.37 -20.94
N GLN E 85 5.45 5.15 -19.87
CA GLN E 85 6.49 6.09 -19.46
C GLN E 85 7.62 5.44 -18.68
N ASP E 86 7.76 4.12 -18.75
CA ASP E 86 8.98 3.45 -18.31
C ASP E 86 9.97 3.28 -19.45
N GLY E 87 9.60 3.70 -20.67
CA GLY E 87 10.50 3.64 -21.81
C GLY E 87 10.37 2.37 -22.61
N LYS E 88 9.13 1.95 -22.88
CA LYS E 88 8.87 0.70 -23.59
C LYS E 88 7.73 0.86 -24.57
N LEU E 89 7.91 0.32 -25.77
CA LEU E 89 6.86 0.15 -26.75
C LEU E 89 6.62 -1.34 -26.92
N ILE E 90 5.47 -1.82 -26.46
CA ILE E 90 5.15 -3.24 -26.50
C ILE E 90 4.09 -3.46 -27.58
N ILE E 91 4.40 -4.32 -28.54
CA ILE E 91 3.42 -4.78 -29.52
C ILE E 91 2.76 -6.03 -28.96
N TRP E 92 1.42 -5.99 -28.86
CA TRP E 92 0.66 -7.06 -28.27
C TRP E 92 -0.09 -7.84 -29.34
N ASP E 93 -0.19 -9.15 -29.16
CA ASP E 93 -1.16 -9.96 -29.89
C ASP E 93 -2.40 -10.04 -29.02
N SER E 94 -3.41 -9.24 -29.35
CA SER E 94 -4.57 -9.12 -28.47
C SER E 94 -5.35 -10.42 -28.34
N TYR E 95 -5.29 -11.28 -29.37
CA TYR E 95 -6.04 -12.53 -29.32
C TYR E 95 -5.43 -13.49 -28.29
N THR E 96 -4.12 -13.66 -28.34
CA THR E 96 -3.42 -14.63 -27.49
C THR E 96 -2.72 -13.97 -26.30
N THR E 97 -2.87 -12.66 -26.12
CA THR E 97 -2.21 -11.86 -25.09
C THR E 97 -0.69 -11.95 -25.14
N ASN E 98 -0.12 -12.49 -26.22
CA ASN E 98 1.31 -12.61 -26.34
C ASN E 98 1.93 -11.28 -26.76
N LYS E 99 3.17 -11.06 -26.34
CA LYS E 99 3.92 -9.87 -26.72
C LYS E 99 4.73 -10.17 -27.97
N VAL E 100 4.45 -9.44 -29.05
CA VAL E 100 5.18 -9.65 -30.30
C VAL E 100 6.53 -8.96 -30.26
N HIS E 101 6.56 -7.70 -29.85
CA HIS E 101 7.79 -6.93 -29.75
C HIS E 101 7.80 -6.16 -28.45
N ALA E 102 8.99 -5.75 -28.04
CA ALA E 102 9.19 -4.85 -26.90
C ALA E 102 10.36 -3.96 -27.24
N ILE E 103 10.08 -2.70 -27.53
CA ILE E 103 11.07 -1.76 -28.03
C ILE E 103 11.51 -0.86 -26.88
N PRO E 104 12.79 -0.90 -26.48
CA PRO E 104 13.28 0.08 -25.50
C PRO E 104 13.49 1.43 -26.17
N LEU E 105 12.95 2.48 -25.56
CA LEU E 105 13.03 3.82 -26.09
C LEU E 105 14.17 4.59 -25.42
N ARG E 106 14.74 5.55 -26.17
CA ARG E 106 15.80 6.37 -25.62
C ARG E 106 15.26 7.32 -24.55
N SER E 107 14.09 7.90 -24.80
CA SER E 107 13.43 8.80 -23.85
C SER E 107 12.30 8.06 -23.17
N SER E 108 12.30 8.10 -21.83
CA SER E 108 11.28 7.42 -21.04
C SER E 108 10.00 8.22 -20.88
N TRP E 109 9.88 9.36 -21.55
CA TRP E 109 8.75 10.26 -21.40
C TRP E 109 7.89 10.28 -22.66
N VAL E 110 7.69 9.11 -23.26
CA VAL E 110 6.84 9.00 -24.44
C VAL E 110 5.41 9.35 -24.06
N MET E 111 4.76 10.17 -24.88
CA MET E 111 3.38 10.57 -24.64
C MET E 111 2.45 10.18 -25.75
N THR E 112 2.95 9.62 -26.85
CA THR E 112 2.11 9.21 -27.97
C THR E 112 2.79 8.07 -28.70
N CYS E 113 1.97 7.27 -29.38
CA CYS E 113 2.47 6.16 -30.18
C CYS E 113 1.47 5.89 -31.30
N ALA E 114 2.01 5.50 -32.45
CA ALA E 114 1.19 5.26 -33.63
C ALA E 114 1.60 3.94 -34.27
N TYR E 115 0.65 3.35 -34.99
CA TYR E 115 0.84 2.12 -35.73
C TYR E 115 0.62 2.41 -37.20
N ALA E 116 1.58 2.04 -38.04
CA ALA E 116 1.45 2.31 -39.46
C ALA E 116 0.31 1.50 -40.06
N PRO E 117 -0.43 2.05 -41.02
CA PRO E 117 -1.48 1.25 -41.67
C PRO E 117 -0.95 -0.01 -42.34
N SER E 118 0.27 0.05 -42.89
CA SER E 118 0.87 -1.15 -43.47
C SER E 118 1.29 -2.14 -42.39
N GLY E 119 1.56 -1.67 -41.18
CA GLY E 119 1.98 -2.53 -40.10
C GLY E 119 3.47 -2.76 -40.00
N ASN E 120 4.26 -2.08 -40.83
CA ASN E 120 5.71 -2.27 -40.86
C ASN E 120 6.46 -1.33 -39.94
N TYR E 121 5.82 -0.26 -39.46
CA TYR E 121 6.49 0.73 -38.64
C TYR E 121 5.61 1.12 -37.46
N VAL E 122 6.26 1.59 -36.40
CA VAL E 122 5.61 2.26 -35.30
C VAL E 122 6.36 3.55 -35.02
N ALA E 123 5.67 4.52 -34.44
CA ALA E 123 6.24 5.80 -34.10
C ALA E 123 5.91 6.14 -32.66
N CYS E 124 6.75 6.95 -32.04
CA CYS E 124 6.52 7.38 -30.67
C CYS E 124 7.25 8.70 -30.44
N GLY E 125 6.72 9.47 -29.50
CA GLY E 125 7.33 10.75 -29.15
C GLY E 125 6.85 11.19 -27.80
N GLY E 126 7.46 12.26 -27.31
CA GLY E 126 7.10 12.78 -26.00
C GLY E 126 7.78 14.08 -25.68
N LEU E 127 8.29 14.19 -24.45
CA LEU E 127 8.95 15.43 -24.02
C LEU E 127 10.28 15.64 -24.73
N ASP E 128 10.80 14.64 -25.43
CA ASP E 128 12.07 14.81 -26.14
C ASP E 128 11.91 15.63 -27.41
N ASN E 129 10.68 15.95 -27.80
CA ASN E 129 10.36 16.75 -28.99
C ASN E 129 10.74 16.06 -30.29
N ILE E 130 10.86 14.73 -30.27
CA ILE E 130 11.29 13.96 -31.43
C ILE E 130 10.28 12.85 -31.70
N CYS E 131 9.98 12.62 -32.98
CA CYS E 131 9.16 11.49 -33.40
C CYS E 131 10.08 10.43 -33.98
N SER E 132 10.19 9.30 -33.28
CA SER E 132 11.10 8.22 -33.66
C SER E 132 10.32 7.14 -34.39
N ILE E 133 10.75 6.82 -35.60
CA ILE E 133 10.14 5.76 -36.40
C ILE E 133 10.93 4.48 -36.20
N TYR E 134 10.23 3.39 -35.88
CA TYR E 134 10.84 2.10 -35.63
C TYR E 134 10.40 1.12 -36.70
N ASN E 135 11.36 0.52 -37.39
CA ASN E 135 11.08 -0.45 -38.45
C ASN E 135 10.87 -1.82 -37.83
N LEU E 136 9.67 -2.37 -37.99
CA LEU E 136 9.35 -3.66 -37.40
C LEU E 136 9.82 -4.82 -38.27
N LYS E 137 9.74 -4.65 -39.60
CA LYS E 137 10.07 -5.73 -40.54
C LYS E 137 11.53 -5.67 -40.98
N THR E 138 12.44 -5.63 -40.01
CA THR E 138 13.87 -5.58 -40.32
C THR E 138 14.36 -6.96 -40.73
N ARG E 139 15.44 -6.97 -41.53
CA ARG E 139 15.95 -8.23 -42.04
C ARG E 139 16.59 -9.06 -40.92
N GLU E 140 17.33 -8.41 -40.02
CA GLU E 140 17.89 -9.12 -38.89
C GLU E 140 16.81 -9.59 -37.92
N GLY E 141 15.59 -9.07 -38.03
CA GLY E 141 14.44 -9.59 -37.32
C GLY E 141 14.02 -8.82 -36.10
N ASN E 142 14.89 -7.99 -35.53
CA ASN E 142 14.57 -7.23 -34.32
C ASN E 142 14.42 -5.75 -34.66
N VAL E 143 13.50 -5.08 -33.95
CA VAL E 143 13.15 -3.71 -34.29
C VAL E 143 14.31 -2.78 -33.99
N ARG E 144 14.61 -1.88 -34.94
CA ARG E 144 15.57 -0.83 -34.76
C ARG E 144 14.96 0.50 -35.19
N VAL E 145 15.50 1.59 -34.65
CA VAL E 145 15.01 2.93 -35.00
C VAL E 145 15.55 3.29 -36.38
N SER E 146 14.64 3.65 -37.28
CA SER E 146 15.02 3.95 -38.65
C SER E 146 15.14 5.45 -38.93
N ARG E 147 14.43 6.29 -38.19
CA ARG E 147 14.39 7.71 -38.48
C ARG E 147 13.94 8.47 -37.25
N GLU E 148 14.48 9.67 -37.08
CA GLU E 148 14.08 10.57 -36.00
C GLU E 148 13.78 11.94 -36.58
N LEU E 149 12.64 12.51 -36.20
CA LEU E 149 12.18 13.80 -36.70
C LEU E 149 12.29 14.84 -35.59
N ALA E 150 13.16 15.82 -35.77
CA ALA E 150 13.55 16.73 -34.70
C ALA E 150 13.24 18.19 -34.99
N GLY E 151 12.18 18.48 -35.76
CA GLY E 151 11.88 19.87 -36.08
C GLY E 151 11.12 20.59 -34.98
N HIS E 152 10.26 19.88 -34.26
CA HIS E 152 9.38 20.52 -33.29
C HIS E 152 10.16 21.14 -32.14
N THR E 153 9.62 22.22 -31.59
CA THR E 153 10.21 22.92 -30.46
C THR E 153 9.43 22.73 -29.17
N GLY E 154 8.40 21.90 -29.18
CA GLY E 154 7.67 21.56 -27.97
C GLY E 154 7.43 20.07 -27.91
N TYR E 155 6.92 19.63 -26.77
CA TYR E 155 6.67 18.20 -26.57
C TYR E 155 5.67 17.68 -27.59
N LEU E 156 5.85 16.43 -27.99
CA LEU E 156 4.96 15.81 -28.96
C LEU E 156 3.75 15.22 -28.24
N SER E 157 2.56 15.67 -28.65
CA SER E 157 1.32 15.20 -28.03
C SER E 157 0.67 14.06 -28.78
N CYS E 158 0.79 14.03 -30.10
CA CYS E 158 0.14 13.01 -30.91
C CYS E 158 0.88 12.88 -32.23
N CYS E 159 0.80 11.68 -32.81
CA CYS E 159 1.39 11.42 -34.12
C CYS E 159 0.54 10.36 -34.81
N ARG E 160 0.34 10.52 -36.12
CA ARG E 160 -0.46 9.61 -36.90
C ARG E 160 0.15 9.42 -38.28
N PHE E 161 0.17 8.19 -38.75
CA PHE E 161 0.71 7.87 -40.06
C PHE E 161 -0.31 8.18 -41.15
N LEU E 162 0.15 8.82 -42.23
CA LEU E 162 -0.67 8.88 -43.44
C LEU E 162 -0.40 7.66 -44.32
N ASP E 163 0.86 7.37 -44.57
CA ASP E 163 1.29 6.14 -45.23
C ASP E 163 2.65 5.78 -44.66
N ASP E 164 3.38 4.90 -45.36
CA ASP E 164 4.69 4.48 -44.88
C ASP E 164 5.71 5.62 -44.91
N ASN E 165 5.47 6.67 -45.69
CA ASN E 165 6.45 7.74 -45.86
C ASN E 165 5.97 9.09 -45.32
N GLN E 166 4.75 9.18 -44.82
CA GLN E 166 4.22 10.43 -44.30
C GLN E 166 3.66 10.22 -42.90
N ILE E 167 3.83 11.23 -42.05
CA ILE E 167 3.32 11.17 -40.68
C ILE E 167 3.01 12.59 -40.23
N VAL E 168 1.91 12.75 -39.51
CA VAL E 168 1.48 14.05 -38.99
C VAL E 168 1.64 14.05 -37.48
N THR E 169 2.29 15.07 -36.95
CA THR E 169 2.56 15.18 -35.53
C THR E 169 2.04 16.52 -35.00
N SER E 170 1.39 16.48 -33.84
CA SER E 170 1.02 17.68 -33.10
C SER E 170 1.95 17.85 -31.92
N SER E 171 2.24 19.09 -31.56
CA SER E 171 3.24 19.37 -30.55
C SER E 171 2.73 20.45 -29.60
N GLY E 172 3.39 20.53 -28.44
CA GLY E 172 3.09 21.52 -27.43
C GLY E 172 3.57 22.91 -27.75
N ASP E 173 4.20 23.13 -28.90
CA ASP E 173 4.58 24.45 -29.36
C ASP E 173 3.49 25.12 -30.20
N THR E 174 2.23 24.72 -29.99
CA THR E 174 1.07 25.27 -30.68
C THR E 174 1.14 25.06 -32.19
N THR E 175 1.80 23.98 -32.64
CA THR E 175 2.04 23.77 -34.05
C THR E 175 1.89 22.29 -34.39
N CYS E 176 1.29 22.02 -35.54
CA CYS E 176 1.27 20.69 -36.15
C CYS E 176 2.13 20.70 -37.40
N ALA E 177 2.70 19.55 -37.73
CA ALA E 177 3.62 19.45 -38.85
C ALA E 177 3.41 18.15 -39.61
N LEU E 178 3.66 18.21 -40.91
CA LEU E 178 3.65 17.04 -41.79
C LEU E 178 5.09 16.71 -42.17
N TRP E 179 5.44 15.43 -42.13
CA TRP E 179 6.81 14.99 -42.28
C TRP E 179 6.96 14.04 -43.46
N ASP E 180 8.04 14.21 -44.21
CA ASP E 180 8.51 13.17 -45.12
C ASP E 180 9.47 12.27 -44.38
N ILE E 181 9.17 10.97 -44.31
CA ILE E 181 9.92 10.10 -43.42
C ILE E 181 11.28 9.72 -44.00
N GLU E 182 11.36 9.44 -45.31
CA GLU E 182 12.63 9.03 -45.88
C GLU E 182 13.65 10.18 -45.88
N THR E 183 13.18 11.41 -46.04
CA THR E 183 14.03 12.57 -45.99
C THR E 183 14.13 13.18 -44.59
N GLY E 184 13.13 12.92 -43.73
CA GLY E 184 13.16 13.43 -42.37
C GLY E 184 13.02 14.93 -42.27
N GLN E 185 12.28 15.55 -43.18
CA GLN E 185 12.11 16.99 -43.20
C GLN E 185 10.63 17.36 -43.17
N GLN E 186 10.31 18.44 -42.46
CA GLN E 186 8.96 18.97 -42.48
C GLN E 186 8.61 19.47 -43.86
N THR E 187 7.52 18.94 -44.42
CA THR E 187 7.01 19.41 -45.70
C THR E 187 5.92 20.45 -45.56
N THR E 188 5.15 20.40 -44.48
CA THR E 188 4.11 21.38 -44.21
C THR E 188 4.00 21.59 -42.70
N THR E 189 3.84 22.84 -42.30
CA THR E 189 3.61 23.19 -40.90
C THR E 189 2.25 23.85 -40.77
N PHE E 190 1.54 23.53 -39.69
CA PHE E 190 0.18 24.00 -39.46
C PHE E 190 0.17 24.88 -38.22
N THR E 191 0.04 26.19 -38.42
CA THR E 191 0.06 27.16 -37.34
C THR E 191 -1.29 27.85 -37.25
N GLY E 192 -1.58 28.39 -36.07
CA GLY E 192 -2.83 29.07 -35.83
C GLY E 192 -3.39 28.87 -34.44
N HIS E 193 -3.02 27.77 -33.79
CA HIS E 193 -3.44 27.55 -32.41
C HIS E 193 -2.64 28.46 -31.48
N THR E 194 -3.29 28.85 -30.38
CA THR E 194 -2.66 29.66 -29.35
C THR E 194 -2.39 28.88 -28.08
N GLY E 195 -2.57 27.55 -28.11
CA GLY E 195 -2.27 26.72 -26.96
C GLY E 195 -1.65 25.41 -27.41
N ASP E 196 -1.21 24.63 -26.42
CA ASP E 196 -0.60 23.34 -26.70
C ASP E 196 -1.59 22.44 -27.43
N VAL E 197 -1.26 22.06 -28.66
CA VAL E 197 -2.09 21.10 -29.38
C VAL E 197 -1.96 19.74 -28.73
N MET E 198 -3.08 19.21 -28.23
CA MET E 198 -3.04 18.01 -27.40
C MET E 198 -3.33 16.73 -28.17
N SER E 199 -4.00 16.81 -29.31
CA SER E 199 -4.34 15.61 -30.06
C SER E 199 -4.71 15.99 -31.48
N LEU E 200 -4.71 14.99 -32.35
CA LEU E 200 -5.14 15.14 -33.74
C LEU E 200 -5.84 13.88 -34.18
N SER E 201 -6.71 14.03 -35.18
CA SER E 201 -7.46 12.89 -35.71
C SER E 201 -7.53 13.02 -37.22
N LEU E 202 -7.10 11.98 -37.92
CA LEU E 202 -7.11 12.00 -39.38
C LEU E 202 -8.50 11.62 -39.90
N ALA E 203 -8.86 12.21 -41.02
CA ALA E 203 -10.10 11.85 -41.68
C ALA E 203 -9.97 10.49 -42.35
N PRO E 204 -11.08 9.79 -42.58
CA PRO E 204 -11.00 8.51 -43.30
C PRO E 204 -10.31 8.63 -44.66
N ASP E 205 -10.55 9.72 -45.38
CA ASP E 205 -9.88 9.93 -46.66
C ASP E 205 -8.45 10.46 -46.48
N THR E 206 -8.09 10.90 -45.28
CA THR E 206 -6.78 11.44 -44.91
C THR E 206 -6.45 12.73 -45.65
N ARG E 207 -7.42 13.33 -46.35
CA ARG E 207 -7.18 14.63 -46.97
C ARG E 207 -7.22 15.76 -45.94
N LEU E 208 -7.88 15.54 -44.81
CA LEU E 208 -8.02 16.54 -43.76
C LEU E 208 -7.71 15.90 -42.42
N PHE E 209 -7.44 16.75 -41.43
CA PHE E 209 -7.32 16.29 -40.06
C PHE E 209 -7.71 17.44 -39.13
N VAL E 210 -8.18 17.08 -37.94
CA VAL E 210 -8.66 18.04 -36.96
C VAL E 210 -7.77 17.93 -35.72
N SER E 211 -7.52 19.06 -35.07
CA SER E 211 -6.65 19.12 -33.91
C SER E 211 -7.27 20.00 -32.84
N GLY E 212 -7.19 19.56 -31.59
CA GLY E 212 -7.68 20.34 -30.47
C GLY E 212 -6.56 20.76 -29.54
N ALA E 213 -6.51 22.04 -29.20
CA ALA E 213 -5.42 22.60 -28.41
C ALA E 213 -5.94 23.07 -27.06
N CYS E 214 -5.05 23.67 -26.29
CA CYS E 214 -5.35 24.17 -24.95
C CYS E 214 -5.90 25.59 -24.96
N ASP E 215 -6.37 26.08 -26.11
CA ASP E 215 -7.06 27.34 -26.20
C ASP E 215 -8.58 27.16 -26.29
N ALA E 216 -9.09 26.01 -25.84
CA ALA E 216 -10.51 25.68 -25.91
C ALA E 216 -11.04 25.71 -27.33
N SER E 217 -10.18 25.42 -28.30
CA SER E 217 -10.52 25.53 -29.71
C SER E 217 -10.06 24.29 -30.46
N ALA E 218 -10.78 23.97 -31.53
CA ALA E 218 -10.41 22.89 -32.45
C ALA E 218 -10.37 23.47 -33.85
N LYS E 219 -9.41 23.02 -34.66
CA LYS E 219 -9.21 23.53 -36.00
C LYS E 219 -9.18 22.40 -37.01
N LEU E 220 -9.76 22.65 -38.18
CA LEU E 220 -9.75 21.69 -39.28
C LEU E 220 -8.70 22.13 -40.29
N TRP E 221 -7.74 21.24 -40.57
CA TRP E 221 -6.61 21.55 -41.44
C TRP E 221 -6.72 20.79 -42.75
N ASP E 222 -6.27 21.42 -43.83
CA ASP E 222 -6.12 20.76 -45.11
C ASP E 222 -4.68 20.30 -45.25
N VAL E 223 -4.49 19.00 -45.49
CA VAL E 223 -3.14 18.44 -45.48
C VAL E 223 -2.35 18.91 -46.70
N ARG E 224 -3.00 18.96 -47.87
CA ARG E 224 -2.26 19.28 -49.09
C ARG E 224 -1.86 20.75 -49.16
N GLU E 225 -2.74 21.64 -48.72
CA GLU E 225 -2.47 23.07 -48.79
C GLU E 225 -1.96 23.67 -47.49
N GLY E 226 -2.07 22.96 -46.38
CA GLY E 226 -1.51 23.45 -45.13
C GLY E 226 -2.18 24.68 -44.58
N MET E 227 -3.50 24.79 -44.74
CA MET E 227 -4.26 25.93 -44.25
C MET E 227 -5.33 25.45 -43.29
N CYS E 228 -5.76 26.36 -42.42
CA CYS E 228 -6.85 26.09 -41.49
C CYS E 228 -8.17 26.41 -42.18
N ARG E 229 -9.02 25.39 -42.32
CA ARG E 229 -10.29 25.56 -43.00
C ARG E 229 -11.34 26.17 -42.08
N GLN E 230 -11.57 25.56 -40.92
CA GLN E 230 -12.59 26.01 -39.99
C GLN E 230 -12.04 25.97 -38.58
N THR E 231 -12.60 26.81 -37.72
CA THR E 231 -12.27 26.85 -36.30
C THR E 231 -13.54 26.62 -35.50
N PHE E 232 -13.47 25.74 -34.51
CA PHE E 232 -14.64 25.31 -33.75
C PHE E 232 -14.45 25.68 -32.29
N THR E 233 -15.34 26.53 -31.78
CA THR E 233 -15.33 26.94 -30.39
C THR E 233 -16.59 26.43 -29.71
N GLY E 234 -16.65 26.61 -28.39
CA GLY E 234 -17.77 26.15 -27.60
C GLY E 234 -17.34 25.55 -26.29
N HIS E 235 -16.16 24.95 -26.26
CA HIS E 235 -15.62 24.43 -25.01
C HIS E 235 -15.16 25.58 -24.11
N GLU E 236 -15.06 25.29 -22.82
CA GLU E 236 -14.65 26.29 -21.84
C GLU E 236 -13.23 26.12 -21.35
N SER E 237 -12.62 24.95 -21.57
CA SER E 237 -11.28 24.68 -21.07
C SER E 237 -10.50 23.94 -22.15
N ASP E 238 -9.31 23.47 -21.79
CA ASP E 238 -8.42 22.83 -22.75
C ASP E 238 -9.04 21.56 -23.32
N ILE E 239 -8.90 21.37 -24.62
CA ILE E 239 -9.36 20.16 -25.29
C ILE E 239 -8.24 19.13 -25.22
N ASN E 240 -8.53 17.98 -24.58
CA ASN E 240 -7.53 16.95 -24.37
C ASN E 240 -7.56 15.85 -25.43
N ALA E 241 -8.74 15.55 -25.98
CA ALA E 241 -8.88 14.46 -26.92
C ALA E 241 -9.79 14.87 -28.06
N ILE E 242 -9.66 14.19 -29.19
CA ILE E 242 -10.44 14.49 -30.38
C ILE E 242 -10.51 13.22 -31.23
N CYS E 243 -11.61 13.05 -31.93
CA CYS E 243 -11.83 11.84 -32.73
C CYS E 243 -12.84 12.14 -33.81
N PHE E 244 -12.60 11.62 -35.01
CA PHE E 244 -13.46 11.84 -36.15
C PHE E 244 -14.64 10.88 -36.15
N PHE E 245 -15.75 11.33 -36.70
CA PHE E 245 -16.88 10.45 -36.94
C PHE E 245 -16.55 9.51 -38.10
N PRO E 246 -17.10 8.28 -38.08
CA PRO E 246 -16.79 7.32 -39.15
C PRO E 246 -16.98 7.83 -40.57
N ASN E 247 -17.94 8.73 -40.81
CA ASN E 247 -18.12 9.23 -42.16
C ASN E 247 -17.22 10.41 -42.49
N GLY E 248 -16.63 11.05 -41.49
CA GLY E 248 -15.72 12.16 -41.71
C GLY E 248 -16.39 13.51 -41.86
N ASN E 249 -17.66 13.64 -41.48
CA ASN E 249 -18.37 14.91 -41.54
C ASN E 249 -18.60 15.52 -40.17
N ALA E 250 -18.02 14.93 -39.12
CA ALA E 250 -18.18 15.44 -37.78
C ALA E 250 -17.05 14.88 -36.93
N PHE E 251 -16.88 15.45 -35.73
CA PHE E 251 -15.88 14.98 -34.79
C PHE E 251 -16.33 15.30 -33.38
N ALA E 252 -15.72 14.63 -32.41
CA ALA E 252 -16.03 14.80 -31.01
C ALA E 252 -14.78 15.21 -30.24
N THR E 253 -14.95 16.12 -29.29
CA THR E 253 -13.86 16.65 -28.49
C THR E 253 -14.12 16.40 -27.02
N GLY E 254 -13.06 16.09 -26.28
CA GLY E 254 -13.13 15.96 -24.83
C GLY E 254 -12.24 16.99 -24.17
N SER E 255 -12.78 17.69 -23.19
CA SER E 255 -12.10 18.84 -22.60
C SER E 255 -12.04 18.70 -21.09
N ASP E 256 -11.35 19.66 -20.45
CA ASP E 256 -11.19 19.69 -19.01
C ASP E 256 -12.42 20.22 -18.28
N ASP E 257 -13.38 20.82 -18.99
CA ASP E 257 -14.61 21.26 -18.36
C ASP E 257 -15.58 20.12 -18.08
N ALA E 258 -15.12 18.86 -18.15
CA ALA E 258 -15.90 17.67 -17.87
C ALA E 258 -17.00 17.44 -18.90
N THR E 259 -16.85 17.98 -20.11
CA THR E 259 -17.88 17.92 -21.13
C THR E 259 -17.29 17.40 -22.44
N CYS E 260 -18.04 16.53 -23.11
CA CYS E 260 -17.77 16.15 -24.49
C CYS E 260 -18.76 16.86 -25.40
N ARG E 261 -18.28 17.29 -26.56
CA ARG E 261 -19.12 17.97 -27.52
C ARG E 261 -18.92 17.40 -28.92
N LEU E 262 -19.97 17.46 -29.72
CA LEU E 262 -19.95 16.96 -31.10
C LEU E 262 -20.08 18.14 -32.04
N PHE E 263 -19.12 18.29 -32.95
CA PHE E 263 -19.08 19.38 -33.90
C PHE E 263 -19.30 18.85 -35.31
N ASP E 264 -20.09 19.57 -36.10
CA ASP E 264 -20.30 19.22 -37.50
C ASP E 264 -19.45 20.13 -38.38
N LEU E 265 -18.87 19.56 -39.43
CA LEU E 265 -18.00 20.32 -40.31
C LEU E 265 -18.81 21.23 -41.23
N ARG E 266 -19.86 20.70 -41.86
CA ARG E 266 -20.64 21.48 -42.79
C ARG E 266 -21.56 22.49 -42.11
N ALA E 267 -21.98 22.20 -40.87
CA ALA E 267 -22.76 23.17 -40.11
C ALA E 267 -21.87 24.19 -39.41
N ASP E 268 -20.60 23.85 -39.18
CA ASP E 268 -19.60 24.73 -38.59
C ASP E 268 -19.91 25.10 -37.14
N GLN E 269 -20.67 24.27 -36.44
CA GLN E 269 -21.00 24.55 -35.05
C GLN E 269 -21.21 23.23 -34.32
N GLU E 270 -21.20 23.30 -32.99
CA GLU E 270 -21.42 22.11 -32.19
C GLU E 270 -22.88 21.67 -32.24
N LEU E 271 -23.09 20.36 -32.28
CA LEU E 271 -24.42 19.79 -32.39
C LEU E 271 -24.94 19.20 -31.09
N MET E 272 -24.07 18.68 -30.24
CA MET E 272 -24.50 17.98 -29.04
C MET E 272 -23.46 18.18 -27.95
N THR E 273 -23.92 18.11 -26.70
CA THR E 273 -23.05 18.23 -25.53
C THR E 273 -23.33 17.07 -24.60
N TYR E 274 -22.27 16.39 -24.18
CA TYR E 274 -22.37 15.20 -23.33
C TYR E 274 -21.83 15.56 -21.96
N SER E 275 -22.74 15.81 -21.02
CA SER E 275 -22.34 16.25 -19.69
C SER E 275 -23.31 15.69 -18.66
N HIS E 276 -22.83 15.59 -17.43
CA HIS E 276 -23.66 15.19 -16.29
C HIS E 276 -23.21 15.96 -15.07
N ASP E 277 -24.16 16.28 -14.19
CA ASP E 277 -23.84 17.05 -12.99
C ASP E 277 -22.92 16.28 -12.06
N ASN E 278 -23.02 14.95 -12.04
CA ASN E 278 -22.14 14.16 -11.20
C ASN E 278 -20.72 14.12 -11.74
N ILE E 279 -20.55 14.31 -13.05
CA ILE E 279 -19.23 14.28 -13.68
C ILE E 279 -18.60 15.67 -13.52
N ILE E 280 -17.49 15.73 -12.80
CA ILE E 280 -16.75 16.97 -12.59
C ILE E 280 -15.27 16.80 -12.92
N CYS E 281 -14.92 15.73 -13.60
CA CYS E 281 -13.55 15.45 -14.01
C CYS E 281 -13.44 15.54 -15.53
N GLY E 282 -12.25 15.88 -16.00
CA GLY E 282 -12.06 16.10 -17.43
C GLY E 282 -11.99 14.81 -18.21
N ILE E 283 -12.21 14.93 -19.51
CA ILE E 283 -12.14 13.80 -20.44
C ILE E 283 -10.72 13.70 -20.98
N THR E 284 -10.18 12.48 -20.96
CA THR E 284 -8.83 12.23 -21.45
C THR E 284 -8.78 11.57 -22.82
N SER E 285 -9.81 10.82 -23.19
CA SER E 285 -9.83 10.09 -24.44
C SER E 285 -11.25 10.07 -24.99
N VAL E 286 -11.38 9.99 -26.30
CA VAL E 286 -12.66 9.83 -26.97
C VAL E 286 -12.48 8.88 -28.15
N SER E 287 -13.53 8.12 -28.45
CA SER E 287 -13.51 7.24 -29.62
C SER E 287 -14.95 6.88 -29.95
N PHE E 288 -15.19 6.66 -31.24
CA PHE E 288 -16.49 6.25 -31.75
C PHE E 288 -16.48 4.76 -32.03
N SER E 289 -17.68 4.19 -32.10
CA SER E 289 -17.83 2.81 -32.53
C SER E 289 -17.67 2.73 -34.05
N LYS E 290 -17.88 1.52 -34.59
CA LYS E 290 -17.78 1.35 -36.04
C LYS E 290 -18.89 2.11 -36.76
N SER E 291 -20.09 2.16 -36.17
CA SER E 291 -21.18 2.91 -36.75
C SER E 291 -21.20 4.37 -36.32
N GLY E 292 -20.58 4.70 -35.19
CA GLY E 292 -20.62 6.03 -34.66
C GLY E 292 -21.79 6.31 -33.74
N ARG E 293 -22.58 5.30 -33.41
CA ARG E 293 -23.73 5.51 -32.54
C ARG E 293 -23.31 5.67 -31.08
N LEU E 294 -22.22 5.02 -30.68
CA LEU E 294 -21.72 5.10 -29.32
C LEU E 294 -20.46 5.96 -29.27
N LEU E 295 -20.38 6.80 -28.25
CA LEU E 295 -19.23 7.65 -28.02
C LEU E 295 -18.60 7.24 -26.70
N LEU E 296 -17.43 6.60 -26.77
CA LEU E 296 -16.70 6.15 -25.59
C LEU E 296 -15.71 7.22 -25.18
N ALA E 297 -15.72 7.56 -23.89
CA ALA E 297 -14.89 8.65 -23.37
C ALA E 297 -14.24 8.21 -22.08
N GLY E 298 -12.91 8.34 -22.02
CA GLY E 298 -12.18 8.09 -20.80
C GLY E 298 -12.12 9.34 -19.93
N TYR E 299 -12.22 9.13 -18.62
CA TYR E 299 -12.32 10.21 -17.66
C TYR E 299 -11.21 10.11 -16.62
N ASP E 300 -11.11 11.15 -15.80
CA ASP E 300 -10.16 11.17 -14.69
C ASP E 300 -10.68 10.45 -13.46
N ASP E 301 -11.97 10.10 -13.41
CA ASP E 301 -12.53 9.37 -12.29
C ASP E 301 -12.29 7.86 -12.37
N PHE E 302 -11.35 7.45 -13.23
CA PHE E 302 -10.82 6.10 -13.37
C PHE E 302 -11.73 5.18 -14.19
N ASN E 303 -12.84 5.66 -14.72
CA ASN E 303 -13.74 4.81 -15.49
C ASN E 303 -14.17 5.51 -16.77
N CYS E 304 -14.34 4.72 -17.83
CA CYS E 304 -14.79 5.21 -19.12
C CYS E 304 -16.30 5.10 -19.24
N ASN E 305 -16.93 6.14 -19.77
CA ASN E 305 -18.37 6.20 -19.95
C ASN E 305 -18.72 6.04 -21.42
N VAL E 306 -19.77 5.28 -21.69
CA VAL E 306 -20.31 5.11 -23.05
C VAL E 306 -21.50 6.03 -23.20
N TRP E 307 -21.49 6.86 -24.24
CA TRP E 307 -22.53 7.84 -24.49
C TRP E 307 -23.33 7.46 -25.72
N ASP E 308 -24.62 7.75 -25.69
CA ASP E 308 -25.46 7.65 -26.89
C ASP E 308 -25.20 8.91 -27.71
N ALA E 309 -24.39 8.79 -28.76
CA ALA E 309 -23.96 9.95 -29.52
C ALA E 309 -25.11 10.70 -30.16
N LEU E 310 -26.27 10.06 -30.32
CA LEU E 310 -27.43 10.72 -30.89
C LEU E 310 -28.40 11.24 -29.84
N LYS E 311 -28.52 10.54 -28.72
CA LYS E 311 -29.44 10.92 -27.65
C LYS E 311 -28.75 11.67 -26.51
N ALA E 312 -27.42 11.69 -26.48
CA ALA E 312 -26.66 12.37 -25.43
C ALA E 312 -26.94 11.80 -24.05
N ASP E 313 -27.37 10.54 -23.99
CA ASP E 313 -27.65 9.85 -22.75
C ASP E 313 -26.56 8.82 -22.48
N ARG E 314 -26.08 8.77 -21.24
CA ARG E 314 -25.06 7.79 -20.89
C ARG E 314 -25.64 6.40 -20.96
N ALA E 315 -24.96 5.51 -21.69
CA ALA E 315 -25.45 4.17 -21.94
C ALA E 315 -24.73 3.09 -21.15
N GLY E 316 -23.57 3.39 -20.59
CA GLY E 316 -22.83 2.37 -19.86
C GLY E 316 -21.60 2.96 -19.20
N VAL E 317 -20.90 2.10 -18.46
CA VAL E 317 -19.69 2.48 -17.75
C VAL E 317 -18.70 1.32 -17.82
N LEU E 318 -17.44 1.64 -18.12
CA LEU E 318 -16.34 0.66 -18.06
C LEU E 318 -15.49 1.04 -16.85
N ALA E 319 -15.71 0.33 -15.74
CA ALA E 319 -15.13 0.70 -14.45
C ALA E 319 -14.16 -0.36 -13.94
N GLY E 320 -13.29 -0.88 -14.81
CA GLY E 320 -12.33 -1.88 -14.42
C GLY E 320 -10.92 -1.38 -14.18
N HIS E 321 -10.66 -0.08 -14.30
CA HIS E 321 -9.32 0.47 -14.14
C HIS E 321 -9.19 1.10 -12.76
N ASP E 322 -8.00 0.97 -12.18
CA ASP E 322 -7.73 1.46 -10.84
C ASP E 322 -7.06 2.83 -10.82
N ASN E 323 -6.83 3.43 -11.98
CA ASN E 323 -6.23 4.76 -12.03
C ASN E 323 -6.77 5.49 -13.25
N ARG E 324 -6.23 6.68 -13.51
CA ARG E 324 -6.74 7.53 -14.57
C ARG E 324 -6.63 6.87 -15.93
N VAL E 325 -7.75 6.80 -16.64
CA VAL E 325 -7.78 6.25 -17.99
C VAL E 325 -7.15 7.28 -18.93
N SER E 326 -5.98 6.97 -19.46
CA SER E 326 -5.23 7.92 -20.28
C SER E 326 -5.50 7.76 -21.77
N CYS E 327 -5.82 6.55 -22.23
CA CYS E 327 -6.01 6.30 -23.64
C CYS E 327 -7.09 5.24 -23.83
N LEU E 328 -7.68 5.23 -25.02
CA LEU E 328 -8.64 4.21 -25.39
C LEU E 328 -8.80 4.23 -26.91
N GLY E 329 -9.02 3.06 -27.48
CA GLY E 329 -9.14 2.93 -28.92
C GLY E 329 -10.03 1.78 -29.29
N VAL E 330 -10.76 1.93 -30.39
CA VAL E 330 -11.64 0.91 -30.93
C VAL E 330 -11.00 0.34 -32.18
N THR E 331 -11.16 -0.97 -32.38
CA THR E 331 -10.60 -1.62 -33.56
C THR E 331 -11.28 -1.12 -34.83
N ASP E 332 -10.60 -1.32 -35.96
CA ASP E 332 -11.17 -0.92 -37.24
C ASP E 332 -12.37 -1.79 -37.61
N ASP E 333 -12.35 -3.06 -37.22
CA ASP E 333 -13.49 -3.93 -37.45
C ASP E 333 -14.55 -3.78 -36.36
N GLY E 334 -14.30 -2.99 -35.32
CA GLY E 334 -15.29 -2.70 -34.32
C GLY E 334 -15.56 -3.81 -33.33
N MET E 335 -14.64 -4.77 -33.19
CA MET E 335 -14.92 -5.93 -32.36
C MET E 335 -14.69 -5.66 -30.88
N ALA E 336 -13.66 -4.90 -30.54
CA ALA E 336 -13.30 -4.69 -29.14
C ALA E 336 -12.84 -3.26 -28.92
N VAL E 337 -12.80 -2.87 -27.65
CA VAL E 337 -12.27 -1.59 -27.21
C VAL E 337 -11.11 -1.87 -26.28
N ALA E 338 -9.99 -1.19 -26.49
CA ALA E 338 -8.81 -1.31 -25.63
C ALA E 338 -8.61 0.00 -24.90
N THR E 339 -8.60 -0.05 -23.58
CA THR E 339 -8.40 1.14 -22.74
C THR E 339 -7.15 0.95 -21.90
N GLY E 340 -6.18 1.83 -22.09
CA GLY E 340 -5.05 1.92 -21.20
C GLY E 340 -5.32 2.92 -20.09
N SER E 341 -4.48 2.86 -19.06
CA SER E 341 -4.68 3.73 -17.90
C SER E 341 -3.37 3.86 -17.15
N TRP E 342 -3.37 4.78 -16.18
CA TRP E 342 -2.19 5.03 -15.37
C TRP E 342 -1.90 3.92 -14.37
N ASP E 343 -2.80 2.95 -14.24
CA ASP E 343 -2.57 1.80 -13.38
C ASP E 343 -1.69 0.74 -14.02
N SER E 344 -1.02 1.08 -15.13
CA SER E 344 -0.02 0.24 -15.81
C SER E 344 -0.63 -0.97 -16.50
N PHE E 345 -1.94 -1.01 -16.68
CA PHE E 345 -2.60 -2.13 -17.33
C PHE E 345 -3.36 -1.66 -18.57
N LEU E 346 -3.56 -2.57 -19.50
CA LEU E 346 -4.36 -2.32 -20.70
C LEU E 346 -5.40 -3.43 -20.81
N LYS E 347 -6.66 -3.03 -20.82
CA LYS E 347 -7.78 -3.98 -20.81
C LYS E 347 -8.52 -3.92 -22.13
N ILE E 348 -8.94 -5.08 -22.61
CA ILE E 348 -9.76 -5.19 -23.82
C ILE E 348 -11.19 -5.50 -23.39
N TRP E 349 -12.13 -4.69 -23.85
CA TRP E 349 -13.53 -4.82 -23.48
C TRP E 349 -14.35 -5.26 -24.68
N ASN E 350 -15.35 -6.09 -24.43
CA ASN E 350 -16.21 -6.58 -25.50
C ASN E 350 -17.58 -7.00 -24.97
N SER F 8 2.81 43.01 -32.34
CA SER F 8 1.50 42.40 -32.16
C SER F 8 0.57 42.75 -33.31
N ILE F 9 0.87 43.85 -34.00
CA ILE F 9 0.06 44.26 -35.15
C ILE F 9 0.16 43.22 -36.26
N ALA F 10 1.35 42.65 -36.45
CA ALA F 10 1.50 41.60 -37.46
C ALA F 10 0.68 40.37 -37.11
N GLN F 11 0.61 40.01 -35.82
CA GLN F 11 -0.20 38.88 -35.41
C GLN F 11 -1.69 39.21 -35.46
N ALA F 12 -2.05 40.47 -35.23
CA ALA F 12 -3.45 40.87 -35.34
C ALA F 12 -3.92 40.82 -36.78
N ARG F 13 -3.04 41.18 -37.73
CA ARG F 13 -3.44 41.15 -39.14
C ARG F 13 -3.59 39.74 -39.66
N LYS F 14 -2.80 38.79 -39.14
CA LYS F 14 -2.93 37.40 -39.57
C LYS F 14 -4.22 36.79 -39.06
N LEU F 15 -4.66 37.21 -37.87
CA LEU F 15 -5.93 36.72 -37.34
C LEU F 15 -7.11 37.29 -38.11
N VAL F 16 -7.03 38.56 -38.50
CA VAL F 16 -8.08 39.17 -39.30
C VAL F 16 -8.15 38.52 -40.67
N GLU F 17 -6.99 38.17 -41.25
CA GLU F 17 -6.97 37.53 -42.55
C GLU F 17 -7.52 36.11 -42.49
N GLN F 18 -7.36 35.43 -41.36
CA GLN F 18 -7.90 34.08 -41.21
C GLN F 18 -9.41 34.12 -41.00
N LEU F 19 -9.92 35.14 -40.31
CA LEU F 19 -11.34 35.23 -40.05
C LEU F 19 -12.14 35.46 -41.33
N LYS F 20 -11.56 36.16 -42.31
CA LYS F 20 -12.25 36.35 -43.58
C LYS F 20 -12.29 35.06 -44.40
N MET F 21 -11.29 34.20 -44.23
CA MET F 21 -11.31 32.91 -44.91
C MET F 21 -12.33 31.97 -44.29
N GLU F 22 -12.62 32.14 -43.00
CA GLU F 22 -13.59 31.30 -42.31
C GLU F 22 -14.99 31.90 -42.33
N ALA F 23 -15.11 33.22 -42.52
CA ALA F 23 -16.44 33.82 -42.64
C ALA F 23 -17.06 33.54 -44.00
N ASN F 24 -16.23 33.35 -45.02
CA ASN F 24 -16.72 33.04 -46.37
C ASN F 24 -16.75 31.52 -46.57
N ILE F 25 -17.70 30.89 -45.90
CA ILE F 25 -17.85 29.44 -45.90
C ILE F 25 -19.33 29.11 -46.06
N ASP F 26 -19.63 28.19 -46.97
CA ASP F 26 -21.00 27.72 -47.15
C ASP F 26 -21.37 26.78 -46.02
N ARG F 27 -22.40 27.12 -45.27
CA ARG F 27 -22.86 26.33 -44.13
C ARG F 27 -24.26 25.80 -44.40
N ILE F 28 -24.45 24.49 -44.22
CA ILE F 28 -25.76 23.88 -44.33
C ILE F 28 -26.46 24.01 -42.99
N LYS F 29 -27.77 23.77 -42.97
CA LYS F 29 -28.53 23.89 -41.74
C LYS F 29 -28.27 22.70 -40.83
N VAL F 30 -28.43 22.92 -39.53
CA VAL F 30 -28.16 21.87 -38.54
C VAL F 30 -29.15 20.73 -38.69
N SER F 31 -30.38 21.03 -39.12
CA SER F 31 -31.35 19.96 -39.35
C SER F 31 -30.89 19.03 -40.46
N LYS F 32 -30.23 19.58 -41.49
CA LYS F 32 -29.68 18.76 -42.56
C LYS F 32 -28.42 18.04 -42.11
N ALA F 33 -27.59 18.69 -41.30
CA ALA F 33 -26.37 18.06 -40.83
C ALA F 33 -26.65 17.00 -39.77
N ALA F 34 -27.74 17.13 -39.03
CA ALA F 34 -28.09 16.14 -38.03
C ALA F 34 -28.80 14.94 -38.65
N ALA F 35 -29.56 15.17 -39.73
CA ALA F 35 -30.21 14.06 -40.42
C ALA F 35 -29.20 13.17 -41.13
N ASP F 36 -28.02 13.71 -41.45
CA ASP F 36 -26.99 12.92 -42.11
C ASP F 36 -26.24 12.03 -41.12
N LEU F 37 -25.99 12.52 -39.90
CA LEU F 37 -25.37 11.70 -38.88
C LEU F 37 -26.33 10.64 -38.36
N MET F 38 -27.63 10.96 -38.32
CA MET F 38 -28.62 9.98 -37.86
C MET F 38 -28.81 8.89 -38.91
N ALA F 39 -28.76 9.25 -40.20
CA ALA F 39 -28.94 8.26 -41.25
C ALA F 39 -27.73 7.36 -41.39
N TYR F 40 -26.57 7.78 -40.88
CA TYR F 40 -25.37 6.96 -41.01
C TYR F 40 -25.37 5.82 -39.99
N CYS F 41 -25.67 6.14 -38.73
CA CYS F 41 -25.70 5.11 -37.70
C CYS F 41 -26.81 4.09 -37.96
N GLU F 42 -27.84 4.48 -38.70
CA GLU F 42 -28.91 3.54 -39.04
C GLU F 42 -28.46 2.56 -40.12
N ALA F 43 -27.73 3.07 -41.13
CA ALA F 43 -27.29 2.21 -42.23
C ALA F 43 -26.19 1.25 -41.79
N HIS F 44 -25.43 1.60 -40.76
CA HIS F 44 -24.31 0.79 -40.29
C HIS F 44 -24.56 0.20 -38.91
N ALA F 45 -25.83 0.07 -38.52
CA ALA F 45 -26.13 -0.42 -37.18
C ALA F 45 -25.80 -1.90 -37.03
N LYS F 46 -26.05 -2.69 -38.08
CA LYS F 46 -25.83 -4.13 -37.99
C LYS F 46 -24.35 -4.48 -37.97
N GLU F 47 -23.50 -3.64 -38.59
CA GLU F 47 -22.07 -3.89 -38.66
C GLU F 47 -21.34 -3.52 -37.38
N ASP F 48 -22.05 -3.09 -36.34
CA ASP F 48 -21.41 -2.63 -35.11
C ASP F 48 -21.50 -3.72 -34.06
N PRO F 49 -20.41 -4.45 -33.76
CA PRO F 49 -20.49 -5.52 -32.76
C PRO F 49 -20.68 -5.01 -31.34
N LEU F 50 -20.30 -3.77 -31.05
CA LEU F 50 -20.50 -3.24 -29.70
C LEU F 50 -21.97 -2.90 -29.46
N LEU F 51 -22.72 -2.61 -30.52
CA LEU F 51 -24.15 -2.36 -30.37
C LEU F 51 -24.93 -3.68 -30.36
N THR F 52 -24.84 -4.44 -31.44
CA THR F 52 -25.58 -5.68 -31.58
C THR F 52 -25.01 -6.74 -30.64
N PRO F 53 -25.80 -7.76 -30.31
CA PRO F 53 -25.27 -8.87 -29.51
C PRO F 53 -24.11 -9.56 -30.21
N VAL F 54 -23.12 -9.93 -29.42
CA VAL F 54 -21.92 -10.60 -29.92
C VAL F 54 -22.06 -12.10 -29.68
N PRO F 55 -22.00 -12.93 -30.74
CA PRO F 55 -22.04 -14.37 -30.52
C PRO F 55 -20.73 -14.87 -29.93
N ALA F 56 -20.83 -15.91 -29.09
CA ALA F 56 -19.63 -16.49 -28.51
C ALA F 56 -18.81 -17.23 -29.56
N SER F 57 -19.45 -17.68 -30.64
CA SER F 57 -18.72 -18.42 -31.67
C SER F 57 -17.95 -17.48 -32.60
N GLU F 58 -18.50 -16.29 -32.86
CA GLU F 58 -17.85 -15.34 -33.76
C GLU F 58 -16.95 -14.35 -33.04
N ASN F 59 -16.94 -14.34 -31.71
CA ASN F 59 -16.14 -13.38 -30.96
C ASN F 59 -14.72 -13.90 -30.80
N PRO F 60 -13.71 -13.21 -31.31
CA PRO F 60 -12.32 -13.67 -31.14
C PRO F 60 -11.71 -13.37 -29.78
N PHE F 61 -12.50 -12.93 -28.81
CA PHE F 61 -11.99 -12.61 -27.48
C PHE F 61 -12.61 -13.48 -26.39
N ARG F 62 -13.30 -14.55 -26.76
CA ARG F 62 -13.91 -15.44 -25.78
C ARG F 62 -12.85 -16.30 -25.08
N GLN G 1 -17.20 30.18 -26.86
CA GLN G 1 -16.17 31.19 -27.04
C GLN G 1 -15.91 31.95 -25.76
N VAL G 2 -14.80 31.61 -25.09
CA VAL G 2 -14.44 32.27 -23.84
C VAL G 2 -13.94 33.67 -24.15
N GLN G 3 -14.60 34.68 -23.56
CA GLN G 3 -14.25 36.07 -23.81
C GLN G 3 -14.25 36.83 -22.48
N LEU G 4 -13.22 37.65 -22.28
CA LEU G 4 -13.09 38.48 -21.08
C LEU G 4 -12.82 39.91 -21.51
N GLN G 5 -13.74 40.82 -21.18
CA GLN G 5 -13.63 42.21 -21.57
C GLN G 5 -13.54 43.07 -20.32
N GLU G 6 -12.47 43.86 -20.22
CA GLU G 6 -12.24 44.73 -19.08
C GLU G 6 -12.61 46.17 -19.44
N SER G 7 -13.31 46.83 -18.52
CA SER G 7 -13.69 48.23 -18.69
C SER G 7 -13.22 49.02 -17.48
N GLY G 8 -13.08 50.33 -17.67
CA GLY G 8 -12.54 51.20 -16.65
C GLY G 8 -11.26 51.87 -17.13
N GLY G 9 -10.30 51.96 -16.23
CA GLY G 9 -9.02 52.54 -16.56
C GLY G 9 -9.10 54.04 -16.77
N GLY G 10 -8.02 54.58 -17.31
CA GLY G 10 -7.91 56.01 -17.56
C GLY G 10 -6.85 56.66 -16.69
N LEU G 11 -6.56 57.91 -17.02
CA LEU G 11 -5.51 58.65 -16.32
C LEU G 11 -6.01 59.14 -14.98
N VAL G 12 -5.30 58.79 -13.91
CA VAL G 12 -5.67 59.15 -12.55
C VAL G 12 -4.54 59.96 -11.93
N GLN G 13 -4.91 60.90 -11.07
CA GLN G 13 -3.91 61.59 -10.28
C GLN G 13 -3.37 60.66 -9.20
N PRO G 14 -2.16 60.91 -8.71
CA PRO G 14 -1.65 60.11 -7.59
C PRO G 14 -2.57 60.22 -6.38
N GLY G 15 -2.77 59.10 -5.72
CA GLY G 15 -3.69 59.03 -4.60
C GLY G 15 -5.15 58.94 -4.97
N GLY G 16 -5.47 58.91 -6.27
CA GLY G 16 -6.84 58.79 -6.70
C GLY G 16 -7.37 57.37 -6.59
N SER G 17 -8.61 57.19 -7.01
CA SER G 17 -9.28 55.91 -6.94
C SER G 17 -9.83 55.53 -8.31
N LEU G 18 -9.89 54.22 -8.55
CA LEU G 18 -10.39 53.68 -9.81
C LEU G 18 -11.05 52.34 -9.54
N ARG G 19 -12.03 51.98 -10.37
CA ARG G 19 -12.76 50.73 -10.23
C ARG G 19 -12.78 50.02 -11.58
N LEU G 20 -12.15 48.86 -11.64
CA LEU G 20 -12.06 48.07 -12.86
C LEU G 20 -13.15 46.99 -12.87
N SER G 21 -13.78 46.81 -14.02
CA SER G 21 -14.82 45.82 -14.19
C SER G 21 -14.40 44.83 -15.28
N CYS G 22 -14.85 43.58 -15.14
CA CYS G 22 -14.48 42.51 -16.08
C CYS G 22 -15.73 41.71 -16.39
N ALA G 23 -16.26 41.90 -17.61
CA ALA G 23 -17.45 41.19 -18.06
C ALA G 23 -17.03 39.87 -18.71
N ALA G 24 -17.45 38.76 -18.11
CA ALA G 24 -17.07 37.43 -18.56
C ALA G 24 -18.20 36.82 -19.39
N SER G 25 -17.82 36.04 -20.41
CA SER G 25 -18.78 35.37 -21.28
C SER G 25 -18.17 34.06 -21.75
N GLY G 26 -19.05 33.13 -22.11
CA GLY G 26 -18.63 31.88 -22.70
C GLY G 26 -18.30 30.76 -21.74
N PHE G 27 -18.57 30.93 -20.45
CA PHE G 27 -18.30 29.88 -19.48
C PHE G 27 -19.12 30.17 -18.22
N THR G 28 -19.13 29.19 -17.31
CA THR G 28 -19.81 29.33 -16.03
C THR G 28 -18.90 30.11 -15.08
N PHE G 29 -19.27 31.36 -14.78
CA PHE G 29 -18.42 32.23 -13.99
C PHE G 29 -18.18 31.69 -12.59
N SER G 30 -19.15 30.97 -12.03
CA SER G 30 -19.07 30.55 -10.63
C SER G 30 -18.20 29.32 -10.43
N ASN G 31 -17.88 28.58 -11.48
CA ASN G 31 -17.08 27.37 -11.33
C ASN G 31 -15.58 27.61 -11.39
N TYR G 32 -15.16 28.83 -11.70
CA TYR G 32 -13.76 29.14 -11.94
C TYR G 32 -13.25 30.16 -10.94
N LYS G 33 -11.97 30.04 -10.59
CA LYS G 33 -11.31 31.07 -9.81
C LYS G 33 -10.81 32.18 -10.73
N MET G 34 -11.06 33.43 -10.34
CA MET G 34 -10.70 34.58 -11.15
C MET G 34 -9.45 35.24 -10.60
N ASN G 35 -8.69 35.87 -11.49
CA ASN G 35 -7.43 36.51 -11.14
C ASN G 35 -7.37 37.90 -11.76
N TRP G 36 -6.49 38.72 -11.19
CA TRP G 36 -6.10 40.00 -11.77
C TRP G 36 -4.59 39.98 -11.99
N VAL G 37 -4.17 40.35 -13.20
CA VAL G 37 -2.75 40.45 -13.52
C VAL G 37 -2.53 41.74 -14.28
N ARG G 38 -1.28 42.22 -14.23
CA ARG G 38 -0.93 43.47 -14.89
C ARG G 38 0.44 43.35 -15.52
N GLN G 39 0.71 44.24 -16.48
CA GLN G 39 1.99 44.28 -17.19
C GLN G 39 2.44 45.73 -17.26
N ALA G 40 3.40 46.09 -16.41
CA ALA G 40 3.94 47.44 -16.41
C ALA G 40 4.75 47.68 -17.69
N PRO G 41 4.94 48.95 -18.06
CA PRO G 41 5.73 49.25 -19.26
C PRO G 41 7.15 48.69 -19.16
N GLY G 42 7.49 47.84 -20.11
CA GLY G 42 8.80 47.21 -20.14
C GLY G 42 9.01 46.16 -19.07
N LYS G 43 7.96 45.42 -18.72
CA LYS G 43 8.05 44.37 -17.71
C LYS G 43 7.22 43.18 -18.17
N GLY G 44 7.25 42.11 -17.37
CA GLY G 44 6.47 40.93 -17.64
C GLY G 44 5.12 40.96 -16.95
N LEU G 45 4.36 39.88 -17.15
CA LEU G 45 3.06 39.76 -16.50
C LEU G 45 3.24 39.51 -15.01
N GLU G 46 2.52 40.27 -14.19
CA GLU G 46 2.62 40.19 -12.75
C GLU G 46 1.25 39.90 -12.15
N TRP G 47 1.18 38.88 -11.30
CA TRP G 47 -0.08 38.54 -10.66
C TRP G 47 -0.41 39.55 -9.56
N VAL G 48 -1.67 39.97 -9.53
CA VAL G 48 -2.13 41.01 -8.60
C VAL G 48 -3.03 40.43 -7.51
N SER G 49 -4.16 39.85 -7.89
CA SER G 49 -5.15 39.38 -6.94
C SER G 49 -5.91 38.21 -7.51
N ASP G 50 -6.47 37.39 -6.61
CA ASP G 50 -7.33 36.29 -7.00
C ASP G 50 -8.51 36.21 -6.04
N ILE G 51 -9.57 35.57 -6.49
CA ILE G 51 -10.76 35.35 -5.68
C ILE G 51 -11.33 33.98 -6.04
N SER G 52 -11.79 33.25 -5.03
CA SER G 52 -12.21 31.87 -5.22
C SER G 52 -13.55 31.81 -5.96
N GLN G 53 -14.05 30.58 -6.12
CA GLN G 53 -15.29 30.36 -6.85
C GLN G 53 -16.45 31.07 -6.17
N SER G 54 -16.58 30.92 -4.85
CA SER G 54 -17.66 31.57 -4.13
C SER G 54 -17.34 33.02 -3.82
N GLY G 55 -16.10 33.32 -3.44
CA GLY G 55 -15.71 34.65 -3.05
C GLY G 55 -15.26 34.71 -1.60
N ALA G 56 -14.98 33.54 -1.03
CA ALA G 56 -14.58 33.48 0.38
C ALA G 56 -13.08 33.69 0.53
N SER G 57 -12.28 32.97 -0.24
CA SER G 57 -10.83 33.09 -0.18
C SER G 57 -10.39 34.21 -1.12
N ILE G 58 -9.68 35.19 -0.58
CA ILE G 58 -9.19 36.34 -1.32
C ILE G 58 -7.71 36.52 -1.02
N SER G 59 -6.90 36.62 -2.06
CA SER G 59 -5.47 36.81 -1.91
C SER G 59 -5.02 38.01 -2.74
N TYR G 60 -4.05 38.74 -2.21
CA TYR G 60 -3.46 39.89 -2.89
C TYR G 60 -1.95 39.71 -2.98
N THR G 61 -1.36 40.34 -3.97
CA THR G 61 0.08 40.54 -3.95
C THR G 61 0.40 41.58 -2.89
N GLY G 62 1.60 41.48 -2.31
CA GLY G 62 1.93 42.30 -1.16
C GLY G 62 1.87 43.79 -1.43
N SER G 63 2.17 44.21 -2.66
CA SER G 63 2.27 45.63 -2.96
C SER G 63 0.91 46.33 -2.88
N VAL G 64 -0.18 45.60 -3.10
CA VAL G 64 -1.50 46.21 -3.20
C VAL G 64 -2.37 45.98 -1.97
N LYS G 65 -1.90 45.23 -0.98
CA LYS G 65 -2.70 44.97 0.21
C LYS G 65 -3.03 46.27 0.93
N GLY G 66 -4.29 46.40 1.34
CA GLY G 66 -4.77 47.60 1.98
C GLY G 66 -5.24 48.69 1.04
N ARG G 67 -4.89 48.60 -0.25
CA ARG G 67 -5.29 49.59 -1.24
C ARG G 67 -6.25 49.05 -2.29
N PHE G 68 -6.15 47.78 -2.65
CA PHE G 68 -7.00 47.19 -3.67
C PHE G 68 -7.99 46.24 -3.04
N THR G 69 -9.15 46.12 -3.68
CA THR G 69 -10.23 45.25 -3.21
C THR G 69 -10.82 44.53 -4.42
N ILE G 70 -10.72 43.21 -4.43
CA ILE G 70 -11.26 42.39 -5.51
C ILE G 70 -12.66 41.92 -5.11
N SER G 71 -13.56 41.87 -6.07
CA SER G 71 -14.93 41.46 -5.84
C SER G 71 -15.46 40.78 -7.10
N ARG G 72 -16.33 39.79 -6.90
CA ARG G 72 -16.98 39.10 -8.00
C ARG G 72 -18.48 39.08 -7.77
N ASP G 73 -19.23 39.27 -8.85
CA ASP G 73 -20.69 39.19 -8.84
C ASP G 73 -21.07 37.98 -9.68
N ASN G 74 -21.24 36.84 -9.01
CA ASN G 74 -21.56 35.61 -9.73
C ASN G 74 -22.90 35.70 -10.43
N ALA G 75 -23.79 36.56 -9.97
CA ALA G 75 -25.09 36.72 -10.62
C ALA G 75 -24.94 37.44 -11.95
N LYS G 76 -24.15 38.52 -11.98
CA LYS G 76 -23.97 39.32 -13.18
C LYS G 76 -22.72 38.93 -13.98
N ASN G 77 -21.98 37.91 -13.54
CA ASN G 77 -20.79 37.43 -14.24
C ASN G 77 -19.75 38.52 -14.41
N THR G 78 -19.50 39.28 -13.35
CA THR G 78 -18.56 40.39 -13.40
C THR G 78 -17.53 40.24 -12.29
N LEU G 79 -16.31 40.68 -12.58
CA LEU G 79 -15.22 40.75 -11.61
C LEU G 79 -14.83 42.20 -11.42
N TYR G 80 -14.61 42.60 -10.18
CA TYR G 80 -14.31 43.98 -9.85
C TYR G 80 -12.94 44.10 -9.21
N LEU G 81 -12.36 45.30 -9.31
CA LEU G 81 -11.12 45.63 -8.62
C LEU G 81 -11.21 47.10 -8.22
N GLN G 82 -11.56 47.35 -6.97
CA GLN G 82 -11.58 48.71 -6.44
C GLN G 82 -10.16 49.11 -6.08
N MET G 83 -9.61 50.08 -6.81
CA MET G 83 -8.24 50.52 -6.62
C MET G 83 -8.24 51.85 -5.88
N ASN G 84 -7.58 51.88 -4.72
CA ASN G 84 -7.50 53.07 -3.89
C ASN G 84 -6.04 53.43 -3.65
N SER G 85 -5.81 54.72 -3.37
CA SER G 85 -4.48 55.25 -3.07
C SER G 85 -3.48 54.86 -4.16
N LEU G 86 -3.81 55.20 -5.40
CA LEU G 86 -3.02 54.76 -6.54
C LEU G 86 -1.68 55.48 -6.58
N LYS G 87 -0.62 54.70 -6.71
CA LYS G 87 0.74 55.19 -6.83
C LYS G 87 1.19 55.16 -8.28
N PRO G 88 2.18 55.97 -8.65
CA PRO G 88 2.69 55.92 -10.04
C PRO G 88 3.24 54.56 -10.41
N GLU G 89 3.62 53.71 -9.45
CA GLU G 89 4.07 52.37 -9.77
C GLU G 89 2.92 51.44 -10.14
N ASP G 90 1.67 51.90 -10.04
CA ASP G 90 0.51 51.11 -10.45
C ASP G 90 0.19 51.25 -11.92
N THR G 91 0.90 52.11 -12.65
CA THR G 91 0.64 52.29 -14.07
C THR G 91 0.97 51.02 -14.84
N ALA G 92 -0.05 50.38 -15.40
CA ALA G 92 0.13 49.13 -16.12
C ALA G 92 -1.14 48.81 -16.88
N VAL G 93 -1.09 47.75 -17.67
CA VAL G 93 -2.25 47.21 -18.35
C VAL G 93 -2.78 46.05 -17.52
N TYR G 94 -3.98 46.21 -16.97
CA TYR G 94 -4.55 45.23 -16.05
C TYR G 94 -5.43 44.27 -16.82
N TYR G 95 -5.08 42.99 -16.79
CA TYR G 95 -5.79 41.93 -17.50
C TYR G 95 -6.66 41.15 -16.53
N CYS G 96 -7.85 40.78 -16.99
CA CYS G 96 -8.73 39.88 -16.26
C CYS G 96 -8.41 38.45 -16.69
N ALA G 97 -7.88 37.65 -15.76
CA ALA G 97 -7.42 36.31 -16.07
C ALA G 97 -8.31 35.28 -15.39
N ARG G 98 -8.57 34.20 -16.10
CA ARG G 98 -9.40 33.10 -15.62
C ARG G 98 -8.55 31.86 -15.42
N CYS G 99 -8.91 31.07 -14.42
CA CYS G 99 -8.21 29.84 -14.15
C CYS G 99 -8.47 28.84 -15.27
N PRO G 100 -7.48 28.01 -15.62
CA PRO G 100 -7.65 27.14 -16.80
C PRO G 100 -8.72 26.08 -16.66
N ALA G 101 -8.90 25.50 -15.47
CA ALA G 101 -9.83 24.41 -15.29
C ALA G 101 -10.79 24.72 -14.14
N PRO G 102 -12.01 24.21 -14.20
CA PRO G 102 -12.98 24.45 -13.13
C PRO G 102 -12.87 23.42 -12.02
N PHE G 103 -13.39 23.82 -10.85
CA PHE G 103 -13.42 22.97 -9.65
C PHE G 103 -12.02 22.54 -9.22
N THR G 104 -11.01 23.35 -9.51
CA THR G 104 -9.63 23.03 -9.18
C THR G 104 -9.08 24.03 -8.18
N ARG G 105 -8.22 23.55 -7.28
CA ARG G 105 -7.54 24.45 -6.35
C ARG G 105 -6.32 25.09 -6.99
N ASP G 106 -5.73 24.45 -8.00
CA ASP G 106 -4.56 24.96 -8.68
C ASP G 106 -4.96 25.94 -9.77
N CYS G 107 -4.10 26.93 -9.99
CA CYS G 107 -4.28 27.91 -11.06
C CYS G 107 -2.96 28.04 -11.79
N PHE G 108 -2.89 27.48 -13.00
CA PHE G 108 -1.64 27.34 -13.74
C PHE G 108 -1.58 28.32 -14.90
N ASP G 109 -0.39 28.85 -15.15
CA ASP G 109 -0.04 29.56 -16.38
C ASP G 109 -0.85 30.84 -16.58
N VAL G 110 -1.39 31.41 -15.50
CA VAL G 110 -2.20 32.62 -15.63
C VAL G 110 -1.33 33.80 -16.06
N THR G 111 -0.09 33.87 -15.61
CA THR G 111 0.81 34.97 -15.94
C THR G 111 1.72 34.64 -17.12
N SER G 112 1.32 33.70 -17.97
CA SER G 112 2.12 33.35 -19.13
C SER G 112 2.10 34.48 -20.15
N THR G 113 3.09 34.47 -21.04
CA THR G 113 3.14 35.48 -22.08
C THR G 113 2.04 35.30 -23.11
N THR G 114 1.62 34.06 -23.34
CA THR G 114 0.53 33.75 -24.27
C THR G 114 -0.42 32.80 -23.55
N TYR G 115 -1.48 33.36 -22.96
CA TYR G 115 -2.46 32.60 -22.20
C TYR G 115 -3.84 32.88 -22.79
N ALA G 116 -4.59 31.81 -23.04
CA ALA G 116 -5.83 31.94 -23.80
C ALA G 116 -6.93 32.61 -22.98
N TYR G 117 -7.16 32.13 -21.76
CA TYR G 117 -8.27 32.58 -20.94
C TYR G 117 -7.89 33.86 -20.18
N ARG G 118 -7.59 34.89 -20.94
CA ARG G 118 -7.21 36.18 -20.40
C ARG G 118 -7.65 37.27 -21.37
N GLY G 119 -8.12 38.38 -20.83
CA GLY G 119 -8.61 39.47 -21.64
C GLY G 119 -7.49 40.27 -22.27
N GLN G 120 -7.88 41.36 -22.93
CA GLN G 120 -6.93 42.24 -23.58
C GLN G 120 -6.42 43.36 -22.68
N GLY G 121 -7.14 43.65 -21.60
CA GLY G 121 -6.63 44.53 -20.57
C GLY G 121 -7.10 45.97 -20.72
N THR G 122 -6.96 46.72 -19.63
CA THR G 122 -7.25 48.15 -19.59
C THR G 122 -6.00 48.89 -19.14
N GLN G 123 -5.72 50.01 -19.79
CA GLN G 123 -4.56 50.83 -19.47
C GLN G 123 -4.90 51.78 -18.33
N VAL G 124 -4.22 51.61 -17.20
CA VAL G 124 -4.37 52.49 -16.05
C VAL G 124 -3.08 53.30 -15.93
N THR G 125 -3.22 54.63 -15.94
CA THR G 125 -2.07 55.53 -15.89
C THR G 125 -2.24 56.47 -14.70
N VAL G 126 -1.32 56.39 -13.74
CA VAL G 126 -1.32 57.22 -12.55
C VAL G 126 -0.25 58.30 -12.75
N SER G 127 -0.70 59.54 -12.97
CA SER G 127 0.24 60.63 -13.23
C SER G 127 -0.48 61.96 -12.98
N SER G 128 0.30 63.02 -13.01
CA SER G 128 -0.24 64.37 -12.80
C SER G 128 -0.04 65.23 -14.05
C1 PLM H . -18.83 -30.11 30.15
O1 PLM H . -17.92 -30.77 29.60
O2 PLM H . -19.63 -30.61 30.96
C2 PLM H . -18.97 -28.64 29.80
C3 PLM H . -20.27 -28.28 29.19
C4 PLM H . -20.33 -26.83 28.73
C5 PLM H . -20.12 -25.83 29.84
C6 PLM H . -20.26 -24.39 29.39
C7 PLM H . -19.38 -24.01 28.24
C8 PLM H . -19.47 -22.55 27.85
C9 PLM H . -18.50 -22.13 26.77
CA PLM H . -18.49 -20.64 26.51
CB PLM H . -17.47 -20.19 25.49
CC PLM H . -17.44 -18.70 25.29
CD PLM H . -16.54 -18.26 24.17
CE PLM H . -16.64 -16.78 23.85
CF PLM H . -15.85 -16.34 22.65
CG PLM H . -16.10 -14.90 22.26
C1 NAG I . -7.06 -39.67 71.26
C2 NAG I . -5.99 -39.83 72.32
C3 NAG I . -6.26 -38.91 73.50
C4 NAG I . -6.41 -37.47 73.02
C5 NAG I . -7.46 -37.38 71.91
C6 NAG I . -7.54 -36.00 71.30
C7 NAG I . -4.76 -41.93 72.70
C8 NAG I . -4.85 -43.34 73.20
N2 NAG I . -5.89 -41.21 72.77
O3 NAG I . -5.19 -39.00 74.44
O4 NAG I . -6.82 -36.64 74.11
O5 NAG I . -7.13 -38.28 70.85
O6 NAG I . -7.32 -34.99 72.28
O7 NAG I . -3.72 -41.46 72.25
C1 NAG J . -4.14 -28.17 56.52
C2 NAG J . -4.45 -27.74 57.95
C3 NAG J . -5.53 -26.67 57.97
C4 NAG J . -5.14 -25.51 57.07
C5 NAG J . -4.80 -26.02 55.66
C6 NAG J . -4.27 -24.93 54.76
C7 NAG J . -4.31 -29.15 59.95
C8 NAG J . -4.85 -30.37 60.66
N2 NAG J . -4.85 -28.89 58.76
O3 NAG J . -5.74 -26.21 59.29
O4 NAG J . -6.21 -24.57 56.98
O5 NAG J . -3.79 -27.03 55.74
O6 NAG J . -2.85 -25.01 54.64
O7 NAG J . -3.43 -28.45 60.44
C1 NAG K . 12.33 -43.93 65.51
C2 NAG K . 12.15 -45.43 65.77
C3 NAG K . 11.68 -45.66 67.21
C4 NAG K . 12.61 -44.98 68.20
C5 NAG K . 12.74 -43.50 67.85
C6 NAG K . 13.74 -42.77 68.72
C7 NAG K . 11.21 -47.32 64.51
C8 NAG K . 10.19 -47.75 63.51
N2 NAG K . 11.22 -46.02 64.82
O3 NAG K . 11.65 -47.07 67.46
O4 NAG K . 12.10 -45.10 69.52
O5 NAG K . 13.20 -43.37 66.49
O6 NAG K . 13.90 -41.42 68.31
O7 NAG K . 12.00 -48.11 65.02
C1 PLM L . -19.82 -21.52 33.93
O1 PLM L . -20.89 -22.16 33.88
O2 PLM L . -18.70 -22.06 34.01
C2 PLM L . -19.89 -20.00 33.91
C3 PLM L . -19.11 -19.35 32.81
C4 PLM L . -19.24 -17.84 32.80
C5 PLM L . -18.37 -17.14 31.80
C6 PLM L . -16.90 -17.40 31.98
C7 PLM L . -16.01 -16.59 31.06
C8 PLM L . -16.12 -15.10 31.25
C9 PLM L . -15.11 -14.30 30.47
CA PLM L . -15.21 -14.44 28.97
CB PLM L . -14.22 -13.62 28.19
CC PLM L . -14.39 -13.69 26.69
CD PLM L . -13.42 -12.83 25.92
CE PLM L . -13.62 -12.85 24.43
CF PLM L . -12.66 -11.99 23.65
CG PLM L . -12.87 -12.02 22.16
CAA Y01 M . 6.35 -31.35 7.23
CBA Y01 M . 7.71 -32.04 7.24
CAB Y01 M . 7.53 -33.55 7.34
CAN Y01 M . 8.54 -31.66 6.02
CAJ Y01 M . 8.78 -30.19 5.82
CAO Y01 M . 9.75 -29.87 4.71
CBB Y01 M . 9.96 -28.38 4.45
CAC Y01 M . 10.44 -27.68 5.72
CBE Y01 M . 10.91 -28.17 3.26
CAP Y01 M . 10.68 -29.20 2.12
CAQ Y01 M . 10.79 -28.45 0.79
CBG Y01 M . 11.52 -27.17 1.17
CBI Y01 M . 10.92 -26.80 2.53
CAE Y01 M . 9.47 -26.28 2.38
CAU Y01 M . 11.81 -25.70 3.10
CAS Y01 M . 11.85 -24.47 2.17
CBF Y01 M . 12.29 -24.80 0.73
CBD Y01 M . 11.55 -26.03 0.17
CAK Y01 M . 12.20 -26.44 -1.15
CAI Y01 M . 12.46 -25.27 -2.03
CAZ Y01 M . 12.32 -24.00 -1.66
CAV Y01 M . 12.35 -22.87 -2.66
CBH Y01 M . 12.12 -23.58 -0.21
CAD Y01 M . 10.73 -22.95 -0.08
CAT Y01 M . 13.21 -22.53 0.11
CAR Y01 M . 13.20 -21.36 -0.87
CBC Y01 M . 13.36 -21.82 -2.31
OAW Y01 M . 13.12 -20.66 -3.17
CAY Y01 M . 13.34 -20.79 -4.47
OAG Y01 M . 14.12 -21.58 -4.94
CAM Y01 M . 12.48 -19.86 -5.29
CAL Y01 M . 13.16 -18.72 -5.99
CAX Y01 M . 13.71 -17.63 -5.08
OAH Y01 M . 12.91 -17.03 -4.33
OAF Y01 M . 14.93 -17.40 -5.11
CAA Y01 N . 2.29 -32.11 6.68
CBA Y01 N . 1.74 -30.71 6.88
CAB Y01 N . 0.58 -30.45 5.92
CAN Y01 N . 2.82 -29.65 6.71
CAJ Y01 N . 3.47 -29.59 5.36
CAO Y01 N . 4.35 -28.38 5.19
CBB Y01 N . 5.11 -28.30 3.86
CAC Y01 N . 5.27 -29.68 3.23
CBE Y01 N . 4.44 -27.28 2.92
CAP Y01 N . 3.19 -26.64 3.58
CAQ Y01 N . 3.22 -25.14 3.23
CBG Y01 N . 4.15 -25.09 2.03
CBI Y01 N . 5.27 -26.07 2.38
CAE Y01 N . 6.18 -25.55 3.50
CAU Y01 N . 6.07 -26.29 1.10
CAS Y01 N . 6.61 -24.96 0.53
CBF Y01 N . 5.50 -23.93 0.28
CBD Y01 N . 4.62 -23.74 1.52
CAK Y01 N . 3.41 -22.86 1.19
CAI Y01 N . 3.76 -21.72 0.30
CAZ Y01 N . 4.95 -21.52 -0.25
CAV Y01 N . 5.27 -20.23 -0.95
CBH Y01 N . 6.04 -22.58 -0.28
CAD Y01 N . 7.24 -22.07 0.55
CAT Y01 N . 6.47 -22.76 -1.76
CAR Y01 N . 6.77 -21.43 -2.48
CBC Y01 N . 5.61 -20.49 -2.40
OAW Y01 N . 5.97 -19.20 -3.01
CAY Y01 N . 5.01 -18.32 -3.31
OAG Y01 N . 3.93 -18.30 -2.80
CAM Y01 N . 5.45 -17.36 -4.37
CAL Y01 N . 4.38 -16.37 -4.81
CAX Y01 N . 4.83 -15.32 -5.81
OAH Y01 N . 5.74 -14.53 -5.47
OAF Y01 N . 4.29 -15.30 -6.94
C1 PLM O . -17.91 -12.05 38.24
O1 PLM O . -18.87 -11.41 37.80
O2 PLM O . -17.71 -12.27 39.45
C2 PLM O . -16.90 -12.61 37.24
C3 PLM O . -16.19 -11.57 36.43
C4 PLM O . -15.16 -12.17 35.49
C5 PLM O . -14.31 -11.14 34.79
C6 PLM O . -13.19 -11.73 33.95
C7 PLM O . -12.18 -10.71 33.48
C8 PLM O . -10.96 -11.31 32.85
C9 PLM O . -11.15 -11.81 31.44
CA PLM O . -11.28 -10.71 30.40
CB PLM O . -11.10 -11.17 28.98
CC PLM O . -10.95 -10.04 27.99
CD PLM O . -10.53 -10.48 26.61
CE PLM O . -10.26 -9.35 25.65
CF PLM O . -9.80 -9.77 24.29
CG PLM O . -9.54 -8.62 23.35
C1 PLM P . 12.58 -23.28 34.39
O1 PLM P . 11.42 -22.88 34.60
O2 PLM P . 13.07 -24.29 34.93
C2 PLM P . 13.45 -22.51 33.41
C3 PLM P . 12.80 -21.30 32.81
C4 PLM P . 13.75 -20.53 31.90
C5 PLM P . 14.26 -21.31 30.72
C6 PLM P . 13.25 -21.46 29.61
C7 PLM P . 13.01 -20.20 28.82
C8 PLM P . 14.24 -19.70 28.11
C9 PLM P . 14.01 -18.43 27.30
CA PLM P . 15.24 -17.94 26.58
CB PLM P . 15.04 -16.68 25.79
CC PLM P . 16.27 -16.21 25.07
CD PLM P . 16.08 -14.95 24.26
CE PLM P . 17.32 -14.52 23.50
CF PLM P . 17.13 -13.28 22.65
CG PLM P . 18.37 -12.88 21.89
C1 PLM Q . 11.19 -22.26 38.84
O1 PLM Q . 9.98 -21.98 38.78
O2 PLM Q . 11.64 -23.42 38.87
C2 PLM Q . 12.18 -21.11 38.89
C3 PLM Q . 12.15 -20.20 37.70
C4 PLM Q . 13.17 -19.09 37.77
C5 PLM Q . 13.20 -18.18 36.56
C6 PLM Q . 11.91 -17.44 36.33
C7 PLM Q . 11.89 -16.63 35.06
C8 PLM Q . 10.62 -15.85 34.84
C9 PLM Q . 10.54 -15.16 33.50
CA PLM Q . 10.63 -16.09 32.31
CB PLM Q . 10.50 -15.40 30.98
CC PLM Q . 11.55 -14.36 30.71
CD PLM Q . 11.38 -13.63 29.41
CE PLM Q . 12.45 -12.58 29.15
CF PLM Q . 12.28 -11.81 27.87
CG PLM Q . 13.40 -10.82 27.65
C1 PLM R . 2.84 -12.04 40.23
O1 PLM R . 2.37 -12.80 41.09
O2 PLM R . 2.38 -10.91 39.97
C2 PLM R . 4.04 -12.52 39.42
C3 PLM R . 4.50 -11.56 38.37
C4 PLM R . 5.72 -12.06 37.61
C5 PLM R . 6.18 -11.11 36.53
C6 PLM R . 7.40 -11.57 35.77
C7 PLM R . 7.81 -10.62 34.66
C8 PLM R . 6.74 -10.41 33.62
C9 PLM R . 6.93 -9.18 32.77
CA PLM R . 8.20 -9.17 31.95
CB PLM R . 8.33 -7.94 31.08
CC PLM R . 9.59 -7.88 30.25
CD PLM R . 9.72 -6.63 29.43
CE PLM R . 10.99 -6.53 28.62
CF PLM R . 11.18 -7.61 27.60
CG PLM R . 12.44 -7.44 26.78
C1 PLM S . 11.63 -47.29 21.14
O1 PLM S . 11.21 -48.46 21.26
O2 PLM S . 11.88 -46.56 22.11
C2 PLM S . 11.84 -46.74 19.74
C3 PLM S . 11.04 -45.51 19.44
C4 PLM S . 9.54 -45.74 19.56
C5 PLM S . 8.71 -44.50 19.31
C6 PLM S . 8.88 -43.91 17.93
C7 PLM S . 8.23 -42.56 17.76
C8 PLM S . 8.36 -41.97 16.37
C9 PLM S . 7.83 -40.58 16.26
CA PLM S . 7.78 -40.03 14.85
CB PLM S . 7.28 -38.62 14.75
CC PLM S . 7.00 -38.16 13.34
CD PLM S . 8.19 -38.16 12.42
CE PLM S . 7.88 -37.67 11.02
CF PLM S . 9.08 -37.61 10.11
CG PLM S . 8.74 -37.09 8.73
C1 PLM T . 10.09 6.72 21.94
O1 PLM T . 10.69 7.78 21.66
O2 PLM T . 9.19 6.24 21.23
C2 PLM T . 10.47 6.00 23.21
C3 PLM T . 11.14 4.68 23.03
C4 PLM T . 10.21 3.61 22.48
C5 PLM T . 9.08 3.24 23.41
C6 PLM T . 8.23 2.10 22.91
C7 PLM T . 7.19 1.60 23.89
C8 PLM T . 6.45 0.38 23.42
C9 PLM T . 5.47 -0.19 24.42
CA PLM T . 4.79 -1.44 23.93
CB PLM T . 3.77 -2.01 24.89
CC PLM T . 3.02 -3.20 24.34
CD PLM T . 1.92 -3.71 25.23
CE PLM T . 1.11 -4.83 24.64
CF PLM T . -0.02 -5.33 25.50
CG PLM T . -0.82 -6.44 24.86
#